data_9NR9
#
_entry.id   9NR9
#
_cell.length_a   1.00
_cell.length_b   1.00
_cell.length_c   1.00
_cell.angle_alpha   90.00
_cell.angle_beta   90.00
_cell.angle_gamma   90.00
#
_symmetry.space_group_name_H-M   'P 1'
#
loop_
_entity.id
_entity.type
_entity.pdbx_description
1 polymer 'Voltage-dependent calcium channel gamma-2 subunit'
2 polymer 'Glutamate receptor 1'
3 polymer 'Isoform 2 of Glutamate receptor 4'
4 non-polymer '{[7-morpholin-4-yl-2,3-dioxo-6-(trifluoromethyl)-3,4-dihydroquinoxalin-1(2H)-yl]methyl}phosphonic acid'
#
loop_
_entity_poly.entity_id
_entity_poly.type
_entity_poly.pdbx_seq_one_letter_code
_entity_poly.pdbx_strand_id
1 'polypeptide(L)'
;DRGVQMLLTTVGAFAAFSLMTIAVGTDYWLYSRGVCKTKSVSENETSKKNEEVMTHSGLWRTCCLEGNFKGLCKQIDHFP
EDADYEADTAEYFLRAVRASSIFPILSVILLFMGGLCIAASEFYKTRHNIILSAGIFFVSAGLSNIIGIIVYISANAGDP
SKSDSKKNSYSYGWSFYFGALSFIIAEMVGVLAVHMFIDRHKQL
;
F,H
2 'polypeptide(L)'
;RTYIVTTILEDPYVMLKKNANQFEGNDRYEGYCVELAAEIAKHVGYSYRLEIVSDGKYGARDPDTKAWNGMVGELVYGRA
DVAVAPLTITLVREEVIDFSKPFMSLGISIMIKKPQKSKPGVFSFLDPLAYEIWMCIVFAYIGVSVVLFLVSRFSPYEWH
SEEFEEGRDQTTSDQSNEFGIFNSLWFSLGAFMQQGCDISPRSLSGRIVGGVWWFFTLIIISSYTANLAAFLTVERMVSP
IESAEDLAKQTEIAYGTLEAGSTKEFFRRSKIAVFEKMWTYMKSAEPSVFVRTTEEGMIRVRKSKGKYAYLLESTMNEYI
EQRKPCDTMKVGGNLDSKGYGIATPKGSALRNPVNLAVLKLNEQGLLDKLKNKWWYDKGECGSGGGDSKDKTSALSLSNV
AGVFYILIGGLGLAMLVALIEFCYKSR
;
A,C
3 'polypeptide(L)'
;VVVTTIMESPYVMYKKNHEMFEGNDKYEGYCVDLASEIAKHIGIKYKIAIVPDGKYGARDADTKIWNGMVGELVYGKAEI
AIAPLTITLVREEVIDFSKPFMSLGISIMIKKPQKSKPGVFSFLDPLAYEIWMCIVFAYIGVSVVLFLVSRFSPYEWHTE
EPEDGKEGPSDQPPNEFGIFNSLWFSLGAFMQQGCDISPRSLSGRIVGGVWWFFTLIIISSYTANLAAFLTVERMVSPIE
SAEDLAKQTEIAYGTLDSGSTKEFFRRSKIAVYEKMWTYMRSAEPSVFTRTTAEGVARVRKSKGKFAFLLESTMNEYTEQ
RKPCDTMKVGGNLDSKGYGVATPKGSSLRTPVNLAVLKLSEAGVLDKLKNKWWYDKGECGPKDSGSKDKTSALSLSNVAG
VFYILVGGLGLAMLVALIEFCYKS
;
B,D
#
# COMPACT_ATOMS: atom_id res chain seq x y z
N ASP A 1 -31.84 -11.11 -58.39
CA ASP A 1 -30.43 -11.40 -58.14
C ASP A 1 -30.23 -12.84 -57.70
N ARG A 2 -30.31 -13.76 -58.66
CA ARG A 2 -30.19 -15.19 -58.40
C ARG A 2 -28.96 -15.80 -59.07
N GLY A 3 -28.81 -15.62 -60.38
CA GLY A 3 -27.61 -16.12 -61.06
C GLY A 3 -26.36 -15.39 -60.63
N VAL A 4 -26.47 -14.07 -60.44
CA VAL A 4 -25.33 -13.31 -59.92
C VAL A 4 -25.01 -13.74 -58.49
N GLN A 5 -26.02 -14.19 -57.73
CA GLN A 5 -25.75 -14.69 -56.39
C GLN A 5 -25.07 -16.06 -56.44
N MET A 6 -25.46 -16.91 -57.40
CA MET A 6 -24.71 -18.15 -57.64
C MET A 6 -23.26 -17.85 -57.95
N LEU A 7 -23.01 -16.87 -58.83
CA LEU A 7 -21.65 -16.48 -59.18
C LEU A 7 -20.90 -15.95 -57.97
N LEU A 8 -21.57 -15.14 -57.14
CA LEU A 8 -20.94 -14.61 -55.94
C LEU A 8 -20.56 -15.74 -54.97
N THR A 9 -21.44 -16.72 -54.81
CA THR A 9 -21.15 -17.83 -53.91
C THR A 9 -19.99 -18.67 -54.40
N THR A 10 -19.95 -18.99 -55.70
CA THR A 10 -18.84 -19.80 -56.18
C THR A 10 -17.53 -19.03 -56.21
N VAL A 11 -17.57 -17.72 -56.47
CA VAL A 11 -16.37 -16.89 -56.40
C VAL A 11 -15.88 -16.80 -54.96
N GLY A 12 -16.81 -16.69 -54.00
CA GLY A 12 -16.43 -16.68 -52.60
C GLY A 12 -15.81 -18.00 -52.15
N ALA A 13 -16.35 -19.11 -52.64
CA ALA A 13 -15.76 -20.41 -52.32
C ALA A 13 -14.35 -20.54 -52.90
N PHE A 14 -14.16 -20.09 -54.15
CA PHE A 14 -12.83 -20.14 -54.75
C PHE A 14 -11.85 -19.23 -54.01
N ALA A 15 -12.33 -18.06 -53.58
CA ALA A 15 -11.49 -17.16 -52.79
C ALA A 15 -11.14 -17.78 -51.44
N ALA A 16 -12.08 -18.50 -50.83
CA ALA A 16 -11.79 -19.20 -49.59
C ALA A 16 -10.73 -20.28 -49.79
N PHE A 17 -10.81 -21.00 -50.91
CA PHE A 17 -9.77 -21.98 -51.22
C PHE A 17 -8.41 -21.31 -51.40
N SER A 18 -8.38 -20.18 -52.11
CA SER A 18 -7.12 -19.47 -52.33
C SER A 18 -6.53 -18.97 -51.02
N LEU A 19 -7.37 -18.43 -50.14
CA LEU A 19 -6.90 -17.97 -48.84
C LEU A 19 -6.43 -19.13 -47.97
N MET A 20 -7.09 -20.28 -48.06
CA MET A 20 -6.64 -21.46 -47.31
C MET A 20 -5.27 -21.92 -47.80
N THR A 21 -5.07 -21.94 -49.13
CA THR A 21 -3.76 -22.32 -49.65
C THR A 21 -2.68 -21.32 -49.26
N ILE A 22 -3.03 -20.03 -49.27
CA ILE A 22 -2.07 -19.00 -48.85
C ILE A 22 -1.71 -19.17 -47.38
N ALA A 23 -2.72 -19.43 -46.54
CA ALA A 23 -2.48 -19.61 -45.11
C ALA A 23 -1.62 -20.83 -44.81
N VAL A 24 -1.89 -21.95 -45.49
CA VAL A 24 -1.08 -23.14 -45.25
C VAL A 24 0.30 -23.02 -45.92
N GLY A 25 0.46 -22.14 -46.90
CA GLY A 25 1.75 -21.87 -47.49
C GLY A 25 2.47 -20.68 -46.90
N THR A 26 1.96 -20.09 -45.83
CA THR A 26 2.55 -18.89 -45.25
C THR A 26 3.78 -19.25 -44.42
N ASP A 27 4.86 -18.49 -44.65
CA ASP A 27 6.06 -18.61 -43.82
C ASP A 27 6.18 -17.51 -42.78
N TYR A 28 5.60 -16.34 -43.04
CA TYR A 28 5.63 -15.22 -42.10
C TYR A 28 4.35 -15.19 -41.27
N TRP A 29 4.22 -16.20 -40.41
CA TRP A 29 3.02 -16.32 -39.59
C TRP A 29 2.94 -15.18 -38.57
N LEU A 30 4.05 -14.80 -37.96
CA LEU A 30 4.07 -13.73 -36.99
C LEU A 30 5.46 -13.11 -36.98
N TYR A 31 5.51 -11.79 -36.75
CA TYR A 31 6.77 -11.05 -36.72
C TYR A 31 7.27 -11.03 -35.29
N SER A 32 8.02 -12.05 -34.90
CA SER A 32 8.57 -12.20 -33.56
C SER A 32 10.07 -11.95 -33.61
N ARG A 33 10.55 -11.10 -32.70
CA ARG A 33 11.96 -10.78 -32.63
C ARG A 33 12.64 -11.63 -31.56
N GLY A 34 13.87 -12.06 -31.85
CA GLY A 34 14.58 -12.95 -30.97
C GLY A 34 15.95 -13.34 -31.49
N VAL A 35 16.37 -14.59 -31.23
CA VAL A 35 17.68 -15.08 -31.60
C VAL A 35 17.53 -16.22 -32.59
N CYS A 36 18.43 -16.27 -33.58
CA CYS A 36 18.43 -17.34 -34.56
C CYS A 36 19.40 -18.45 -34.17
N GLU A 51 20.74 -11.87 -28.00
CA GLU A 51 20.42 -10.87 -29.00
C GLU A 51 18.99 -11.04 -29.51
N GLU A 52 18.31 -9.91 -29.74
CA GLU A 52 16.93 -9.91 -30.22
C GLU A 52 16.87 -9.22 -31.59
N VAL A 53 16.61 -10.02 -32.63
CA VAL A 53 16.47 -9.52 -33.99
C VAL A 53 15.22 -10.12 -34.61
N MET A 54 14.68 -9.43 -35.62
CA MET A 54 13.41 -9.81 -36.20
C MET A 54 13.55 -11.12 -36.96
N THR A 55 12.63 -12.05 -36.69
CA THR A 55 12.59 -13.36 -37.33
C THR A 55 11.19 -13.62 -37.88
N HIS A 56 11.12 -14.29 -39.02
CA HIS A 56 9.84 -14.71 -39.60
C HIS A 56 9.48 -16.06 -39.02
N SER A 57 8.61 -16.06 -38.00
CA SER A 57 8.21 -17.30 -37.35
C SER A 57 7.32 -18.12 -38.28
N GLY A 58 7.65 -19.39 -38.42
CA GLY A 58 6.87 -20.29 -39.27
C GLY A 58 6.60 -21.60 -38.56
N LEU A 59 5.35 -22.09 -38.72
CA LEU A 59 4.98 -23.36 -38.11
C LEU A 59 5.74 -24.53 -38.74
N TRP A 60 5.92 -24.52 -40.05
CA TRP A 60 6.70 -25.57 -40.71
C TRP A 60 8.19 -25.24 -40.68
N ARG A 61 8.55 -24.00 -41.01
CA ARG A 61 9.95 -23.57 -41.01
C ARG A 61 10.02 -22.16 -40.43
N THR A 62 10.52 -22.05 -39.20
CA THR A 62 10.75 -20.76 -38.57
C THR A 62 12.14 -20.29 -38.97
N CYS A 63 12.20 -19.27 -39.83
CA CYS A 63 13.44 -18.91 -40.49
C CYS A 63 13.65 -17.41 -40.40
N CYS A 64 14.91 -16.99 -40.43
CA CYS A 64 15.28 -15.60 -40.26
C CYS A 64 15.57 -14.95 -41.61
N LEU A 65 15.44 -13.63 -41.65
CA LEU A 65 15.77 -12.83 -42.82
C LEU A 65 17.02 -11.99 -42.64
N GLU A 66 17.34 -11.57 -41.41
CA GLU A 66 18.52 -10.77 -41.13
C GLU A 66 19.39 -11.51 -40.14
N GLY A 67 20.70 -11.50 -40.39
CA GLY A 67 21.64 -12.19 -39.54
C GLY A 67 22.67 -13.00 -40.30
N ASN A 68 23.67 -13.51 -39.61
CA ASN A 68 24.73 -14.30 -40.22
C ASN A 68 24.36 -15.77 -40.36
N PHE A 69 23.21 -16.19 -39.85
CA PHE A 69 22.76 -17.58 -39.93
C PHE A 69 21.60 -17.75 -40.89
N LYS A 70 21.50 -16.87 -41.90
CA LYS A 70 20.44 -16.98 -42.89
C LYS A 70 20.70 -18.16 -43.82
N GLY A 71 19.67 -18.94 -44.07
CA GLY A 71 19.78 -20.10 -44.95
C GLY A 71 19.46 -21.40 -44.24
N LEU A 72 19.93 -21.54 -43.02
CA LEU A 72 19.67 -22.72 -42.19
C LEU A 72 18.73 -22.32 -41.06
N CYS A 73 17.68 -23.12 -40.87
CA CYS A 73 16.58 -22.77 -39.98
C CYS A 73 15.77 -24.02 -39.66
N LYS A 74 15.06 -23.96 -38.53
CA LYS A 74 14.40 -25.13 -37.97
C LYS A 74 13.10 -24.67 -37.32
N GLN A 75 12.12 -25.58 -37.26
CA GLN A 75 10.76 -25.23 -36.87
C GLN A 75 10.69 -24.91 -35.37
N ILE A 76 9.48 -24.58 -34.92
CA ILE A 76 9.26 -24.23 -33.52
C ILE A 76 9.45 -25.46 -32.63
N ASP A 77 8.82 -26.57 -32.99
CA ASP A 77 8.91 -27.79 -32.20
C ASP A 77 8.60 -29.02 -33.05
N THR A 89 -3.37 -32.27 -18.07
CA THR A 89 -4.69 -32.53 -18.62
C THR A 89 -5.17 -31.36 -19.47
N ALA A 90 -5.34 -30.20 -18.84
CA ALA A 90 -5.78 -28.99 -19.54
C ALA A 90 -4.67 -28.33 -20.33
N GLU A 91 -3.42 -28.77 -20.18
CA GLU A 91 -2.29 -28.21 -20.90
C GLU A 91 -1.70 -29.16 -21.92
N TYR A 92 -1.75 -30.48 -21.68
CA TYR A 92 -1.19 -31.44 -22.61
C TYR A 92 -1.98 -31.48 -23.92
N PHE A 93 -3.31 -31.45 -23.82
CA PHE A 93 -4.15 -31.55 -25.02
C PHE A 93 -3.97 -30.34 -25.93
N LEU A 94 -3.91 -29.13 -25.34
CA LEU A 94 -3.75 -27.92 -26.14
C LEU A 94 -2.41 -27.89 -26.84
N ARG A 95 -1.34 -28.25 -26.12
CA ARG A 95 -0.01 -28.31 -26.71
C ARG A 95 0.04 -29.37 -27.81
N ALA A 96 -0.59 -30.52 -27.59
CA ALA A 96 -0.60 -31.58 -28.60
C ALA A 96 -1.33 -31.15 -29.86
N VAL A 97 -2.50 -30.52 -29.73
CA VAL A 97 -3.24 -30.11 -30.91
C VAL A 97 -2.61 -28.90 -31.58
N ARG A 98 -1.81 -28.11 -30.86
CA ARG A 98 -1.07 -27.04 -31.51
C ARG A 98 0.13 -27.59 -32.27
N ALA A 99 0.82 -28.58 -31.70
CA ALA A 99 1.97 -29.17 -32.39
C ALA A 99 1.54 -29.97 -33.61
N SER A 100 0.46 -30.73 -33.49
CA SER A 100 -0.02 -31.52 -34.63
C SER A 100 -0.64 -30.63 -35.70
N SER A 101 -1.18 -29.48 -35.31
CA SER A 101 -1.81 -28.50 -36.21
C SER A 101 -2.95 -29.15 -37.00
N ILE A 102 -3.94 -29.67 -36.25
CA ILE A 102 -5.11 -30.24 -36.88
C ILE A 102 -6.06 -29.19 -37.42
N PHE A 103 -5.93 -27.94 -36.97
CA PHE A 103 -6.85 -26.89 -37.42
C PHE A 103 -6.75 -26.59 -38.91
N PRO A 104 -5.55 -26.41 -39.51
CA PRO A 104 -5.53 -26.25 -40.99
C PRO A 104 -6.09 -27.44 -41.73
N ILE A 105 -5.88 -28.66 -41.22
CA ILE A 105 -6.40 -29.86 -41.87
C ILE A 105 -7.92 -29.85 -41.84
N LEU A 106 -8.50 -29.54 -40.68
CA LEU A 106 -9.96 -29.46 -40.58
C LEU A 106 -10.51 -28.35 -41.47
N SER A 107 -9.83 -27.21 -41.51
CA SER A 107 -10.30 -26.09 -42.33
C SER A 107 -10.32 -26.47 -43.81
N VAL A 108 -9.21 -27.04 -44.31
CA VAL A 108 -9.16 -27.39 -45.72
C VAL A 108 -10.12 -28.53 -46.04
N ILE A 109 -10.31 -29.49 -45.11
CA ILE A 109 -11.21 -30.61 -45.38
C ILE A 109 -12.66 -30.12 -45.47
N LEU A 110 -13.10 -29.31 -44.51
CA LEU A 110 -14.48 -28.83 -44.54
C LEU A 110 -14.70 -27.85 -45.69
N LEU A 111 -13.71 -27.01 -46.01
CA LEU A 111 -13.85 -26.12 -47.15
C LEU A 111 -13.94 -26.89 -48.46
N PHE A 112 -13.12 -27.95 -48.61
CA PHE A 112 -13.18 -28.77 -49.81
C PHE A 112 -14.51 -29.50 -49.90
N MET A 113 -15.03 -29.99 -48.78
CA MET A 113 -16.34 -30.65 -48.79
C MET A 113 -17.44 -29.68 -49.21
N GLY A 114 -17.43 -28.46 -48.67
CA GLY A 114 -18.42 -27.48 -49.06
C GLY A 114 -18.31 -27.08 -50.52
N GLY A 115 -17.08 -26.92 -51.01
CA GLY A 115 -16.88 -26.58 -52.40
C GLY A 115 -17.32 -27.69 -53.35
N LEU A 116 -17.03 -28.94 -53.00
CA LEU A 116 -17.51 -30.06 -53.80
C LEU A 116 -19.03 -30.13 -53.78
N CYS A 117 -19.64 -29.84 -52.64
CA CYS A 117 -21.10 -29.85 -52.54
C CYS A 117 -21.72 -28.77 -53.42
N ILE A 118 -21.18 -27.55 -53.38
CA ILE A 118 -21.74 -26.49 -54.22
C ILE A 118 -21.45 -26.74 -55.69
N ALA A 119 -20.31 -27.36 -56.02
CA ALA A 119 -20.03 -27.71 -57.41
C ALA A 119 -21.00 -28.77 -57.91
N ALA A 120 -21.31 -29.76 -57.08
CA ALA A 120 -22.29 -30.78 -57.46
C ALA A 120 -23.69 -30.16 -57.57
N SER A 121 -24.03 -29.21 -56.71
CA SER A 121 -25.31 -28.53 -56.80
C SER A 121 -25.40 -27.72 -58.09
N GLU A 122 -24.30 -27.09 -58.48
CA GLU A 122 -24.27 -26.40 -59.78
C GLU A 122 -24.36 -27.40 -60.93
N PHE A 123 -23.80 -28.61 -60.76
CA PHE A 123 -23.87 -29.62 -61.80
C PHE A 123 -25.28 -30.18 -61.94
N TYR A 124 -25.81 -30.79 -60.88
CA TYR A 124 -27.18 -31.28 -60.86
C TYR A 124 -27.99 -30.47 -59.87
N LYS A 125 -29.12 -29.95 -60.33
CA LYS A 125 -29.95 -29.03 -59.55
C LYS A 125 -31.15 -29.73 -58.90
N THR A 126 -31.43 -30.98 -59.26
CA THR A 126 -32.64 -31.65 -58.78
C THR A 126 -32.61 -31.94 -57.28
N ARG A 127 -31.44 -31.93 -56.65
CA ARG A 127 -31.34 -32.15 -55.21
C ARG A 127 -31.33 -30.82 -54.48
N HIS A 128 -31.97 -30.78 -53.31
CA HIS A 128 -32.09 -29.56 -52.54
C HIS A 128 -31.47 -29.64 -51.14
N ASN A 129 -31.18 -30.83 -50.64
CA ASN A 129 -30.52 -30.95 -49.34
C ASN A 129 -29.02 -30.68 -49.43
N ILE A 130 -28.44 -30.73 -50.64
CA ILE A 130 -27.00 -30.57 -50.79
C ILE A 130 -26.57 -29.14 -50.46
N ILE A 131 -27.40 -28.15 -50.79
CA ILE A 131 -27.04 -26.76 -50.52
C ILE A 131 -27.18 -26.41 -49.05
N LEU A 132 -28.19 -26.97 -48.37
CA LEU A 132 -28.25 -26.86 -46.92
C LEU A 132 -27.06 -27.54 -46.26
N SER A 133 -26.68 -28.71 -46.78
CA SER A 133 -25.49 -29.39 -46.30
C SER A 133 -24.24 -28.53 -46.50
N ALA A 134 -24.13 -27.89 -47.66
CA ALA A 134 -22.99 -27.05 -47.97
C ALA A 134 -22.92 -25.86 -47.02
N GLY A 135 -24.07 -25.29 -46.67
CA GLY A 135 -24.09 -24.30 -45.61
C GLY A 135 -23.61 -24.85 -44.28
N ILE A 136 -23.94 -26.12 -44.00
CA ILE A 136 -23.45 -26.76 -42.77
C ILE A 136 -21.92 -26.89 -42.78
N PHE A 137 -21.34 -27.32 -43.91
CA PHE A 137 -19.88 -27.35 -43.95
C PHE A 137 -19.27 -25.95 -43.91
N PHE A 138 -19.96 -24.95 -44.46
CA PHE A 138 -19.44 -23.58 -44.37
C PHE A 138 -19.38 -23.10 -42.92
N VAL A 139 -20.47 -23.31 -42.17
CA VAL A 139 -20.46 -22.85 -40.77
C VAL A 139 -19.51 -23.71 -39.93
N SER A 140 -19.36 -25.00 -40.25
CA SER A 140 -18.40 -25.80 -39.50
C SER A 140 -16.96 -25.46 -39.86
N ALA A 141 -16.71 -25.01 -41.09
CA ALA A 141 -15.38 -24.52 -41.44
C ALA A 141 -15.08 -23.21 -40.72
N GLY A 142 -16.08 -22.35 -40.57
CA GLY A 142 -15.92 -21.18 -39.71
C GLY A 142 -15.62 -21.57 -38.27
N LEU A 143 -16.32 -22.60 -37.77
CA LEU A 143 -16.04 -23.16 -36.45
C LEU A 143 -14.58 -23.60 -36.35
N SER A 144 -14.11 -24.36 -37.35
CA SER A 144 -12.77 -24.93 -37.32
C SER A 144 -11.69 -23.85 -37.38
N ASN A 145 -11.84 -22.88 -38.28
CA ASN A 145 -10.76 -21.90 -38.38
C ASN A 145 -10.81 -20.89 -37.23
N ILE A 146 -11.99 -20.64 -36.64
CA ILE A 146 -12.01 -19.76 -35.47
C ILE A 146 -11.42 -20.46 -34.25
N ILE A 147 -11.64 -21.77 -34.10
CA ILE A 147 -11.01 -22.44 -32.97
C ILE A 147 -9.51 -22.59 -33.21
N GLY A 148 -9.09 -22.74 -34.47
CA GLY A 148 -7.68 -22.72 -34.78
C GLY A 148 -7.03 -21.39 -34.47
N ILE A 149 -7.72 -20.30 -34.80
CA ILE A 149 -7.20 -18.96 -34.49
C ILE A 149 -7.06 -18.80 -32.98
N ILE A 150 -8.09 -19.17 -32.22
CA ILE A 150 -8.05 -18.94 -30.78
C ILE A 150 -6.99 -19.81 -30.12
N VAL A 151 -6.82 -21.06 -30.59
CA VAL A 151 -5.81 -21.92 -29.99
C VAL A 151 -4.41 -21.45 -30.36
N TYR A 152 -4.22 -20.93 -31.57
CA TYR A 152 -2.90 -20.43 -31.95
C TYR A 152 -2.52 -19.19 -31.16
N ILE A 153 -3.48 -18.27 -30.96
CA ILE A 153 -3.17 -17.06 -30.22
C ILE A 153 -2.93 -17.38 -28.75
N SER A 154 -3.72 -18.31 -28.18
CA SER A 154 -3.47 -18.70 -26.79
C SER A 154 -2.15 -19.44 -26.64
N ALA A 155 -1.73 -20.18 -27.66
CA ALA A 155 -0.47 -20.91 -27.58
C ALA A 155 0.73 -19.97 -27.67
N ASN A 156 0.71 -19.04 -28.63
CA ASN A 156 1.87 -18.18 -28.81
C ASN A 156 1.86 -16.94 -27.92
N ALA A 157 0.76 -16.67 -27.22
CA ALA A 157 0.72 -15.56 -26.27
C ALA A 157 1.19 -15.95 -24.88
N GLY A 158 1.42 -17.24 -24.62
CA GLY A 158 1.83 -17.68 -23.31
C GLY A 158 3.34 -17.75 -23.11
N ASP A 159 3.99 -16.59 -23.07
CA ASP A 159 5.43 -16.50 -22.85
C ASP A 159 5.70 -15.52 -21.72
N PRO A 160 5.53 -15.95 -20.48
CA PRO A 160 5.74 -15.05 -19.33
C PRO A 160 7.16 -15.04 -18.77
N SER A 161 8.11 -15.75 -19.39
CA SER A 161 9.46 -15.77 -18.88
C SER A 161 10.14 -14.41 -19.00
N LYS A 162 9.91 -13.71 -20.12
CA LYS A 162 10.51 -12.40 -20.33
C LYS A 162 9.66 -11.31 -19.69
N LYS A 166 11.56 -9.12 -23.67
CA LYS A 166 10.80 -8.85 -24.89
C LYS A 166 9.91 -7.63 -24.73
N LYS A 167 10.49 -6.45 -24.84
CA LYS A 167 9.72 -5.21 -24.70
C LYS A 167 8.75 -5.04 -25.85
N ASN A 168 9.16 -5.34 -27.08
CA ASN A 168 8.33 -5.21 -28.27
C ASN A 168 7.97 -6.59 -28.79
N SER A 169 6.68 -6.84 -28.96
CA SER A 169 6.19 -8.13 -29.42
C SER A 169 4.95 -7.89 -30.28
N TYR A 170 4.19 -8.95 -30.52
CA TYR A 170 2.96 -8.93 -31.33
C TYR A 170 3.35 -8.48 -32.73
N SER A 171 2.74 -7.42 -33.27
CA SER A 171 2.97 -6.96 -34.65
C SER A 171 2.71 -8.09 -35.64
N TYR A 172 1.45 -8.53 -35.66
CA TYR A 172 1.07 -9.75 -36.34
C TYR A 172 1.18 -9.62 -37.86
N GLY A 173 1.48 -10.74 -38.51
CA GLY A 173 1.60 -10.77 -39.95
C GLY A 173 0.24 -10.76 -40.65
N TRP A 174 0.32 -10.74 -41.99
CA TRP A 174 -0.88 -10.68 -42.81
C TRP A 174 -1.62 -12.01 -42.88
N SER A 175 -1.03 -13.10 -42.36
CA SER A 175 -1.71 -14.39 -42.37
C SER A 175 -2.97 -14.36 -41.52
N PHE A 176 -2.92 -13.67 -40.37
CA PHE A 176 -4.11 -13.52 -39.55
C PHE A 176 -5.20 -12.73 -40.27
N TYR A 177 -4.79 -11.70 -41.01
CA TYR A 177 -5.76 -10.92 -41.80
C TYR A 177 -6.40 -11.77 -42.88
N PHE A 178 -5.60 -12.61 -43.56
CA PHE A 178 -6.16 -13.49 -44.58
C PHE A 178 -7.08 -14.54 -43.97
N GLY A 179 -6.74 -15.04 -42.79
CA GLY A 179 -7.62 -15.97 -42.10
C GLY A 179 -8.93 -15.32 -41.70
N ALA A 180 -8.88 -14.06 -41.24
CA ALA A 180 -10.10 -13.33 -40.93
C ALA A 180 -10.95 -13.08 -42.17
N LEU A 181 -10.31 -12.77 -43.29
CA LEU A 181 -11.03 -12.62 -44.55
C LEU A 181 -11.69 -13.92 -44.97
N SER A 182 -10.98 -15.04 -44.80
CA SER A 182 -11.57 -16.35 -45.09
C SER A 182 -12.76 -16.63 -44.19
N PHE A 183 -12.65 -16.28 -42.90
CA PHE A 183 -13.75 -16.50 -41.97
C PHE A 183 -14.98 -15.67 -42.36
N ILE A 184 -14.78 -14.40 -42.69
CA ILE A 184 -15.93 -13.56 -43.00
C ILE A 184 -16.55 -13.96 -44.34
N ILE A 185 -15.73 -14.34 -45.33
CA ILE A 185 -16.32 -14.75 -46.60
C ILE A 185 -17.03 -16.09 -46.44
N ALA A 186 -16.52 -16.97 -45.56
CA ALA A 186 -17.21 -18.23 -45.28
C ALA A 186 -18.54 -18.00 -44.60
N GLU A 187 -18.60 -17.09 -43.63
CA GLU A 187 -19.88 -16.87 -42.94
C GLU A 187 -20.89 -16.20 -43.87
N MET A 188 -20.43 -15.31 -44.77
CA MET A 188 -21.40 -14.66 -45.65
C MET A 188 -21.90 -15.62 -46.73
N VAL A 189 -21.03 -16.47 -47.28
CA VAL A 189 -21.54 -17.48 -48.21
C VAL A 189 -22.44 -18.46 -47.48
N GLY A 190 -22.16 -18.75 -46.19
CA GLY A 190 -23.03 -19.64 -45.44
C GLY A 190 -24.42 -19.07 -45.23
N VAL A 191 -24.51 -17.80 -44.80
CA VAL A 191 -25.82 -17.21 -44.57
C VAL A 191 -26.58 -17.05 -45.89
N LEU A 192 -25.88 -16.68 -46.97
CA LEU A 192 -26.54 -16.53 -48.26
C LEU A 192 -27.05 -17.88 -48.76
N ALA A 193 -26.24 -18.93 -48.62
CA ALA A 193 -26.65 -20.26 -49.05
C ALA A 193 -27.83 -20.78 -48.25
N VAL A 194 -27.83 -20.56 -46.93
CA VAL A 194 -28.96 -21.01 -46.11
C VAL A 194 -30.24 -20.25 -46.47
N HIS A 195 -30.13 -18.92 -46.62
CA HIS A 195 -31.29 -18.10 -46.93
C HIS A 195 -31.92 -18.50 -48.26
N MET A 196 -31.11 -18.61 -49.32
CA MET A 196 -31.73 -19.00 -50.57
C MET A 196 -31.96 -20.50 -50.69
N PHE A 197 -31.41 -21.33 -49.79
CA PHE A 197 -31.88 -22.70 -49.69
C PHE A 197 -33.32 -22.74 -49.21
N ILE A 198 -33.60 -21.97 -48.15
CA ILE A 198 -34.97 -21.87 -47.65
C ILE A 198 -35.88 -21.29 -48.73
N ASP A 199 -35.38 -20.31 -49.48
CA ASP A 199 -36.16 -19.75 -50.59
C ASP A 199 -36.49 -20.80 -51.65
N ARG A 200 -35.45 -21.40 -52.26
CA ARG A 200 -35.64 -22.37 -53.33
C ARG A 200 -36.41 -23.61 -52.87
N HIS A 201 -36.40 -23.92 -51.57
CA HIS A 201 -37.32 -24.93 -51.07
C HIS A 201 -38.74 -24.38 -50.95
N LYS A 202 -38.88 -23.08 -50.69
CA LYS A 202 -40.22 -22.50 -50.54
C LYS A 202 -40.97 -22.46 -51.89
N GLN A 203 -40.33 -21.95 -52.94
CA GLN A 203 -41.08 -21.90 -54.21
C GLN A 203 -41.12 -23.24 -54.91
N LEU A 204 -40.39 -24.25 -54.43
CA LEU A 204 -40.49 -25.59 -55.00
C LEU A 204 -41.85 -26.21 -54.68
N ARG B 2 -66.94 -7.34 -3.57
CA ARG B 2 -67.92 -6.26 -3.65
C ARG B 2 -67.81 -5.34 -2.44
N GLY B 3 -68.81 -5.40 -1.55
CA GLY B 3 -68.80 -4.58 -0.35
C GLY B 3 -67.81 -5.03 0.69
N VAL B 4 -67.36 -6.28 0.63
CA VAL B 4 -66.37 -6.78 1.58
C VAL B 4 -65.05 -6.04 1.39
N GLN B 5 -64.65 -5.79 0.14
CA GLN B 5 -63.44 -5.02 -0.11
C GLN B 5 -63.64 -3.54 0.26
N MET B 6 -64.86 -3.02 0.14
CA MET B 6 -65.14 -1.68 0.62
C MET B 6 -64.92 -1.58 2.13
N LEU B 7 -65.43 -2.56 2.88
CA LEU B 7 -65.20 -2.59 4.32
C LEU B 7 -63.72 -2.78 4.63
N LEU B 8 -63.03 -3.61 3.84
CA LEU B 8 -61.61 -3.85 4.05
C LEU B 8 -60.79 -2.57 3.86
N THR B 9 -61.07 -1.83 2.79
CA THR B 9 -60.29 -0.60 2.56
C THR B 9 -60.71 0.50 3.53
N THR B 10 -61.97 0.51 4.00
CA THR B 10 -62.39 1.49 4.99
C THR B 10 -61.69 1.25 6.33
N VAL B 11 -61.67 0.00 6.78
CA VAL B 11 -60.98 -0.30 8.04
C VAL B 11 -59.47 -0.16 7.88
N GLY B 12 -58.95 -0.40 6.68
CA GLY B 12 -57.53 -0.15 6.44
C GLY B 12 -57.18 1.32 6.52
N ALA B 13 -58.04 2.18 5.97
CA ALA B 13 -57.83 3.63 6.07
C ALA B 13 -57.94 4.09 7.52
N PHE B 14 -58.93 3.56 8.27
CA PHE B 14 -59.07 3.94 9.67
C PHE B 14 -57.85 3.51 10.50
N ALA B 15 -57.36 2.28 10.26
CA ALA B 15 -56.14 1.84 10.91
C ALA B 15 -54.95 2.68 10.49
N ALA B 16 -54.93 3.14 9.24
CA ALA B 16 -53.87 4.03 8.78
C ALA B 16 -53.92 5.36 9.53
N PHE B 17 -55.11 5.91 9.75
CA PHE B 17 -55.22 7.16 10.51
C PHE B 17 -54.78 6.99 11.95
N SER B 18 -55.20 5.89 12.60
CA SER B 18 -54.79 5.65 13.98
C SER B 18 -53.29 5.42 14.07
N LEU B 19 -52.73 4.69 13.11
CA LEU B 19 -51.30 4.41 13.12
C LEU B 19 -50.51 5.68 12.82
N MET B 20 -51.06 6.54 11.96
CA MET B 20 -50.49 7.85 11.69
C MET B 20 -50.46 8.72 12.95
N THR B 21 -51.56 8.76 13.70
CA THR B 21 -51.58 9.65 14.85
C THR B 21 -50.73 9.13 15.99
N ILE B 22 -50.60 7.80 16.13
CA ILE B 22 -49.65 7.30 17.11
C ILE B 22 -48.21 7.42 16.61
N ALA B 23 -48.00 7.57 15.30
CA ALA B 23 -46.66 7.89 14.79
C ALA B 23 -46.30 9.34 15.07
N VAL B 24 -47.25 10.26 14.90
CA VAL B 24 -47.01 11.68 15.09
C VAL B 24 -47.37 12.08 16.52
N GLY B 25 -47.53 11.08 17.38
CA GLY B 25 -47.80 11.32 18.79
C GLY B 25 -46.53 11.36 19.62
N THR B 26 -46.27 10.28 20.36
CA THR B 26 -45.12 10.24 21.26
C THR B 26 -43.80 10.31 20.48
N ASP B 27 -42.79 10.85 21.14
CA ASP B 27 -41.47 11.05 20.53
C ASP B 27 -40.54 9.90 20.93
N TYR B 28 -40.85 8.72 20.41
CA TYR B 28 -40.07 7.51 20.69
C TYR B 28 -39.47 6.99 19.39
N TRP B 29 -38.88 7.87 18.59
CA TRP B 29 -38.45 7.50 17.24
C TRP B 29 -37.11 6.77 17.25
N LEU B 30 -36.06 7.43 17.73
CA LEU B 30 -34.70 6.91 17.63
C LEU B 30 -34.07 6.86 19.02
N TYR B 31 -33.30 5.80 19.26
CA TYR B 31 -32.52 5.63 20.48
C TYR B 31 -31.05 5.85 20.16
N SER B 32 -30.40 6.73 20.93
CA SER B 32 -29.00 7.06 20.70
C SER B 32 -28.29 7.19 22.04
N ARG B 33 -26.97 6.98 22.01
CA ARG B 33 -26.12 7.12 23.19
C ARG B 33 -25.53 8.52 23.27
N GLY B 34 -26.40 9.53 23.24
CA GLY B 34 -25.98 10.92 23.25
C GLY B 34 -25.59 11.40 24.63
N VAL B 35 -25.73 12.71 24.85
CA VAL B 35 -25.40 13.35 26.12
C VAL B 35 -26.62 14.15 26.59
N CYS B 36 -27.03 13.92 27.83
CA CYS B 36 -28.14 14.66 28.41
C CYS B 36 -27.75 16.10 28.70
N GLU B 51 -19.97 11.38 27.84
CA GLU B 51 -20.63 10.22 28.43
C GLU B 51 -21.69 9.65 27.50
N GLU B 52 -21.66 8.34 27.30
CA GLU B 52 -22.62 7.66 26.44
C GLU B 52 -23.83 7.25 27.27
N VAL B 53 -24.73 8.22 27.47
CA VAL B 53 -25.98 7.99 28.18
C VAL B 53 -27.10 7.82 27.15
N MET B 54 -28.05 6.94 27.46
CA MET B 54 -29.07 6.53 26.49
C MET B 54 -30.25 7.50 26.61
N THR B 55 -30.57 8.16 25.50
CA THR B 55 -31.70 9.06 25.42
C THR B 55 -32.59 8.65 24.25
N HIS B 56 -33.88 8.94 24.38
CA HIS B 56 -34.85 8.65 23.32
C HIS B 56 -35.19 9.95 22.60
N SER B 57 -34.96 9.98 21.30
CA SER B 57 -35.14 11.18 20.49
C SER B 57 -36.32 11.00 19.54
N GLY B 58 -37.08 12.08 19.36
CA GLY B 58 -38.20 12.07 18.45
C GLY B 58 -38.05 13.10 17.35
N LEU B 59 -39.02 14.01 17.23
CA LEU B 59 -38.98 15.06 16.22
C LEU B 59 -38.85 16.46 16.82
N TRP B 60 -39.73 16.82 17.76
CA TRP B 60 -39.74 18.16 18.33
C TRP B 60 -39.20 18.24 19.76
N ARG B 61 -38.97 17.10 20.41
CA ARG B 61 -38.54 17.13 21.80
C ARG B 61 -37.78 15.84 22.11
N THR B 62 -36.81 15.94 23.02
CA THR B 62 -35.99 14.80 23.42
C THR B 62 -35.72 14.90 24.92
N CYS B 63 -35.98 13.80 25.63
CA CYS B 63 -35.75 13.72 27.06
C CYS B 63 -34.86 12.52 27.37
N CYS B 64 -34.50 12.36 28.64
CA CYS B 64 -33.62 11.30 29.08
C CYS B 64 -34.41 10.30 29.91
N LEU B 65 -34.26 9.02 29.58
CA LEU B 65 -35.00 7.95 30.24
C LEU B 65 -34.28 7.40 31.46
N GLU B 66 -32.95 7.59 31.55
CA GLU B 66 -32.19 7.20 32.73
C GLU B 66 -31.05 8.18 32.94
N GLY B 67 -30.59 8.27 34.18
CA GLY B 67 -29.49 9.14 34.55
C GLY B 67 -29.89 10.10 35.66
N ASN B 68 -28.94 10.99 36.00
CA ASN B 68 -29.16 11.97 37.05
C ASN B 68 -30.12 13.08 36.63
N PHE B 69 -30.33 13.26 35.32
CA PHE B 69 -31.22 14.29 34.81
C PHE B 69 -32.61 13.75 34.49
N LYS B 70 -33.13 12.85 35.33
CA LYS B 70 -34.46 12.31 35.12
C LYS B 70 -35.51 13.39 35.34
N GLY B 71 -36.48 13.45 34.42
CA GLY B 71 -37.52 14.44 34.47
C GLY B 71 -37.19 15.75 33.79
N LEU B 72 -35.91 15.99 33.47
CA LEU B 72 -35.48 17.21 32.81
C LEU B 72 -35.53 16.98 31.30
N CYS B 73 -36.53 17.55 30.66
CA CYS B 73 -36.73 17.41 29.22
C CYS B 73 -36.50 18.76 28.55
N LYS B 74 -35.86 18.72 27.37
CA LYS B 74 -35.47 19.93 26.67
C LYS B 74 -35.94 19.88 25.23
N GLN B 75 -36.21 21.05 24.67
CA GLN B 75 -36.61 21.14 23.27
C GLN B 75 -35.41 20.91 22.36
N ILE B 76 -35.70 20.47 21.13
CA ILE B 76 -34.68 20.23 20.13
C ILE B 76 -35.10 20.90 18.83
N ASP B 77 -34.12 21.08 17.95
CA ASP B 77 -34.33 21.63 16.62
C ASP B 77 -33.60 20.76 15.60
N HIS B 78 -33.63 21.19 14.35
CA HIS B 78 -33.09 20.48 13.17
C HIS B 78 -33.32 18.97 13.18
N THR B 89 -26.11 25.24 -1.13
CA THR B 89 -27.46 25.58 -1.56
C THR B 89 -28.41 24.42 -1.36
N ALA B 90 -28.03 23.24 -1.88
CA ALA B 90 -28.87 22.06 -1.71
C ALA B 90 -28.90 21.60 -0.26
N GLU B 91 -27.74 21.60 0.42
CA GLU B 91 -27.68 21.16 1.80
C GLU B 91 -28.50 22.06 2.71
N TYR B 92 -28.53 23.37 2.40
CA TYR B 92 -29.38 24.29 3.15
C TYR B 92 -30.86 23.92 2.96
N PHE B 93 -31.26 23.55 1.74
CA PHE B 93 -32.64 23.15 1.50
C PHE B 93 -32.99 21.89 2.26
N LEU B 94 -32.09 20.90 2.26
CA LEU B 94 -32.35 19.65 2.98
C LEU B 94 -32.44 19.88 4.48
N ARG B 95 -31.54 20.70 5.05
CA ARG B 95 -31.61 20.92 6.49
C ARG B 95 -32.82 21.77 6.87
N ALA B 96 -33.23 22.71 6.00
CA ALA B 96 -34.45 23.46 6.25
C ALA B 96 -35.68 22.57 6.21
N VAL B 97 -35.73 21.63 5.27
CA VAL B 97 -36.84 20.68 5.22
C VAL B 97 -36.84 19.79 6.46
N ARG B 98 -35.65 19.33 6.89
CA ARG B 98 -35.57 18.48 8.07
C ARG B 98 -36.00 19.21 9.33
N ALA B 99 -35.61 20.48 9.46
CA ALA B 99 -35.98 21.26 10.65
C ALA B 99 -37.47 21.62 10.63
N SER B 100 -37.99 22.06 9.49
CA SER B 100 -39.38 22.48 9.42
C SER B 100 -40.33 21.29 9.42
N SER B 101 -39.90 20.16 8.83
CA SER B 101 -40.71 18.94 8.72
C SER B 101 -42.04 19.22 8.01
N ILE B 102 -41.95 19.84 6.83
CA ILE B 102 -43.15 20.08 6.04
C ILE B 102 -43.63 18.81 5.36
N PHE B 103 -42.72 17.86 5.13
CA PHE B 103 -43.08 16.60 4.48
C PHE B 103 -44.09 15.77 5.30
N PRO B 104 -43.90 15.51 6.60
CA PRO B 104 -44.96 14.82 7.34
C PRO B 104 -46.25 15.62 7.43
N ILE B 105 -46.17 16.96 7.47
CA ILE B 105 -47.39 17.77 7.55
C ILE B 105 -48.21 17.60 6.28
N LEU B 106 -47.57 17.70 5.11
CA LEU B 106 -48.30 17.49 3.87
C LEU B 106 -48.76 16.04 3.74
N SER B 107 -47.97 15.09 4.26
CA SER B 107 -48.39 13.68 4.22
C SER B 107 -49.66 13.45 5.01
N VAL B 108 -49.72 13.97 6.24
CA VAL B 108 -50.90 13.73 7.08
C VAL B 108 -52.10 14.52 6.57
N ILE B 109 -51.88 15.73 6.03
CA ILE B 109 -52.99 16.48 5.43
C ILE B 109 -53.53 15.74 4.20
N LEU B 110 -52.64 15.20 3.38
CA LEU B 110 -53.03 14.43 2.20
C LEU B 110 -53.80 13.17 2.59
N LEU B 111 -53.35 12.49 3.64
CA LEU B 111 -54.06 11.30 4.13
C LEU B 111 -55.44 11.65 4.67
N PHE B 112 -55.55 12.76 5.40
CA PHE B 112 -56.85 13.18 5.93
C PHE B 112 -57.82 13.56 4.80
N MET B 113 -57.32 14.26 3.78
CA MET B 113 -58.15 14.55 2.62
C MET B 113 -58.58 13.28 1.90
N GLY B 114 -57.68 12.30 1.78
CA GLY B 114 -58.06 11.04 1.17
C GLY B 114 -59.12 10.31 1.97
N GLY B 115 -59.01 10.35 3.30
CA GLY B 115 -60.04 9.75 4.13
C GLY B 115 -61.38 10.44 4.02
N LEU B 116 -61.39 11.77 3.95
CA LEU B 116 -62.64 12.48 3.70
C LEU B 116 -63.22 12.15 2.33
N CYS B 117 -62.37 11.99 1.32
CA CYS B 117 -62.86 11.61 -0.01
C CYS B 117 -63.47 10.22 -0.01
N ILE B 118 -62.84 9.25 0.68
CA ILE B 118 -63.44 7.92 0.70
C ILE B 118 -64.70 7.90 1.56
N ALA B 119 -64.78 8.75 2.58
CA ALA B 119 -66.02 8.87 3.35
C ALA B 119 -67.14 9.43 2.48
N ALA B 120 -66.83 10.44 1.66
CA ALA B 120 -67.82 10.96 0.72
C ALA B 120 -68.21 9.91 -0.32
N SER B 121 -67.24 9.12 -0.77
CA SER B 121 -67.52 8.07 -1.76
C SER B 121 -68.45 7.00 -1.19
N GLU B 122 -68.20 6.58 0.05
CA GLU B 122 -69.08 5.60 0.68
C GLU B 122 -70.40 6.23 1.13
N PHE B 123 -70.47 7.56 1.22
CA PHE B 123 -71.72 8.25 1.51
C PHE B 123 -72.47 8.62 0.22
N TYR B 124 -71.77 9.19 -0.75
CA TYR B 124 -72.35 9.59 -2.02
C TYR B 124 -71.97 8.56 -3.07
N LYS B 125 -72.92 7.69 -3.43
CA LYS B 125 -72.66 6.63 -4.39
C LYS B 125 -72.74 7.11 -5.84
N THR B 126 -73.30 8.30 -6.09
CA THR B 126 -73.47 8.78 -7.45
C THR B 126 -72.20 9.36 -8.06
N ARG B 127 -71.18 9.64 -7.26
CA ARG B 127 -69.94 10.21 -7.78
C ARG B 127 -69.06 9.12 -8.39
N HIS B 128 -68.42 9.44 -9.50
CA HIS B 128 -67.64 8.48 -10.27
C HIS B 128 -66.14 8.67 -10.10
N ASN B 129 -65.63 9.88 -10.31
CA ASN B 129 -64.20 10.13 -10.31
C ASN B 129 -63.60 10.20 -8.90
N ILE B 130 -64.42 10.14 -7.85
CA ILE B 130 -63.89 10.27 -6.50
C ILE B 130 -63.07 9.05 -6.12
N ILE B 131 -63.38 7.87 -6.67
CA ILE B 131 -62.58 6.67 -6.36
C ILE B 131 -61.19 6.78 -6.98
N LEU B 132 -61.12 7.21 -8.24
CA LEU B 132 -59.82 7.44 -8.87
C LEU B 132 -59.05 8.54 -8.15
N SER B 133 -59.75 9.60 -7.74
CA SER B 133 -59.12 10.67 -6.97
C SER B 133 -58.52 10.12 -5.67
N ALA B 134 -59.30 9.31 -4.94
CA ALA B 134 -58.83 8.76 -3.67
C ALA B 134 -57.65 7.82 -3.87
N GLY B 135 -57.65 7.06 -4.97
CA GLY B 135 -56.47 6.26 -5.30
C GLY B 135 -55.25 7.12 -5.56
N ILE B 136 -55.45 8.26 -6.24
CA ILE B 136 -54.35 9.19 -6.48
C ILE B 136 -53.85 9.77 -5.14
N PHE B 137 -54.77 10.12 -4.24
CA PHE B 137 -54.36 10.63 -2.94
C PHE B 137 -53.60 9.57 -2.14
N PHE B 138 -54.00 8.29 -2.25
CA PHE B 138 -53.30 7.23 -1.54
C PHE B 138 -51.89 7.02 -2.10
N VAL B 139 -51.75 7.02 -3.43
CA VAL B 139 -50.43 6.84 -4.03
C VAL B 139 -49.52 8.03 -3.69
N SER B 140 -50.07 9.25 -3.72
CA SER B 140 -49.26 10.40 -3.32
C SER B 140 -48.98 10.42 -1.83
N ALA B 141 -49.84 9.79 -1.01
CA ALA B 141 -49.54 9.65 0.42
C ALA B 141 -48.36 8.71 0.63
N GLY B 142 -48.32 7.62 -0.12
CA GLY B 142 -47.14 6.77 -0.11
C GLY B 142 -45.90 7.50 -0.59
N LEU B 143 -46.07 8.35 -1.61
CA LEU B 143 -44.98 9.18 -2.11
C LEU B 143 -44.44 10.10 -1.02
N SER B 144 -45.35 10.76 -0.30
CA SER B 144 -44.95 11.64 0.79
C SER B 144 -44.29 10.86 1.91
N ASN B 145 -44.79 9.66 2.20
CA ASN B 145 -44.19 8.84 3.24
C ASN B 145 -42.76 8.44 2.89
N ILE B 146 -42.53 8.02 1.64
CA ILE B 146 -41.18 7.58 1.28
C ILE B 146 -40.21 8.77 1.22
N ILE B 147 -40.66 9.93 0.71
CA ILE B 147 -39.75 11.08 0.71
C ILE B 147 -39.46 11.55 2.14
N GLY B 148 -40.46 11.49 3.02
CA GLY B 148 -40.24 11.88 4.41
C GLY B 148 -39.30 10.94 5.13
N ILE B 149 -39.45 9.63 4.94
CA ILE B 149 -38.57 8.70 5.64
C ILE B 149 -37.14 8.81 5.09
N ILE B 150 -36.98 8.99 3.77
CA ILE B 150 -35.63 9.06 3.24
C ILE B 150 -34.95 10.36 3.66
N VAL B 151 -35.70 11.47 3.74
CA VAL B 151 -35.09 12.71 4.21
C VAL B 151 -34.78 12.63 5.70
N TYR B 152 -35.58 11.87 6.47
CA TYR B 152 -35.26 11.68 7.88
C TYR B 152 -33.98 10.88 8.09
N ILE B 153 -33.81 9.78 7.33
CA ILE B 153 -32.58 9.01 7.49
C ILE B 153 -31.37 9.82 7.01
N SER B 154 -31.53 10.57 5.91
CA SER B 154 -30.43 11.42 5.46
C SER B 154 -30.09 12.49 6.50
N ALA B 155 -31.11 13.07 7.14
CA ALA B 155 -30.88 14.13 8.12
C ALA B 155 -30.18 13.59 9.36
N ASN B 156 -30.64 12.45 9.89
CA ASN B 156 -30.07 11.97 11.14
C ASN B 156 -28.83 11.12 10.96
N ALA B 157 -28.46 10.80 9.71
CA ALA B 157 -27.19 10.15 9.44
C ALA B 157 -26.19 11.06 8.76
N GLY B 158 -26.57 12.30 8.45
CA GLY B 158 -25.67 13.25 7.85
C GLY B 158 -24.72 13.94 8.79
N ASP B 159 -24.70 13.54 10.07
CA ASP B 159 -23.82 14.13 11.08
C ASP B 159 -23.05 13.04 11.84
N PRO B 160 -22.09 12.38 11.18
CA PRO B 160 -21.35 11.30 11.85
C PRO B 160 -20.44 11.79 12.96
N SER B 161 -20.09 13.08 12.98
CA SER B 161 -19.20 13.69 13.98
C SER B 161 -17.85 12.97 13.92
N LYS B 162 -17.31 12.49 15.03
CA LYS B 162 -16.03 11.79 15.03
C LYS B 162 -16.18 10.39 14.44
N LYS B 167 -20.95 3.19 17.76
CA LYS B 167 -21.28 1.88 18.33
C LYS B 167 -22.75 1.54 18.07
N ASN B 168 -23.59 1.73 19.10
CA ASN B 168 -25.02 1.46 19.02
C ASN B 168 -25.83 2.75 18.93
N SER B 169 -25.28 3.76 18.23
CA SER B 169 -25.99 5.02 18.09
C SER B 169 -27.19 4.89 17.16
N TYR B 170 -27.12 4.00 16.18
CA TYR B 170 -28.21 3.80 15.23
C TYR B 170 -29.11 2.68 15.75
N SER B 171 -30.04 3.07 16.63
CA SER B 171 -31.02 2.16 17.18
C SER B 171 -32.43 2.68 16.89
N TYR B 172 -33.35 1.74 16.69
CA TYR B 172 -34.72 2.07 16.32
C TYR B 172 -35.70 1.48 17.33
N GLY B 173 -36.72 2.26 17.68
CA GLY B 173 -37.72 1.81 18.62
C GLY B 173 -39.03 1.44 17.93
N TRP B 174 -38.91 0.75 16.80
CA TRP B 174 -40.02 0.24 15.99
C TRP B 174 -40.89 1.35 15.39
N SER B 175 -40.50 2.61 15.59
CA SER B 175 -41.27 3.73 15.07
C SER B 175 -41.31 3.70 13.55
N PHE B 176 -40.15 3.54 12.93
CA PHE B 176 -40.11 3.40 11.48
C PHE B 176 -40.66 2.05 11.03
N TYR B 177 -40.73 1.07 11.93
CA TYR B 177 -41.37 -0.21 11.59
C TYR B 177 -42.87 -0.04 11.38
N PHE B 178 -43.57 0.61 12.32
CA PHE B 178 -44.97 0.83 11.99
C PHE B 178 -45.18 2.02 11.04
N GLY B 179 -44.17 2.85 10.80
CA GLY B 179 -44.23 3.73 9.64
C GLY B 179 -44.26 2.95 8.34
N ALA B 180 -43.44 1.89 8.25
CA ALA B 180 -43.47 1.00 7.10
C ALA B 180 -44.81 0.27 7.01
N LEU B 181 -45.37 -0.10 8.16
CA LEU B 181 -46.71 -0.69 8.17
C LEU B 181 -47.76 0.27 7.61
N SER B 182 -47.68 1.54 7.99
CA SER B 182 -48.59 2.54 7.43
C SER B 182 -48.38 2.69 5.93
N PHE B 183 -47.12 2.66 5.48
CA PHE B 183 -46.82 2.74 4.06
C PHE B 183 -47.45 1.58 3.28
N ILE B 184 -47.27 0.36 3.78
CA ILE B 184 -47.75 -0.79 3.03
C ILE B 184 -49.27 -0.87 3.06
N ILE B 185 -49.90 -0.47 4.18
CA ILE B 185 -51.36 -0.50 4.19
C ILE B 185 -51.94 0.61 3.30
N ALA B 186 -51.26 1.76 3.22
CA ALA B 186 -51.71 2.80 2.30
C ALA B 186 -51.56 2.37 0.85
N GLU B 187 -50.47 1.67 0.52
CA GLU B 187 -50.30 1.14 -0.82
C GLU B 187 -51.34 0.07 -1.15
N MET B 188 -51.67 -0.79 -0.17
CA MET B 188 -52.70 -1.80 -0.36
C MET B 188 -54.06 -1.18 -0.62
N VAL B 189 -54.45 -0.18 0.18
CA VAL B 189 -55.76 0.43 -0.03
C VAL B 189 -55.77 1.23 -1.32
N GLY B 190 -54.63 1.80 -1.73
CA GLY B 190 -54.58 2.49 -3.00
C GLY B 190 -54.78 1.58 -4.20
N VAL B 191 -54.09 0.42 -4.19
CA VAL B 191 -54.26 -0.51 -5.31
C VAL B 191 -55.64 -1.13 -5.29
N LEU B 192 -56.23 -1.33 -4.10
CA LEU B 192 -57.61 -1.81 -4.05
C LEU B 192 -58.57 -0.78 -4.61
N ALA B 193 -58.33 0.51 -4.33
CA ALA B 193 -59.16 1.57 -4.89
C ALA B 193 -59.04 1.63 -6.41
N VAL B 194 -57.82 1.44 -6.94
CA VAL B 194 -57.65 1.42 -8.39
C VAL B 194 -58.39 0.23 -9.00
N HIS B 195 -58.26 -0.95 -8.38
CA HIS B 195 -58.92 -2.14 -8.90
C HIS B 195 -60.43 -1.99 -8.90
N MET B 196 -61.00 -1.41 -7.83
CA MET B 196 -62.43 -1.21 -7.80
C MET B 196 -62.90 -0.04 -8.65
N PHE B 197 -62.05 0.94 -8.95
CA PHE B 197 -62.39 1.89 -10.00
C PHE B 197 -62.52 1.18 -11.34
N ILE B 198 -61.59 0.26 -11.64
CA ILE B 198 -61.70 -0.53 -12.86
C ILE B 198 -62.99 -1.35 -12.87
N ASP B 199 -63.30 -1.96 -11.73
CA ASP B 199 -64.52 -2.78 -11.62
C ASP B 199 -65.78 -1.94 -11.81
N ARG B 200 -65.84 -0.77 -11.19
CA ARG B 200 -67.04 0.06 -11.30
C ARG B 200 -67.14 0.73 -12.67
N HIS B 201 -66.02 0.92 -13.36
CA HIS B 201 -66.09 1.41 -14.74
C HIS B 201 -66.53 0.31 -15.68
N LYS B 202 -66.16 -0.94 -15.38
CA LYS B 202 -66.68 -2.07 -16.17
C LYS B 202 -68.16 -2.28 -15.91
N GLN B 203 -68.62 -2.04 -14.68
CA GLN B 203 -70.03 -2.20 -14.35
C GLN B 203 -70.90 -1.11 -14.98
N LEU B 204 -70.32 0.01 -15.37
CA LEU B 204 -71.08 1.09 -15.99
C LEU B 204 -71.50 0.73 -17.40
N ARG C 1 37.41 58.99 0.56
CA ARG C 1 38.15 57.95 -0.13
C ARG C 1 37.21 56.98 -0.83
N THR C 2 37.75 56.14 -1.71
CA THR C 2 36.98 55.16 -2.45
C THR C 2 37.14 53.77 -1.84
N TYR C 3 36.18 52.90 -2.15
CA TYR C 3 36.18 51.53 -1.66
C TYR C 3 35.82 50.60 -2.81
N ILE C 4 36.32 49.37 -2.73
CA ILE C 4 36.08 48.36 -3.75
C ILE C 4 35.40 47.16 -3.11
N VAL C 5 34.61 46.45 -3.92
CA VAL C 5 33.89 45.26 -3.47
C VAL C 5 34.21 44.11 -4.40
N THR C 6 34.40 42.93 -3.83
CA THR C 6 34.76 41.73 -4.58
C THR C 6 33.52 40.86 -4.75
N THR C 7 33.17 40.58 -6.00
CA THR C 7 32.03 39.75 -6.34
C THR C 7 32.44 38.69 -7.34
N ILE C 8 31.76 37.54 -7.30
CA ILE C 8 32.00 36.44 -8.22
C ILE C 8 30.71 36.15 -8.97
N LEU C 9 30.81 36.05 -10.29
CA LEU C 9 29.65 35.81 -11.16
C LEU C 9 29.58 34.31 -11.48
N GLU C 10 28.57 33.63 -10.91
CA GLU C 10 28.19 32.32 -11.39
C GLU C 10 26.76 32.31 -11.91
N ASP C 11 25.77 32.62 -11.07
CA ASP C 11 24.37 32.82 -11.44
C ASP C 11 23.58 33.33 -10.23
N PRO C 12 22.68 34.30 -10.40
CA PRO C 12 22.48 35.18 -11.55
C PRO C 12 22.86 36.59 -11.16
N TYR C 13 23.89 36.70 -10.33
CA TYR C 13 24.16 37.91 -9.57
C TYR C 13 24.92 38.99 -10.37
N VAL C 14 26.04 38.63 -10.99
CA VAL C 14 26.92 39.65 -11.55
C VAL C 14 26.91 39.38 -13.06
N MET C 15 25.74 38.99 -13.57
CA MET C 15 25.56 38.85 -15.02
C MET C 15 25.81 40.18 -15.73
N LEU C 16 26.51 40.11 -16.85
CA LEU C 16 26.85 41.29 -17.61
C LEU C 16 25.62 41.88 -18.29
N LYS C 17 25.70 43.17 -18.63
CA LYS C 17 24.59 43.86 -19.25
C LYS C 17 24.44 43.42 -20.71
N LYS C 18 23.31 43.79 -21.31
CA LYS C 18 23.03 43.41 -22.68
C LYS C 18 23.99 44.07 -23.66
N ASN C 19 24.34 45.33 -23.42
CA ASN C 19 25.25 46.05 -24.31
C ASN C 19 26.71 45.68 -24.09
N ALA C 20 27.02 44.91 -23.04
CA ALA C 20 28.35 44.42 -22.74
C ALA C 20 29.36 45.55 -22.57
N ASN C 21 30.26 45.70 -23.54
CA ASN C 21 31.33 46.69 -23.46
C ASN C 21 30.90 48.08 -23.89
N GLN C 22 29.65 48.25 -24.34
CA GLN C 22 29.18 49.58 -24.74
C GLN C 22 28.96 50.50 -23.55
N PHE C 23 28.85 49.96 -22.34
CA PHE C 23 28.66 50.77 -21.15
C PHE C 23 30.01 51.24 -20.63
N GLU C 24 30.03 51.80 -19.42
CA GLU C 24 31.22 52.40 -18.85
C GLU C 24 31.91 51.49 -17.83
N GLY C 25 31.56 50.21 -17.76
CA GLY C 25 32.19 49.33 -16.81
C GLY C 25 31.37 49.02 -15.58
N ASN C 26 31.65 49.75 -14.49
CA ASN C 26 30.98 49.51 -13.21
C ASN C 26 29.47 49.66 -13.33
N ASP C 27 29.00 50.59 -14.17
CA ASP C 27 27.58 50.85 -14.30
C ASP C 27 26.84 49.75 -15.07
N ARG C 28 27.54 48.73 -15.56
CA ARG C 28 26.92 47.61 -16.26
C ARG C 28 27.02 46.38 -15.36
N TYR C 29 26.06 46.26 -14.45
CA TYR C 29 25.98 45.11 -13.55
C TYR C 29 24.57 45.05 -12.98
N GLU C 30 23.84 43.99 -13.32
CA GLU C 30 22.47 43.81 -12.85
C GLU C 30 22.35 42.45 -12.17
N GLY C 31 21.54 42.39 -11.13
CA GLY C 31 21.36 41.17 -10.38
C GLY C 31 20.94 41.48 -8.95
N TYR C 32 21.07 40.47 -8.11
CA TYR C 32 20.64 40.58 -6.72
C TYR C 32 21.68 41.28 -5.86
N CYS C 33 22.92 40.77 -5.86
CA CYS C 33 23.93 41.28 -4.96
C CYS C 33 24.36 42.69 -5.34
N VAL C 34 24.43 43.01 -6.63
CA VAL C 34 24.86 44.34 -7.04
C VAL C 34 23.81 45.38 -6.66
N GLU C 35 22.52 45.04 -6.80
CA GLU C 35 21.47 45.95 -6.35
C GLU C 35 21.49 46.10 -4.83
N LEU C 36 21.74 45.01 -4.11
CA LEU C 36 21.87 45.08 -2.66
C LEU C 36 23.05 45.96 -2.25
N ALA C 37 24.18 45.83 -2.96
CA ALA C 37 25.35 46.64 -2.67
C ALA C 37 25.09 48.11 -2.93
N ALA C 38 24.42 48.42 -4.04
CA ALA C 38 24.06 49.81 -4.32
C ALA C 38 23.13 50.37 -3.25
N GLU C 39 22.16 49.55 -2.80
CA GLU C 39 21.24 50.00 -1.76
C GLU C 39 21.96 50.26 -0.44
N ILE C 40 22.79 49.32 0.00
CA ILE C 40 23.49 49.50 1.28
C ILE C 40 24.55 50.59 1.19
N ALA C 41 25.06 50.88 -0.01
CA ALA C 41 25.93 52.04 -0.18
C ALA C 41 25.11 53.32 -0.09
N LYS C 42 23.86 53.29 -0.57
CA LYS C 42 23.00 54.47 -0.47
C LYS C 42 22.52 54.70 0.96
N HIS C 43 22.44 53.65 1.79
CA HIS C 43 21.94 53.82 3.16
C HIS C 43 22.91 54.61 4.02
N VAL C 44 24.19 54.23 4.00
CA VAL C 44 25.17 54.81 4.90
C VAL C 44 26.10 55.80 4.19
N GLY C 45 26.46 55.51 2.94
CA GLY C 45 27.26 56.44 2.16
C GLY C 45 28.72 56.08 2.04
N TYR C 46 29.10 55.45 0.94
CA TYR C 46 30.49 55.14 0.62
C TYR C 46 30.57 54.77 -0.85
N SER C 47 31.79 54.79 -1.38
CA SER C 47 31.99 54.47 -2.79
C SER C 47 31.78 52.98 -3.03
N TYR C 48 30.97 52.65 -4.03
CA TYR C 48 30.58 51.29 -4.35
C TYR C 48 31.24 50.80 -5.63
N ARG C 49 32.51 51.14 -5.81
CA ARG C 49 33.25 50.68 -6.99
C ARG C 49 33.39 49.16 -6.98
N LEU C 50 33.19 48.55 -8.14
CA LEU C 50 33.23 47.10 -8.26
C LEU C 50 34.62 46.63 -8.66
N GLU C 51 35.06 45.55 -8.03
CA GLU C 51 36.32 44.90 -8.36
C GLU C 51 36.06 43.55 -9.01
N ILE C 52 37.15 42.94 -9.48
CA ILE C 52 37.08 41.67 -10.19
C ILE C 52 37.83 40.62 -9.38
N VAL C 53 37.18 39.48 -9.14
CA VAL C 53 37.82 38.39 -8.43
C VAL C 53 38.92 37.78 -9.31
N SER C 54 39.92 37.19 -8.66
CA SER C 54 41.09 36.71 -9.36
C SER C 54 40.84 35.37 -10.05
N ASP C 55 40.51 34.34 -9.28
CA ASP C 55 40.40 32.99 -9.81
C ASP C 55 38.97 32.54 -10.03
N GLY C 56 37.98 33.32 -9.61
CA GLY C 56 36.59 32.92 -9.78
C GLY C 56 36.07 31.95 -8.74
N LYS C 57 36.86 31.61 -7.73
CA LYS C 57 36.44 30.68 -6.70
C LYS C 57 35.81 31.42 -5.53
N TYR C 58 35.15 30.66 -4.67
CA TYR C 58 34.48 31.22 -3.49
C TYR C 58 35.37 31.20 -2.25
N GLY C 59 36.41 30.41 -2.23
CA GLY C 59 37.31 30.34 -1.10
C GLY C 59 37.11 29.07 -0.28
N ALA C 60 38.22 28.49 0.15
CA ALA C 60 38.17 27.26 0.95
C ALA C 60 39.42 27.23 1.83
N ARG C 61 39.32 26.44 2.91
CA ARG C 61 40.43 26.30 3.85
C ARG C 61 41.50 25.39 3.27
N ASP C 62 42.75 25.86 3.32
CA ASP C 62 43.91 25.07 2.88
C ASP C 62 44.97 25.13 3.97
N PRO C 63 44.78 24.36 5.05
CA PRO C 63 45.76 24.40 6.15
C PRO C 63 47.12 23.85 5.80
N ASP C 64 47.23 23.03 4.73
CA ASP C 64 48.52 22.48 4.35
C ASP C 64 49.49 23.56 3.89
N THR C 65 49.00 24.50 3.08
CA THR C 65 49.82 25.62 2.61
C THR C 65 49.59 26.90 3.40
N LYS C 66 48.59 26.93 4.29
CA LYS C 66 48.22 28.10 5.07
C LYS C 66 47.94 29.32 4.19
N ALA C 67 47.32 29.09 3.04
CA ALA C 67 46.99 30.13 2.08
C ALA C 67 45.50 30.38 2.08
N TRP C 68 45.07 31.26 1.17
CA TRP C 68 43.66 31.62 1.05
C TRP C 68 43.37 32.02 -0.39
N ASN C 69 42.10 31.95 -0.75
CA ASN C 69 41.66 32.26 -2.11
C ASN C 69 40.20 32.71 -2.06
N GLY C 70 39.69 33.12 -3.23
CA GLY C 70 38.31 33.56 -3.32
C GLY C 70 38.11 34.95 -2.75
N MET C 71 36.84 35.29 -2.52
CA MET C 71 36.51 36.59 -1.94
C MET C 71 37.03 36.70 -0.51
N VAL C 72 36.91 35.62 0.28
CA VAL C 72 37.43 35.63 1.64
C VAL C 72 38.95 35.72 1.62
N GLY C 73 39.60 35.08 0.65
CA GLY C 73 41.04 35.18 0.54
C GLY C 73 41.50 36.56 0.15
N GLU C 74 40.75 37.23 -0.72
CA GLU C 74 41.06 38.62 -1.06
C GLU C 74 40.84 39.54 0.13
N LEU C 75 39.79 39.28 0.92
CA LEU C 75 39.48 40.18 2.03
C LEU C 75 40.48 40.02 3.18
N VAL C 76 40.92 38.78 3.45
CA VAL C 76 41.83 38.57 4.57
C VAL C 76 43.21 39.18 4.27
N TYR C 77 43.65 39.10 3.02
CA TYR C 77 44.97 39.61 2.64
C TYR C 77 44.90 41.05 2.13
N GLY C 78 44.25 41.92 2.89
CA GLY C 78 44.24 43.35 2.59
C GLY C 78 43.52 43.72 1.31
N ARG C 79 43.43 45.03 1.10
CA ARG C 79 42.90 45.64 -0.13
C ARG C 79 41.45 45.23 -0.42
N ALA C 80 40.68 44.95 0.62
CA ALA C 80 39.27 44.62 0.48
C ALA C 80 38.57 44.82 1.82
N ASP C 81 37.35 45.34 1.78
CA ASP C 81 36.62 45.62 3.00
C ASP C 81 35.22 45.02 2.98
N VAL C 82 34.60 44.94 1.80
CA VAL C 82 33.25 44.42 1.67
C VAL C 82 33.22 43.38 0.57
N ALA C 83 32.74 42.18 0.89
CA ALA C 83 32.54 41.11 -0.08
C ALA C 83 31.03 40.92 -0.25
N VAL C 84 30.50 41.40 -1.37
CA VAL C 84 29.05 41.38 -1.56
C VAL C 84 28.58 40.02 -2.05
N ALA C 85 29.46 39.25 -2.71
CA ALA C 85 29.05 37.97 -3.27
C ALA C 85 28.65 37.00 -2.17
N PRO C 86 27.46 36.41 -2.25
CA PRO C 86 27.02 35.51 -1.18
C PRO C 86 27.86 34.25 -1.11
N LEU C 87 28.11 33.78 0.11
CA LEU C 87 28.94 32.62 0.34
C LEU C 87 28.41 31.85 1.55
N THR C 88 28.69 30.56 1.57
CA THR C 88 28.26 29.73 2.69
C THR C 88 29.11 30.04 3.93
N ILE C 89 28.65 29.54 5.07
CA ILE C 89 29.28 29.79 6.36
C ILE C 89 29.83 28.47 6.87
N THR C 90 31.15 28.42 7.09
CA THR C 90 31.82 27.30 7.72
C THR C 90 32.55 27.79 8.97
N LEU C 91 33.19 26.86 9.68
CA LEU C 91 33.89 27.23 10.91
C LEU C 91 35.14 28.05 10.61
N VAL C 92 35.85 27.73 9.52
CA VAL C 92 37.08 28.45 9.20
C VAL C 92 36.79 29.88 8.77
N ARG C 93 35.65 30.11 8.09
CA ARG C 93 35.30 31.46 7.67
C ARG C 93 35.02 32.36 8.87
N GLU C 94 34.33 31.85 9.89
CA GLU C 94 34.17 32.61 11.12
C GLU C 94 35.46 32.70 11.91
N GLU C 95 36.37 31.74 11.73
CA GLU C 95 37.64 31.80 12.45
C GLU C 95 38.55 32.88 11.89
N VAL C 96 38.53 33.09 10.57
CA VAL C 96 39.45 34.07 9.97
C VAL C 96 38.81 35.45 9.85
N ILE C 97 37.51 35.54 9.53
CA ILE C 97 36.82 36.83 9.44
C ILE C 97 35.49 36.71 10.17
N ASP C 98 34.68 37.75 10.11
CA ASP C 98 33.37 37.75 10.76
C ASP C 98 32.29 38.18 9.79
N PHE C 99 31.11 37.57 9.96
CA PHE C 99 29.91 37.92 9.22
C PHE C 99 28.95 38.64 10.15
N SER C 100 28.06 39.45 9.57
CA SER C 100 27.15 40.25 10.40
C SER C 100 25.82 39.52 10.62
N LYS C 101 25.04 39.36 9.56
CA LYS C 101 23.72 38.74 9.59
C LYS C 101 23.55 37.92 8.33
N PRO C 102 22.71 36.87 8.37
CA PRO C 102 22.28 36.21 7.13
C PRO C 102 21.06 36.93 6.55
N PHE C 103 21.17 37.36 5.29
CA PHE C 103 20.11 38.11 4.64
C PHE C 103 19.04 37.22 4.02
N MET C 104 19.21 35.90 4.06
CA MET C 104 18.19 35.00 3.56
C MET C 104 18.33 33.65 4.24
N SER C 105 17.23 32.91 4.28
CA SER C 105 17.18 31.58 4.87
C SER C 105 17.01 30.54 3.76
N LEU C 106 17.84 29.50 3.80
CA LEU C 106 18.00 28.61 2.66
C LEU C 106 18.63 27.30 3.14
N GLY C 107 18.60 26.30 2.27
CA GLY C 107 19.12 25.00 2.64
C GLY C 107 19.13 24.03 1.49
N ILE C 108 19.26 22.76 1.83
CA ILE C 108 19.33 21.68 0.84
C ILE C 108 17.91 21.27 0.46
N SER C 109 17.65 21.18 -0.85
CA SER C 109 16.34 20.84 -1.37
C SER C 109 16.41 19.55 -2.18
N ILE C 110 15.33 18.78 -2.15
CA ILE C 110 15.24 17.50 -2.85
C ILE C 110 14.27 17.68 -4.01
N MET C 111 14.73 17.32 -5.22
CA MET C 111 13.98 17.59 -6.44
C MET C 111 13.62 16.30 -7.15
N ILE C 112 12.74 16.43 -8.15
CA ILE C 112 12.29 15.30 -8.94
C ILE C 112 11.87 15.82 -10.30
N LYS C 113 12.02 14.98 -11.34
CA LYS C 113 11.61 15.36 -12.68
C LYS C 113 10.10 15.49 -12.78
N LYS C 114 9.65 16.50 -13.51
CA LYS C 114 8.22 16.77 -13.62
C LYS C 114 7.56 15.78 -14.57
N PRO C 115 6.58 15.01 -14.13
CA PRO C 115 5.86 14.14 -15.06
C PRO C 115 4.94 14.94 -15.98
N GLN C 116 4.66 14.37 -17.14
CA GLN C 116 3.79 14.97 -18.14
C GLN C 116 2.57 14.10 -18.34
N LYS C 117 1.39 14.72 -18.29
CA LYS C 117 0.13 14.01 -18.48
C LYS C 117 -0.32 14.18 -19.92
N SER C 118 -0.44 13.07 -20.64
CA SER C 118 -0.84 13.07 -22.05
C SER C 118 -1.91 11.98 -22.23
N LYS C 119 -3.17 12.37 -22.06
CA LYS C 119 -4.26 11.42 -22.23
C LYS C 119 -4.45 11.12 -23.72
N PRO C 120 -4.42 9.85 -24.12
CA PRO C 120 -4.59 9.51 -25.54
C PRO C 120 -6.05 9.57 -25.94
N GLY C 121 -6.32 9.22 -27.19
CA GLY C 121 -7.66 9.25 -27.72
C GLY C 121 -8.37 7.91 -27.61
N VAL C 122 -8.59 7.25 -28.74
CA VAL C 122 -9.27 5.96 -28.74
C VAL C 122 -8.37 4.83 -28.23
N PHE C 123 -7.07 5.08 -28.07
CA PHE C 123 -6.16 4.03 -27.61
C PHE C 123 -6.45 3.62 -26.18
N SER C 124 -6.82 4.58 -25.32
CA SER C 124 -7.14 4.25 -23.94
C SER C 124 -8.45 3.49 -23.81
N PHE C 125 -9.29 3.50 -24.84
CA PHE C 125 -10.57 2.80 -24.77
C PHE C 125 -10.38 1.29 -24.78
N LEU C 126 -9.56 0.79 -25.71
CA LEU C 126 -9.27 -0.64 -25.79
C LEU C 126 -8.03 -1.01 -24.98
N ASP C 127 -7.46 -0.07 -24.24
CA ASP C 127 -6.28 -0.34 -23.41
C ASP C 127 -6.48 -1.44 -22.36
N PRO C 128 -7.52 -1.43 -21.51
CA PRO C 128 -7.52 -2.35 -20.36
C PRO C 128 -7.85 -3.80 -20.70
N LEU C 129 -7.94 -4.19 -21.96
CA LEU C 129 -8.04 -5.60 -22.34
C LEU C 129 -7.12 -5.91 -23.52
N ALA C 130 -5.87 -5.46 -23.43
CA ALA C 130 -4.80 -5.80 -24.38
C ALA C 130 -5.22 -5.39 -25.79
N TYR C 131 -4.83 -6.17 -26.80
CA TYR C 131 -5.15 -5.87 -28.19
C TYR C 131 -5.96 -6.96 -28.85
N GLU C 132 -5.57 -8.23 -28.69
CA GLU C 132 -6.12 -9.31 -29.50
C GLU C 132 -7.51 -9.74 -29.07
N ILE C 133 -7.88 -9.60 -27.79
CA ILE C 133 -9.17 -10.16 -27.38
C ILE C 133 -10.33 -9.24 -27.77
N TRP C 134 -10.08 -7.98 -28.11
CA TRP C 134 -11.11 -7.18 -28.75
C TRP C 134 -11.46 -7.74 -30.13
N MET C 135 -10.43 -8.13 -30.90
CA MET C 135 -10.64 -8.90 -32.13
C MET C 135 -11.39 -10.19 -31.84
N CYS C 136 -11.00 -10.90 -30.77
CA CYS C 136 -11.61 -12.18 -30.46
C CYS C 136 -13.10 -12.02 -30.14
N ILE C 137 -13.46 -10.98 -29.39
CA ILE C 137 -14.88 -10.76 -29.08
C ILE C 137 -15.62 -10.22 -30.31
N VAL C 138 -14.94 -9.54 -31.24
CA VAL C 138 -15.63 -9.10 -32.45
C VAL C 138 -16.06 -10.30 -33.29
N PHE C 139 -15.13 -11.22 -33.58
CA PHE C 139 -15.57 -12.42 -34.28
C PHE C 139 -16.41 -13.36 -33.42
N ALA C 140 -16.30 -13.30 -32.08
CA ALA C 140 -17.23 -14.05 -31.26
C ALA C 140 -18.65 -13.52 -31.39
N TYR C 141 -18.79 -12.20 -31.48
CA TYR C 141 -20.10 -11.58 -31.67
C TYR C 141 -20.68 -11.95 -33.03
N ILE C 142 -19.86 -11.91 -34.08
CA ILE C 142 -20.43 -12.27 -35.38
C ILE C 142 -20.71 -13.77 -35.45
N GLY C 143 -19.95 -14.58 -34.69
CA GLY C 143 -20.25 -16.00 -34.62
C GLY C 143 -21.57 -16.29 -33.91
N VAL C 144 -21.81 -15.62 -32.78
CA VAL C 144 -23.09 -15.83 -32.12
C VAL C 144 -24.23 -15.27 -32.96
N SER C 145 -23.95 -14.21 -33.75
CA SER C 145 -24.96 -13.67 -34.65
C SER C 145 -25.31 -14.66 -35.77
N VAL C 146 -24.29 -15.29 -36.37
CA VAL C 146 -24.57 -16.24 -37.45
C VAL C 146 -25.25 -17.48 -36.91
N VAL C 147 -24.89 -17.93 -35.70
CA VAL C 147 -25.57 -19.07 -35.09
C VAL C 147 -27.04 -18.74 -34.81
N LEU C 148 -27.30 -17.55 -34.27
CA LEU C 148 -28.67 -17.14 -33.99
C LEU C 148 -29.48 -17.03 -35.28
N PHE C 149 -28.87 -16.47 -36.34
CA PHE C 149 -29.58 -16.34 -37.61
C PHE C 149 -29.91 -17.70 -38.21
N LEU C 150 -28.95 -18.63 -38.17
CA LEU C 150 -29.20 -19.95 -38.76
C LEU C 150 -30.22 -20.74 -37.95
N VAL C 151 -30.21 -20.60 -36.62
CA VAL C 151 -31.19 -21.36 -35.84
C VAL C 151 -32.57 -20.71 -35.94
N SER C 152 -32.64 -19.40 -36.17
CA SER C 152 -33.94 -18.76 -36.34
C SER C 152 -34.54 -19.08 -37.71
N ARG C 153 -33.73 -19.02 -38.77
CA ARG C 153 -34.25 -19.29 -40.11
C ARG C 153 -34.46 -20.79 -40.36
N PHE C 154 -33.59 -21.64 -39.80
CA PHE C 154 -33.66 -23.07 -40.07
C PHE C 154 -34.86 -23.72 -39.39
N SER C 155 -35.24 -23.23 -38.22
CA SER C 155 -36.38 -23.78 -37.50
C SER C 155 -37.69 -23.40 -38.19
N ARG C 202 -37.88 -19.66 -28.87
CA ARG C 202 -38.91 -20.66 -28.64
C ARG C 202 -38.31 -22.06 -28.55
N SER C 203 -37.39 -22.36 -29.47
CA SER C 203 -36.74 -23.66 -29.50
C SER C 203 -35.75 -23.79 -28.35
N LEU C 204 -35.50 -25.03 -27.94
CA LEU C 204 -34.56 -25.30 -26.87
C LEU C 204 -33.12 -24.94 -27.26
N SER C 205 -32.77 -25.13 -28.54
CA SER C 205 -31.42 -24.83 -28.98
C SER C 205 -31.14 -23.33 -28.96
N GLY C 206 -32.16 -22.50 -29.19
CA GLY C 206 -31.96 -21.06 -29.08
C GLY C 206 -31.71 -20.61 -27.66
N ARG C 207 -32.39 -21.23 -26.70
CA ARG C 207 -32.29 -20.81 -25.30
C ARG C 207 -30.89 -21.04 -24.74
N ILE C 208 -30.27 -22.18 -25.06
CA ILE C 208 -28.94 -22.46 -24.53
C ILE C 208 -27.90 -21.53 -25.16
N VAL C 209 -28.06 -21.20 -26.45
CA VAL C 209 -27.16 -20.24 -27.10
C VAL C 209 -27.31 -18.86 -26.46
N GLY C 210 -28.55 -18.43 -26.22
CA GLY C 210 -28.75 -17.16 -25.54
C GLY C 210 -28.17 -17.15 -24.14
N GLY C 211 -28.32 -18.24 -23.40
CA GLY C 211 -27.76 -18.31 -22.06
C GLY C 211 -26.25 -18.28 -22.04
N VAL C 212 -25.61 -19.03 -22.95
CA VAL C 212 -24.15 -19.04 -22.95
C VAL C 212 -23.59 -17.72 -23.47
N TRP C 213 -24.30 -17.05 -24.39
CA TRP C 213 -23.91 -15.71 -24.80
C TRP C 213 -24.03 -14.72 -23.63
N TRP C 214 -25.11 -14.84 -22.85
CA TRP C 214 -25.28 -13.99 -21.68
C TRP C 214 -24.17 -14.22 -20.66
N PHE C 215 -23.83 -15.48 -20.41
CA PHE C 215 -22.74 -15.79 -19.50
C PHE C 215 -21.42 -15.21 -20.01
N PHE C 216 -21.19 -15.31 -21.33
CA PHE C 216 -19.99 -14.75 -21.95
C PHE C 216 -19.91 -13.25 -21.75
N THR C 217 -21.00 -12.53 -22.00
CA THR C 217 -20.99 -11.08 -21.86
C THR C 217 -20.71 -10.68 -20.42
N LEU C 218 -21.41 -11.30 -19.47
CA LEU C 218 -21.18 -10.93 -18.07
C LEU C 218 -19.77 -11.28 -17.59
N ILE C 219 -19.21 -12.42 -18.01
CA ILE C 219 -17.86 -12.74 -17.54
C ILE C 219 -16.82 -11.78 -18.13
N ILE C 220 -16.92 -11.46 -19.43
CA ILE C 220 -15.89 -10.63 -20.03
C ILE C 220 -16.02 -9.19 -19.54
N ILE C 221 -17.25 -8.72 -19.27
CA ILE C 221 -17.37 -7.35 -18.78
C ILE C 221 -17.01 -7.26 -17.31
N SER C 222 -17.21 -8.34 -16.54
CA SER C 222 -16.66 -8.37 -15.18
C SER C 222 -15.14 -8.31 -15.22
N SER C 223 -14.52 -9.01 -16.18
CA SER C 223 -13.08 -8.94 -16.34
C SER C 223 -12.61 -7.53 -16.71
N TYR C 224 -13.33 -6.87 -17.62
CA TYR C 224 -12.96 -5.51 -18.01
C TYR C 224 -13.10 -4.55 -16.82
N THR C 225 -14.18 -4.68 -16.05
CA THR C 225 -14.38 -3.81 -14.89
C THR C 225 -13.29 -4.04 -13.84
N ALA C 226 -12.95 -5.30 -13.57
CA ALA C 226 -11.90 -5.59 -12.61
C ALA C 226 -10.56 -5.04 -13.08
N ASN C 227 -10.24 -5.21 -14.37
CA ASN C 227 -8.98 -4.71 -14.89
C ASN C 227 -8.91 -3.19 -14.84
N LEU C 228 -9.99 -2.51 -15.21
CA LEU C 228 -9.98 -1.05 -15.20
C LEU C 228 -9.88 -0.52 -13.77
N ALA C 229 -10.56 -1.18 -12.82
CA ALA C 229 -10.38 -0.83 -11.42
C ALA C 229 -8.93 -1.04 -10.98
N ALA C 230 -8.29 -2.09 -11.50
CA ALA C 230 -6.89 -2.33 -11.17
C ALA C 230 -5.99 -1.21 -11.68
N PHE C 231 -6.18 -0.80 -12.94
CA PHE C 231 -5.38 0.31 -13.47
C PHE C 231 -5.63 1.60 -12.69
N LEU C 232 -6.88 1.93 -12.41
CA LEU C 232 -7.18 3.17 -11.69
C LEU C 232 -6.58 3.15 -10.29
N THR C 233 -6.73 2.02 -9.57
CA THR C 233 -6.18 1.95 -8.22
C THR C 233 -4.67 2.03 -8.23
N VAL C 234 -4.01 1.30 -9.13
CA VAL C 234 -2.55 1.30 -9.19
C VAL C 234 -2.02 2.68 -9.55
N GLU C 235 -2.66 3.35 -10.51
CA GLU C 235 -2.26 4.71 -10.84
C GLU C 235 -2.62 5.70 -9.73
N ARG C 236 -3.50 5.31 -8.81
CA ARG C 236 -3.97 6.28 -7.82
C ARG C 236 -3.23 6.20 -6.48
N MET C 237 -2.91 5.02 -5.93
CA MET C 237 -2.35 5.05 -4.58
C MET C 237 -0.93 5.57 -4.56
N VAL C 238 -0.25 5.61 -5.71
CA VAL C 238 1.13 6.07 -5.75
C VAL C 238 1.17 7.56 -5.46
N SER C 239 2.27 8.00 -4.84
CA SER C 239 2.42 9.38 -4.41
C SER C 239 3.76 9.92 -4.87
N PRO C 240 3.85 11.22 -5.15
CA PRO C 240 5.14 11.82 -5.48
C PRO C 240 6.06 11.83 -4.27
N ILE C 241 7.36 11.86 -4.56
CA ILE C 241 8.35 11.84 -3.49
C ILE C 241 8.29 13.14 -2.70
N GLU C 242 8.65 13.06 -1.42
CA GLU C 242 8.62 14.21 -0.54
C GLU C 242 9.56 13.95 0.63
N SER C 243 10.08 15.03 1.21
CA SER C 243 11.00 14.99 2.34
C SER C 243 12.23 14.14 2.04
N ALA C 244 12.88 13.62 3.10
CA ALA C 244 14.07 12.79 2.95
C ALA C 244 13.85 11.35 3.36
N GLU C 245 12.99 11.10 4.35
CA GLU C 245 12.78 9.73 4.81
C GLU C 245 12.02 8.90 3.78
N ASP C 246 11.02 9.50 3.12
CA ASP C 246 10.31 8.80 2.06
C ASP C 246 11.26 8.49 0.91
N LEU C 247 12.19 9.40 0.64
CA LEU C 247 13.26 9.11 -0.30
C LEU C 247 14.17 7.99 0.22
N ALA C 248 14.29 7.85 1.53
CA ALA C 248 15.17 6.82 2.10
C ALA C 248 14.57 5.43 1.94
N LYS C 249 13.26 5.28 2.16
CA LYS C 249 12.65 3.97 1.91
C LYS C 249 12.64 3.62 0.43
N GLN C 250 12.48 4.61 -0.44
CA GLN C 250 12.50 4.35 -1.88
C GLN C 250 13.90 3.96 -2.33
N THR C 251 13.96 2.99 -3.24
CA THR C 251 15.23 2.42 -3.68
C THR C 251 15.50 2.60 -5.16
N GLU C 252 14.50 2.36 -6.02
CA GLU C 252 14.70 2.47 -7.46
C GLU C 252 14.81 3.90 -7.94
N ILE C 253 14.48 4.88 -7.09
CA ILE C 253 14.52 6.28 -7.49
C ILE C 253 15.96 6.77 -7.65
N ALA C 254 16.85 6.37 -6.74
CA ALA C 254 18.27 6.71 -6.70
C ALA C 254 18.54 8.21 -6.51
N TYR C 255 19.73 8.55 -6.02
CA TYR C 255 20.13 9.93 -5.83
C TYR C 255 21.63 9.99 -5.63
N GLY C 256 22.19 11.19 -5.81
CA GLY C 256 23.61 11.39 -5.62
C GLY C 256 23.97 12.85 -5.69
N THR C 257 25.15 13.17 -5.17
CA THR C 257 25.60 14.55 -5.09
C THR C 257 27.04 14.65 -5.57
N LEU C 258 27.47 15.88 -5.84
CA LEU C 258 28.83 16.13 -6.31
C LEU C 258 29.84 15.94 -5.19
N GLU C 259 31.05 15.53 -5.58
CA GLU C 259 32.13 15.35 -4.60
C GLU C 259 32.65 16.69 -4.10
N ALA C 260 32.89 17.63 -5.00
CA ALA C 260 33.49 18.92 -4.64
C ALA C 260 32.38 19.87 -4.19
N GLY C 261 31.86 19.63 -3.00
CA GLY C 261 30.80 20.45 -2.45
C GLY C 261 30.62 20.20 -0.98
N SER C 262 29.95 21.16 -0.33
CA SER C 262 29.68 21.05 1.10
C SER C 262 28.59 20.05 1.44
N THR C 263 27.77 19.67 0.46
CA THR C 263 26.73 18.68 0.70
C THR C 263 27.31 17.32 1.03
N LYS C 264 28.36 16.91 0.31
CA LYS C 264 29.00 15.63 0.60
C LYS C 264 29.66 15.63 1.96
N GLU C 265 30.31 16.74 2.34
CA GLU C 265 30.92 16.84 3.66
C GLU C 265 29.86 16.82 4.76
N PHE C 266 28.73 17.48 4.53
CA PHE C 266 27.64 17.47 5.50
C PHE C 266 27.06 16.07 5.65
N PHE C 267 26.90 15.34 4.54
CA PHE C 267 26.34 13.99 4.61
C PHE C 267 27.32 13.02 5.27
N ARG C 268 28.61 13.15 4.98
CA ARG C 268 29.59 12.24 5.56
C ARG C 268 29.76 12.46 7.05
N ARG C 269 29.68 13.71 7.50
CA ARG C 269 29.86 14.05 8.91
C ARG C 269 28.57 14.04 9.70
N SER C 270 27.44 13.71 9.07
CA SER C 270 26.16 13.71 9.76
C SER C 270 26.03 12.47 10.65
N LYS C 271 25.28 12.63 11.74
CA LYS C 271 25.00 11.54 12.66
C LYS C 271 23.51 11.20 12.75
N ILE C 272 22.66 11.89 11.99
CA ILE C 272 21.23 11.55 11.97
C ILE C 272 21.05 10.19 11.32
N ALA C 273 20.21 9.35 11.94
CA ALA C 273 20.03 7.97 11.48
C ALA C 273 19.47 7.92 10.07
N VAL C 274 18.56 8.84 9.73
CA VAL C 274 18.06 8.93 8.37
C VAL C 274 19.20 9.33 7.43
N PHE C 275 19.99 10.34 7.82
CA PHE C 275 21.14 10.73 7.01
C PHE C 275 22.24 9.67 7.07
N GLU C 276 22.30 8.90 8.16
CA GLU C 276 23.20 7.75 8.18
C GLU C 276 22.83 6.73 7.12
N LYS C 277 21.52 6.45 6.98
CA LYS C 277 21.06 5.56 5.92
C LYS C 277 21.34 6.15 4.55
N MET C 278 21.16 7.47 4.40
CA MET C 278 21.50 8.16 3.17
C MET C 278 22.95 7.89 2.79
N TRP C 279 23.87 8.09 3.73
CA TRP C 279 25.29 7.94 3.44
C TRP C 279 25.68 6.48 3.21
N THR C 280 25.08 5.55 3.96
CA THR C 280 25.41 4.15 3.78
C THR C 280 24.92 3.62 2.44
N TYR C 281 23.76 4.08 1.97
CA TYR C 281 23.37 3.67 0.63
C TYR C 281 24.22 4.35 -0.43
N MET C 282 24.58 5.62 -0.20
CA MET C 282 25.36 6.36 -1.18
C MET C 282 26.75 5.76 -1.34
N LYS C 283 27.30 5.19 -0.26
CA LYS C 283 28.61 4.55 -0.34
C LYS C 283 28.59 3.35 -1.28
N SER C 284 27.53 2.55 -1.22
CA SER C 284 27.37 1.40 -2.11
C SER C 284 26.75 1.88 -3.42
N ALA C 285 27.59 2.46 -4.26
CA ALA C 285 27.16 3.04 -5.54
C ALA C 285 27.90 2.33 -6.67
N GLU C 286 27.20 1.43 -7.36
CA GLU C 286 27.78 0.70 -8.48
C GLU C 286 27.82 1.54 -9.76
N PRO C 287 26.73 2.26 -10.18
CA PRO C 287 26.87 3.11 -11.37
C PRO C 287 27.65 4.38 -11.08
N SER C 288 27.86 5.21 -12.11
CA SER C 288 28.57 6.47 -11.97
C SER C 288 27.60 7.54 -11.45
N VAL C 289 27.29 7.40 -10.15
CA VAL C 289 26.34 8.31 -9.52
C VAL C 289 26.93 9.70 -9.36
N PHE C 290 28.21 9.78 -8.98
CA PHE C 290 28.85 11.07 -8.77
C PHE C 290 29.07 11.80 -10.09
N VAL C 291 28.98 13.13 -10.03
CA VAL C 291 29.26 14.00 -11.17
C VAL C 291 30.14 15.14 -10.67
N ARG C 292 30.95 15.69 -11.58
CA ARG C 292 31.89 16.74 -11.21
C ARG C 292 31.20 18.10 -11.07
N THR C 293 30.60 18.58 -12.16
CA THR C 293 29.98 19.89 -12.20
C THR C 293 28.46 19.75 -12.18
N THR C 294 27.78 20.89 -12.01
CA THR C 294 26.33 20.89 -11.94
C THR C 294 25.70 20.69 -13.32
N GLU C 295 26.27 21.32 -14.34
CA GLU C 295 25.65 21.33 -15.67
C GLU C 295 25.59 19.94 -16.29
N GLU C 296 26.68 19.17 -16.16
CA GLU C 296 26.69 17.81 -16.70
C GLU C 296 25.67 16.94 -15.98
N GLY C 297 25.59 17.06 -14.65
CA GLY C 297 24.60 16.31 -13.91
C GLY C 297 23.18 16.68 -14.28
N MET C 298 22.93 17.97 -14.51
CA MET C 298 21.57 18.40 -14.86
C MET C 298 21.19 17.98 -16.27
N ILE C 299 22.12 18.03 -17.23
CA ILE C 299 21.75 17.56 -18.57
C ILE C 299 21.62 16.04 -18.57
N ARG C 300 22.36 15.33 -17.71
CA ARG C 300 22.14 13.90 -17.56
C ARG C 300 20.78 13.61 -16.95
N VAL C 301 20.36 14.43 -15.98
CA VAL C 301 19.01 14.27 -15.40
C VAL C 301 17.95 14.53 -16.45
N ARG C 302 18.11 15.60 -17.22
CA ARG C 302 17.14 15.92 -18.27
C ARG C 302 17.13 14.87 -19.37
N LYS C 303 18.24 14.16 -19.57
CA LYS C 303 18.25 13.04 -20.52
C LYS C 303 17.38 11.89 -20.04
N SER C 304 17.51 11.51 -18.77
CA SER C 304 16.71 10.42 -18.23
C SER C 304 15.32 10.91 -17.80
N LYS C 305 15.28 11.82 -16.83
CA LYS C 305 14.05 12.46 -16.35
C LYS C 305 13.03 11.45 -15.83
N GLY C 306 13.48 10.30 -15.36
CA GLY C 306 12.55 9.34 -14.79
C GLY C 306 12.79 9.01 -13.33
N LYS C 307 14.05 8.97 -12.90
CA LYS C 307 14.36 8.67 -11.50
C LYS C 307 15.76 9.20 -11.18
N TYR C 308 15.82 10.36 -10.52
CA TYR C 308 17.07 10.86 -9.96
C TYR C 308 16.77 11.99 -9.00
N ALA C 309 17.74 12.28 -8.14
CA ALA C 309 17.71 13.43 -7.25
C ALA C 309 19.15 13.84 -7.00
N TYR C 310 19.40 15.16 -7.00
CA TYR C 310 20.78 15.63 -6.93
C TYR C 310 21.10 16.34 -5.64
N LEU C 311 20.10 16.94 -4.98
CA LEU C 311 20.22 17.58 -3.67
C LEU C 311 21.24 18.73 -3.70
N LEU C 312 20.91 19.74 -4.49
CA LEU C 312 21.72 20.95 -4.61
C LEU C 312 21.09 22.08 -3.78
N GLU C 313 21.76 23.24 -3.78
CA GLU C 313 21.39 24.32 -2.88
C GLU C 313 20.08 24.96 -3.36
N SER C 314 19.35 25.59 -2.42
CA SER C 314 17.98 26.03 -2.69
C SER C 314 17.91 27.07 -3.80
N THR C 315 18.84 28.04 -3.81
CA THR C 315 18.77 29.12 -4.80
C THR C 315 18.95 28.59 -6.21
N MET C 316 19.92 27.70 -6.43
CA MET C 316 20.16 27.18 -7.76
C MET C 316 18.96 26.36 -8.24
N ASN C 317 18.35 25.59 -7.34
CA ASN C 317 17.18 24.81 -7.70
C ASN C 317 16.00 25.72 -8.05
N GLU C 318 15.84 26.82 -7.32
CA GLU C 318 14.78 27.77 -7.66
C GLU C 318 15.04 28.42 -9.01
N TYR C 319 16.30 28.74 -9.31
CA TYR C 319 16.63 29.32 -10.61
C TYR C 319 16.33 28.34 -11.74
N ILE C 320 16.67 27.06 -11.54
CA ILE C 320 16.33 26.05 -12.53
C ILE C 320 14.82 25.89 -12.65
N GLU C 321 14.10 26.04 -11.53
CA GLU C 321 12.64 26.05 -11.56
C GLU C 321 12.11 27.19 -12.41
N GLN C 322 12.84 28.30 -12.46
CA GLN C 322 12.47 29.43 -13.31
C GLN C 322 13.30 29.47 -14.59
N ARG C 323 13.61 28.30 -15.16
CA ARG C 323 14.35 28.21 -16.41
C ARG C 323 13.50 27.57 -17.49
N LYS C 324 13.79 27.95 -18.74
CA LYS C 324 12.97 27.53 -19.87
C LYS C 324 12.85 26.02 -20.09
N PRO C 325 13.80 25.16 -19.69
CA PRO C 325 13.52 23.71 -19.74
C PRO C 325 12.26 23.29 -19.01
N CYS C 326 11.99 23.85 -17.83
CA CYS C 326 10.78 23.58 -17.04
C CYS C 326 10.61 22.08 -16.77
N ASP C 327 11.71 21.40 -16.48
CA ASP C 327 11.75 19.94 -16.48
C ASP C 327 11.84 19.35 -15.08
N THR C 328 11.48 20.10 -14.04
CA THR C 328 11.59 19.59 -12.68
C THR C 328 10.52 20.23 -11.80
N MET C 329 10.29 19.59 -10.65
CA MET C 329 9.41 20.12 -9.62
C MET C 329 10.11 20.02 -8.27
N LYS C 330 9.95 21.07 -7.45
CA LYS C 330 10.58 21.15 -6.14
C LYS C 330 9.59 20.71 -5.08
N VAL C 331 10.03 19.81 -4.19
CA VAL C 331 9.18 19.25 -3.15
C VAL C 331 9.99 19.17 -1.86
N GLY C 332 9.29 19.23 -0.73
CA GLY C 332 9.92 19.11 0.56
C GLY C 332 10.47 20.43 1.07
N GLY C 333 11.27 20.32 2.14
CA GLY C 333 11.82 21.48 2.78
C GLY C 333 13.34 21.47 2.83
N ASN C 334 13.91 22.33 3.67
CA ASN C 334 15.36 22.43 3.79
C ASN C 334 15.89 21.37 4.73
N LEU C 335 16.90 20.62 4.28
CA LEU C 335 17.51 19.60 5.11
C LEU C 335 18.29 20.22 6.27
N ASP C 336 19.00 21.30 6.00
CA ASP C 336 19.81 21.98 7.01
C ASP C 336 19.38 23.45 7.10
N SER C 337 20.13 24.23 7.88
CA SER C 337 19.83 25.62 8.15
C SER C 337 21.04 26.50 7.84
N LYS C 338 21.65 26.29 6.67
CA LYS C 338 22.76 27.10 6.25
C LYS C 338 22.30 28.52 5.90
N GLY C 339 23.25 29.46 5.93
CA GLY C 339 22.95 30.84 5.65
C GLY C 339 24.08 31.53 4.92
N TYR C 340 23.76 32.71 4.39
CA TYR C 340 24.71 33.58 3.73
C TYR C 340 25.12 34.71 4.68
N GLY C 341 25.82 35.71 4.15
CA GLY C 341 26.18 36.87 4.94
C GLY C 341 27.15 37.75 4.21
N ILE C 342 27.36 38.93 4.79
CA ILE C 342 28.32 39.89 4.28
C ILE C 342 29.63 39.71 5.03
N ALA C 343 30.73 40.08 4.39
CA ALA C 343 32.07 39.84 4.93
C ALA C 343 32.80 41.16 5.12
N THR C 344 33.36 41.34 6.32
CA THR C 344 34.11 42.54 6.69
C THR C 344 35.37 42.11 7.45
N PRO C 345 36.43 42.90 7.38
CA PRO C 345 37.63 42.60 8.16
C PRO C 345 37.46 43.01 9.62
N LYS C 346 38.45 42.63 10.43
CA LYS C 346 38.42 42.90 11.85
C LYS C 346 38.88 44.33 12.14
N GLY C 347 38.14 45.03 13.00
CA GLY C 347 38.51 46.37 13.39
C GLY C 347 38.19 47.45 12.39
N SER C 348 37.51 47.11 11.30
CA SER C 348 37.16 48.10 10.29
C SER C 348 36.03 49.00 10.78
N ALA C 349 35.95 50.19 10.19
CA ALA C 349 34.89 51.14 10.51
C ALA C 349 33.59 50.83 9.79
N LEU C 350 33.57 49.84 8.91
CA LEU C 350 32.39 49.47 8.15
C LEU C 350 31.87 48.09 8.55
N ARG C 351 31.86 47.80 9.85
CA ARG C 351 31.35 46.55 10.39
C ARG C 351 29.98 46.72 11.04
N ASN C 352 29.82 47.78 11.83
CA ASN C 352 28.57 48.14 12.50
C ASN C 352 27.60 48.79 11.52
N PRO C 353 28.00 49.78 10.69
CA PRO C 353 27.04 50.32 9.71
C PRO C 353 26.49 49.28 8.74
N VAL C 354 27.33 48.34 8.29
CA VAL C 354 26.81 47.31 7.38
C VAL C 354 25.86 46.36 8.11
N ASN C 355 26.09 46.13 9.41
CA ASN C 355 25.17 45.31 10.20
C ASN C 355 23.80 45.99 10.31
N LEU C 356 23.79 47.28 10.66
CA LEU C 356 22.52 48.00 10.71
C LEU C 356 21.86 48.09 9.34
N ALA C 357 22.66 48.22 8.28
CA ALA C 357 22.10 48.30 6.93
C ALA C 357 21.44 46.98 6.53
N VAL C 358 22.12 45.85 6.76
CA VAL C 358 21.55 44.57 6.37
C VAL C 358 20.33 44.23 7.24
N LEU C 359 20.34 44.66 8.51
CA LEU C 359 19.14 44.46 9.33
C LEU C 359 18.00 45.34 8.87
N LYS C 360 18.31 46.55 8.37
CA LYS C 360 17.27 47.42 7.84
C LYS C 360 16.65 46.83 6.57
N LEU C 361 17.48 46.28 5.69
CA LEU C 361 16.95 45.57 4.51
C LEU C 361 16.14 44.35 4.90
N ASN C 362 16.56 43.62 5.94
CA ASN C 362 15.79 42.47 6.39
C ASN C 362 14.43 42.88 6.95
N GLU C 363 14.40 43.99 7.70
CA GLU C 363 13.14 44.42 8.33
C GLU C 363 12.20 45.05 7.31
N GLN C 364 12.73 45.84 6.38
CA GLN C 364 11.89 46.60 5.46
C GLN C 364 11.22 45.72 4.41
N GLY C 365 11.74 44.51 4.18
CA GLY C 365 11.18 43.65 3.16
C GLY C 365 11.67 43.94 1.76
N LEU C 366 12.59 44.88 1.58
CA LEU C 366 13.16 45.14 0.26
C LEU C 366 13.99 43.97 -0.25
N LEU C 367 14.54 43.15 0.67
CA LEU C 367 15.20 41.92 0.26
C LEU C 367 14.22 40.98 -0.44
N ASP C 368 13.02 40.84 0.13
CA ASP C 368 11.98 40.05 -0.52
C ASP C 368 11.53 40.66 -1.83
N LYS C 369 11.51 41.99 -1.92
CA LYS C 369 11.18 42.65 -3.18
C LYS C 369 12.19 42.33 -4.26
N LEU C 370 13.48 42.42 -3.93
CA LEU C 370 14.53 42.09 -4.88
C LEU C 370 14.48 40.62 -5.26
N LYS C 371 14.22 39.74 -4.28
CA LYS C 371 14.12 38.32 -4.56
C LYS C 371 12.97 38.03 -5.52
N ASN C 372 11.80 38.64 -5.28
CA ASN C 372 10.67 38.43 -6.17
C ASN C 372 10.96 38.97 -7.57
N LYS C 373 11.56 40.16 -7.66
CA LYS C 373 11.84 40.78 -8.95
C LYS C 373 12.84 39.97 -9.76
N TRP C 374 13.92 39.50 -9.13
CA TRP C 374 15.00 38.83 -9.83
C TRP C 374 14.90 37.31 -9.78
N TRP C 375 13.82 36.77 -9.23
CA TRP C 375 13.61 35.32 -9.23
C TRP C 375 12.27 34.88 -9.79
N TYR C 376 11.29 35.76 -9.89
CA TYR C 376 10.00 35.34 -10.45
C TYR C 376 9.53 36.22 -11.59
N ASP C 377 9.80 37.53 -11.53
CA ASP C 377 9.37 38.43 -12.60
C ASP C 377 10.20 38.23 -13.87
N LYS C 378 11.52 38.09 -13.72
CA LYS C 378 12.39 37.93 -14.87
C LYS C 378 12.39 36.51 -15.42
N GLY C 379 11.89 35.55 -14.67
CA GLY C 379 11.83 34.17 -15.12
C GLY C 379 10.93 33.96 -16.31
N GLU C 380 11.45 33.30 -17.35
CA GLU C 380 10.67 33.05 -18.56
C GLU C 380 9.79 31.81 -18.45
N CYS C 381 9.90 31.05 -17.36
CA CYS C 381 9.12 29.84 -17.17
C CYS C 381 8.38 29.91 -15.84
N GLY C 382 7.16 29.38 -15.82
CA GLY C 382 6.36 29.41 -14.61
C GLY C 382 5.94 30.79 -14.18
N SER C 383 5.53 31.63 -15.14
CA SER C 383 5.00 32.94 -14.79
C SER C 383 3.71 32.81 -13.97
N GLY C 384 2.85 31.87 -14.36
CA GLY C 384 1.68 31.49 -13.57
C GLY C 384 2.00 30.18 -12.88
N GLY C 385 2.43 30.28 -11.61
CA GLY C 385 2.84 29.09 -10.87
C GLY C 385 1.67 28.14 -10.63
N GLY C 386 0.48 28.69 -10.36
CA GLY C 386 -0.71 27.87 -10.10
C GLY C 386 -1.45 27.59 -11.40
N ASP C 387 -0.74 26.95 -12.33
CA ASP C 387 -1.32 26.58 -13.61
C ASP C 387 -2.09 25.27 -13.54
N SER C 388 -1.74 24.42 -12.56
CA SER C 388 -2.43 23.15 -12.34
C SER C 388 -2.51 22.92 -10.83
N LYS C 389 -3.62 23.34 -10.24
CA LYS C 389 -3.82 23.18 -8.80
C LYS C 389 -5.20 22.67 -8.43
N ASP C 390 -6.09 22.45 -9.40
CA ASP C 390 -7.41 21.92 -9.08
C ASP C 390 -7.32 20.47 -8.58
N LYS C 391 -6.43 19.68 -9.18
CA LYS C 391 -6.21 18.28 -8.81
C LYS C 391 -7.49 17.46 -8.89
N THR C 392 -8.28 17.70 -9.94
CA THR C 392 -9.52 16.96 -10.15
C THR C 392 -9.18 15.55 -10.63
N SER C 393 -9.11 14.61 -9.69
CA SER C 393 -8.72 13.23 -9.99
C SER C 393 -9.98 12.41 -10.26
N ALA C 394 -10.40 12.40 -11.51
CA ALA C 394 -11.56 11.61 -11.94
C ALA C 394 -11.44 11.35 -13.44
N LEU C 395 -12.22 10.40 -13.91
CA LEU C 395 -12.29 10.09 -15.34
C LEU C 395 -12.94 11.26 -16.06
N SER C 396 -12.14 12.01 -16.80
CA SER C 396 -12.61 13.15 -17.56
C SER C 396 -12.99 12.70 -18.98
N LEU C 397 -13.22 13.67 -19.86
CA LEU C 397 -13.55 13.38 -21.26
C LEU C 397 -12.32 13.14 -22.12
N SER C 398 -11.11 13.31 -21.57
CA SER C 398 -9.89 13.18 -22.34
C SER C 398 -9.41 11.74 -22.49
N ASN C 399 -9.96 10.81 -21.72
CA ASN C 399 -9.55 9.41 -21.80
C ASN C 399 -10.69 8.44 -22.06
N VAL C 400 -11.95 8.84 -21.85
CA VAL C 400 -13.08 7.96 -22.11
C VAL C 400 -13.78 8.29 -23.44
N ALA C 401 -13.22 9.23 -24.22
CA ALA C 401 -13.86 9.65 -25.46
C ALA C 401 -13.79 8.60 -26.56
N GLY C 402 -13.01 7.53 -26.38
CA GLY C 402 -12.95 6.48 -27.39
C GLY C 402 -14.29 5.80 -27.60
N VAL C 403 -15.01 5.53 -26.51
CA VAL C 403 -16.32 4.92 -26.63
C VAL C 403 -17.29 5.88 -27.33
N PHE C 404 -17.16 7.18 -27.09
CA PHE C 404 -18.01 8.14 -27.78
C PHE C 404 -17.71 8.16 -29.28
N TYR C 405 -16.43 8.09 -29.65
CA TYR C 405 -16.07 8.08 -31.06
C TYR C 405 -16.60 6.83 -31.77
N ILE C 406 -16.46 5.65 -31.14
CA ILE C 406 -16.97 4.46 -31.81
C ILE C 406 -18.50 4.45 -31.78
N LEU C 407 -19.10 5.11 -30.79
CA LEU C 407 -20.55 5.29 -30.75
C LEU C 407 -21.04 6.10 -31.93
N ILE C 408 -20.37 7.23 -32.19
CA ILE C 408 -20.74 8.09 -33.32
C ILE C 408 -20.52 7.36 -34.63
N GLY C 409 -19.42 6.61 -34.74
CA GLY C 409 -19.20 5.83 -35.94
C GLY C 409 -20.24 4.76 -36.17
N GLY C 410 -20.65 4.08 -35.10
CA GLY C 410 -21.67 3.05 -35.24
C GLY C 410 -23.02 3.62 -35.64
N LEU C 411 -23.40 4.75 -35.05
CA LEU C 411 -24.64 5.40 -35.49
C LEU C 411 -24.53 5.94 -36.91
N GLY C 412 -23.34 6.37 -37.33
CA GLY C 412 -23.17 6.78 -38.72
C GLY C 412 -23.39 5.63 -39.69
N LEU C 413 -22.78 4.48 -39.41
CA LEU C 413 -23.01 3.30 -40.24
C LEU C 413 -24.46 2.85 -40.18
N ALA C 414 -25.10 2.97 -39.00
CA ALA C 414 -26.49 2.60 -38.87
C ALA C 414 -27.40 3.48 -39.72
N MET C 415 -27.15 4.80 -39.74
CA MET C 415 -28.00 5.66 -40.54
C MET C 415 -27.72 5.50 -42.03
N LEU C 416 -26.46 5.22 -42.41
CA LEU C 416 -26.21 4.94 -43.84
C LEU C 416 -26.89 3.64 -44.29
N VAL C 417 -26.84 2.59 -43.47
CA VAL C 417 -27.51 1.36 -43.90
C VAL C 417 -29.03 1.50 -43.85
N ALA C 418 -29.55 2.34 -42.94
CA ALA C 418 -30.97 2.64 -42.96
C ALA C 418 -31.37 3.39 -44.23
N LEU C 419 -30.53 4.34 -44.66
CA LEU C 419 -30.78 5.05 -45.92
C LEU C 419 -30.68 4.10 -47.11
N ILE C 420 -29.75 3.15 -47.05
CA ILE C 420 -29.62 2.15 -48.11
C ILE C 420 -30.88 1.29 -48.21
N GLU C 421 -31.40 0.85 -47.06
CA GLU C 421 -32.64 0.09 -47.05
C GLU C 421 -33.81 0.93 -47.57
N PHE C 422 -33.87 2.21 -47.18
CA PHE C 422 -34.95 3.08 -47.62
C PHE C 422 -34.91 3.30 -49.13
N CYS C 423 -33.72 3.52 -49.69
CA CYS C 423 -33.62 3.74 -51.13
C CYS C 423 -33.79 2.44 -51.91
N TYR C 424 -33.47 1.30 -51.30
CA TYR C 424 -33.80 0.01 -51.92
C TYR C 424 -35.31 -0.20 -51.97
N LYS C 425 -36.01 0.21 -50.91
CA LYS C 425 -37.47 0.15 -50.92
C LYS C 425 -38.04 1.10 -51.96
N SER C 426 -37.47 2.31 -52.07
CA SER C 426 -37.98 3.31 -53.00
C SER C 426 -37.73 2.94 -54.47
N ARG C 427 -36.87 1.96 -54.74
CA ARG C 427 -36.60 1.55 -56.11
C ARG C 427 -37.78 0.78 -56.70
N VAL D 1 53.38 -14.54 14.29
CA VAL D 1 52.15 -15.31 14.43
C VAL D 1 51.53 -15.56 13.06
N VAL D 2 51.28 -16.82 12.74
CA VAL D 2 50.72 -17.23 11.45
C VAL D 2 49.29 -17.69 11.68
N VAL D 3 48.36 -17.08 10.94
CA VAL D 3 46.96 -17.46 10.96
C VAL D 3 46.56 -17.88 9.55
N THR D 4 45.77 -18.94 9.44
CA THR D 4 45.42 -19.54 8.16
C THR D 4 43.91 -19.52 7.95
N THR D 5 43.52 -19.51 6.68
CA THR D 5 42.11 -19.56 6.29
C THR D 5 42.02 -20.15 4.89
N ILE D 6 40.83 -20.58 4.53
CA ILE D 6 40.59 -21.18 3.23
C ILE D 6 40.19 -20.09 2.24
N MET D 7 40.59 -20.28 0.98
CA MET D 7 40.30 -19.31 -0.07
C MET D 7 39.06 -19.65 -0.87
N GLU D 8 38.66 -20.92 -0.92
CA GLU D 8 37.49 -21.35 -1.67
C GLU D 8 36.22 -21.26 -0.82
N SER D 9 35.96 -20.08 -0.27
CA SER D 9 34.81 -19.83 0.57
C SER D 9 34.20 -18.49 0.20
N PRO D 10 32.88 -18.33 0.38
CA PRO D 10 32.27 -17.01 0.15
C PRO D 10 32.47 -16.05 1.32
N TYR D 11 33.66 -16.05 1.90
CA TYR D 11 34.02 -15.17 3.01
C TYR D 11 35.27 -14.35 2.75
N VAL D 12 36.13 -14.77 1.82
CA VAL D 12 37.34 -14.04 1.47
C VAL D 12 37.36 -13.82 -0.03
N MET D 13 38.07 -12.79 -0.46
CA MET D 13 38.15 -12.46 -1.88
C MET D 13 39.43 -11.68 -2.13
N TYR D 14 39.84 -11.65 -3.40
CA TYR D 14 41.00 -10.90 -3.84
C TYR D 14 40.56 -9.50 -4.26
N LYS D 15 41.25 -8.48 -3.75
CA LYS D 15 40.92 -7.11 -4.08
C LYS D 15 41.31 -6.81 -5.53
N LYS D 16 40.33 -6.37 -6.32
CA LYS D 16 40.48 -6.10 -7.75
C LYS D 16 41.06 -7.29 -8.49
N ASN D 17 41.99 -7.04 -9.41
CA ASN D 17 42.65 -8.10 -10.17
C ASN D 17 44.02 -8.43 -9.62
N HIS D 18 44.91 -7.43 -9.55
CA HIS D 18 46.26 -7.65 -9.07
C HIS D 18 46.84 -6.32 -8.60
N GLU D 19 47.77 -6.40 -7.64
CA GLU D 19 48.50 -5.24 -7.11
C GLU D 19 47.55 -4.18 -6.54
N MET D 20 46.50 -4.64 -5.87
CA MET D 20 45.54 -3.77 -5.21
C MET D 20 45.74 -3.93 -3.70
N PHE D 21 46.45 -2.95 -3.11
CA PHE D 21 46.80 -2.95 -1.68
C PHE D 21 47.55 -4.23 -1.30
N GLU D 22 48.70 -4.42 -1.94
CA GLU D 22 49.50 -5.61 -1.72
C GLU D 22 50.07 -5.64 -0.30
N GLY D 23 50.05 -6.81 0.31
CA GLY D 23 50.53 -7.00 1.66
C GLY D 23 49.56 -7.86 2.44
N ASN D 24 49.67 -7.78 3.77
CA ASN D 24 48.77 -8.54 4.64
C ASN D 24 47.34 -8.04 4.53
N ASP D 25 47.15 -6.73 4.43
CA ASP D 25 45.82 -6.13 4.33
C ASP D 25 45.37 -6.02 2.87
N LYS D 26 45.33 -7.18 2.21
CA LYS D 26 44.95 -7.26 0.81
C LYS D 26 43.55 -7.81 0.60
N TYR D 27 43.15 -8.81 1.37
CA TYR D 27 41.86 -9.47 1.18
C TYR D 27 40.79 -8.81 2.05
N GLU D 28 39.56 -8.79 1.53
CA GLU D 28 38.42 -8.24 2.23
C GLU D 28 37.30 -9.26 2.29
N GLY D 29 36.50 -9.18 3.34
CA GLY D 29 35.39 -10.09 3.52
C GLY D 29 35.07 -10.25 4.99
N TYR D 30 34.20 -11.23 5.26
CA TYR D 30 33.78 -11.48 6.64
C TYR D 30 34.90 -12.12 7.46
N CYS D 31 35.57 -13.11 6.89
CA CYS D 31 36.53 -13.90 7.67
C CYS D 31 37.76 -13.08 8.05
N VAL D 32 38.33 -12.34 7.10
CA VAL D 32 39.54 -11.58 7.38
C VAL D 32 39.25 -10.43 8.34
N ASP D 33 38.09 -9.80 8.21
CA ASP D 33 37.77 -8.69 9.10
C ASP D 33 37.46 -9.20 10.50
N LEU D 34 36.81 -10.37 10.60
CA LEU D 34 36.60 -11.00 11.90
C LEU D 34 37.93 -11.39 12.55
N ALA D 35 38.87 -11.90 11.76
CA ALA D 35 40.19 -12.24 12.27
C ALA D 35 40.92 -10.99 12.76
N SER D 36 40.83 -9.89 12.01
CA SER D 36 41.44 -8.64 12.45
C SER D 36 40.79 -8.12 13.74
N GLU D 37 39.47 -8.26 13.84
CA GLU D 37 38.76 -7.81 15.04
C GLU D 37 39.15 -8.62 16.27
N ILE D 38 39.27 -9.93 16.13
CA ILE D 38 39.68 -10.74 17.27
C ILE D 38 41.18 -10.63 17.55
N ALA D 39 41.97 -10.21 16.56
CA ALA D 39 43.39 -9.96 16.80
C ALA D 39 43.60 -8.63 17.52
N LYS D 40 42.77 -7.62 17.21
CA LYS D 40 42.91 -6.32 17.84
C LYS D 40 42.50 -6.33 19.31
N HIS D 41 41.76 -7.34 19.75
CA HIS D 41 41.33 -7.40 21.15
C HIS D 41 42.44 -7.94 22.04
N ILE D 42 42.88 -9.17 21.80
CA ILE D 42 43.93 -9.77 22.62
C ILE D 42 45.28 -9.14 22.31
N GLY D 43 45.51 -8.76 21.06
CA GLY D 43 46.77 -8.19 20.65
C GLY D 43 47.73 -9.12 19.96
N ILE D 44 47.23 -10.07 19.17
CA ILE D 44 48.07 -11.01 18.47
C ILE D 44 48.49 -10.42 17.13
N LYS D 45 49.56 -10.98 16.55
CA LYS D 45 50.11 -10.48 15.29
C LYS D 45 49.32 -11.05 14.13
N TYR D 46 48.61 -10.20 13.40
CA TYR D 46 47.84 -10.62 12.25
C TYR D 46 48.76 -10.89 11.06
N LYS D 47 48.42 -11.90 10.28
CA LYS D 47 49.19 -12.27 9.09
C LYS D 47 48.27 -13.00 8.12
N ILE D 48 48.84 -13.55 7.06
CA ILE D 48 48.11 -14.33 6.07
C ILE D 48 48.91 -15.59 5.76
N ALA D 49 48.19 -16.72 5.64
CA ALA D 49 48.78 -17.98 5.23
C ALA D 49 48.11 -18.55 3.99
N ILE D 50 46.78 -18.62 3.98
CA ILE D 50 45.90 -19.11 2.90
C ILE D 50 46.45 -20.31 2.14
N VAL D 51 47.09 -21.23 2.85
CA VAL D 51 47.66 -22.41 2.19
C VAL D 51 46.52 -23.33 1.72
N PRO D 52 46.55 -23.78 0.46
CA PRO D 52 45.49 -24.69 0.00
C PRO D 52 45.88 -26.15 0.07
N ASP D 53 44.88 -27.04 0.11
CA ASP D 53 45.12 -28.47 0.09
C ASP D 53 44.15 -29.24 -0.78
N GLY D 54 43.23 -28.57 -1.48
CA GLY D 54 42.22 -29.24 -2.27
C GLY D 54 41.06 -29.79 -1.48
N LYS D 55 41.04 -29.59 -0.17
CA LYS D 55 39.96 -30.08 0.69
C LYS D 55 39.92 -29.23 1.95
N TYR D 56 38.72 -29.15 2.53
CA TYR D 56 38.54 -28.29 3.70
C TYR D 56 39.08 -28.94 4.97
N GLY D 57 39.33 -30.25 4.95
CA GLY D 57 39.81 -30.98 6.10
C GLY D 57 39.13 -32.31 6.27
N ALA D 58 39.91 -33.38 6.33
CA ALA D 58 39.36 -34.73 6.41
C ALA D 58 40.39 -35.65 7.02
N ARG D 59 39.95 -36.87 7.34
CA ARG D 59 40.83 -37.88 7.95
C ARG D 59 40.51 -39.22 7.29
N ASP D 60 41.33 -39.61 6.32
CA ASP D 60 41.17 -40.92 5.69
C ASP D 60 41.58 -42.02 6.66
N ALA D 61 40.83 -43.12 6.64
CA ALA D 61 41.08 -44.20 7.59
C ALA D 61 42.36 -44.96 7.26
N ASP D 62 42.57 -45.29 5.99
CA ASP D 62 43.73 -46.08 5.62
C ASP D 62 45.01 -45.26 5.61
N THR D 63 44.95 -43.99 5.22
CA THR D 63 46.15 -43.15 5.25
C THR D 63 46.50 -42.70 6.66
N LYS D 64 45.47 -42.46 7.48
CA LYS D 64 45.62 -41.91 8.84
C LYS D 64 46.40 -40.59 8.82
N ILE D 65 46.15 -39.78 7.79
CA ILE D 65 46.81 -38.50 7.63
C ILE D 65 45.72 -37.43 7.50
N TRP D 66 45.75 -36.45 8.39
CA TRP D 66 44.79 -35.36 8.34
C TRP D 66 45.21 -34.34 7.28
N ASN D 67 44.22 -33.66 6.72
CA ASN D 67 44.44 -32.67 5.66
C ASN D 67 43.67 -31.40 5.98
N GLY D 68 43.80 -30.41 5.10
CA GLY D 68 43.08 -29.17 5.27
C GLY D 68 43.66 -28.31 6.39
N MET D 69 42.82 -27.38 6.88
CA MET D 69 43.23 -26.52 7.99
C MET D 69 43.47 -27.33 9.26
N VAL D 70 42.60 -28.32 9.52
CA VAL D 70 42.80 -29.18 10.67
C VAL D 70 44.04 -30.06 10.50
N GLY D 71 44.34 -30.47 9.25
CA GLY D 71 45.57 -31.21 9.01
C GLY D 71 46.81 -30.37 9.23
N GLU D 72 46.75 -29.09 8.87
CA GLU D 72 47.84 -28.18 9.19
C GLU D 72 47.96 -27.98 10.70
N LEU D 73 46.82 -27.91 11.39
CA LEU D 73 46.84 -27.68 12.83
C LEU D 73 47.43 -28.85 13.60
N VAL D 74 47.08 -30.09 13.21
CA VAL D 74 47.49 -31.24 14.01
C VAL D 74 49.00 -31.48 13.91
N TYR D 75 49.57 -31.33 12.72
CA TYR D 75 51.01 -31.53 12.56
C TYR D 75 51.81 -30.29 12.90
N GLY D 76 51.23 -29.11 12.71
CA GLY D 76 51.83 -27.88 13.19
C GLY D 76 52.50 -27.03 12.14
N LYS D 77 51.78 -26.01 11.67
CA LYS D 77 52.38 -24.93 10.90
C LYS D 77 51.76 -23.58 11.24
N ALA D 78 50.80 -23.54 12.16
CA ALA D 78 50.14 -22.32 12.60
C ALA D 78 49.51 -22.59 13.95
N GLU D 79 49.18 -21.50 14.66
CA GLU D 79 48.59 -21.60 15.98
C GLU D 79 47.16 -21.10 16.06
N ILE D 80 46.74 -20.24 15.15
CA ILE D 80 45.38 -19.74 15.09
C ILE D 80 44.83 -20.07 13.71
N ALA D 81 43.61 -20.63 13.66
CA ALA D 81 42.97 -20.98 12.41
C ALA D 81 41.51 -20.53 12.47
N ILE D 82 41.16 -19.54 11.66
CA ILE D 82 39.78 -19.10 11.50
C ILE D 82 39.31 -19.52 10.11
N ALA D 83 38.31 -20.39 10.07
CA ALA D 83 37.85 -21.01 8.84
C ALA D 83 36.49 -21.66 9.12
N PRO D 84 35.65 -21.82 8.09
CA PRO D 84 34.30 -22.37 8.32
C PRO D 84 34.28 -23.87 8.56
N LEU D 85 34.50 -24.20 9.83
CA LEU D 85 34.58 -25.56 10.35
C LEU D 85 33.26 -25.98 10.96
N THR D 86 32.68 -27.07 10.43
CA THR D 86 31.55 -27.72 11.06
C THR D 86 32.09 -28.67 12.12
N ILE D 87 31.92 -28.31 13.39
CA ILE D 87 32.54 -29.06 14.48
C ILE D 87 31.79 -30.37 14.68
N THR D 88 32.52 -31.48 14.66
CA THR D 88 31.95 -32.81 14.83
C THR D 88 32.87 -33.60 15.76
N LEU D 89 32.63 -34.91 15.83
CA LEU D 89 33.34 -35.75 16.79
C LEU D 89 34.80 -35.96 16.38
N VAL D 90 35.03 -36.50 15.18
CA VAL D 90 36.34 -37.04 14.81
C VAL D 90 37.41 -35.95 14.77
N ARG D 91 37.02 -34.71 14.50
CA ARG D 91 37.93 -33.58 14.65
C ARG D 91 38.02 -33.10 16.09
N GLU D 92 37.08 -33.48 16.94
CA GLU D 92 37.11 -33.03 18.33
C GLU D 92 38.03 -33.90 19.18
N GLU D 93 38.11 -35.21 18.93
CA GLU D 93 39.08 -35.96 19.75
C GLU D 93 40.54 -35.63 19.42
N VAL D 94 40.82 -34.96 18.31
CA VAL D 94 42.20 -34.65 17.92
C VAL D 94 42.63 -33.29 18.43
N ILE D 95 41.85 -32.24 18.12
CA ILE D 95 42.12 -30.90 18.59
C ILE D 95 40.85 -30.32 19.19
N ASP D 96 41.01 -29.30 20.02
CA ASP D 96 39.88 -28.66 20.68
C ASP D 96 39.15 -27.73 19.71
N PHE D 97 38.11 -27.08 20.22
CA PHE D 97 37.36 -26.10 19.44
C PHE D 97 36.81 -25.04 20.39
N SER D 98 36.48 -23.89 19.83
CA SER D 98 35.95 -22.77 20.60
C SER D 98 34.45 -22.64 20.38
N LYS D 99 33.87 -21.64 21.01
CA LYS D 99 32.43 -21.43 20.91
C LYS D 99 32.08 -20.89 19.53
N PRO D 100 31.11 -21.49 18.83
CA PRO D 100 30.75 -20.98 17.50
C PRO D 100 30.14 -19.59 17.57
N PHE D 101 30.41 -18.80 16.53
CA PHE D 101 29.92 -17.43 16.47
C PHE D 101 28.65 -17.28 15.63
N MET D 102 28.19 -18.35 14.98
CA MET D 102 27.01 -18.26 14.15
C MET D 102 26.31 -19.62 14.11
N SER D 103 25.02 -19.58 13.78
CA SER D 103 24.23 -20.80 13.70
C SER D 103 24.42 -21.47 12.33
N LEU D 104 23.81 -22.64 12.18
CA LEU D 104 23.90 -23.41 10.95
C LEU D 104 22.59 -24.16 10.76
N GLY D 105 22.59 -25.15 9.86
CA GLY D 105 21.42 -25.95 9.61
C GLY D 105 21.11 -26.10 8.13
N ILE D 106 20.72 -27.30 7.73
CA ILE D 106 20.36 -27.55 6.33
C ILE D 106 19.00 -26.93 6.03
N SER D 107 18.93 -26.15 4.97
CA SER D 107 17.69 -25.50 4.55
C SER D 107 17.40 -25.86 3.10
N ILE D 108 16.12 -26.11 2.81
CA ILE D 108 15.74 -26.49 1.45
C ILE D 108 15.83 -25.28 0.54
N MET D 109 16.10 -25.54 -0.74
CA MET D 109 16.24 -24.50 -1.75
C MET D 109 15.18 -24.71 -2.82
N ILE D 110 14.45 -23.65 -3.15
CA ILE D 110 13.48 -23.66 -4.24
C ILE D 110 13.60 -22.34 -4.99
N LYS D 111 13.54 -22.41 -6.32
CA LYS D 111 13.54 -21.20 -7.12
C LYS D 111 12.18 -20.51 -6.98
N LYS D 112 12.23 -19.20 -6.78
CA LYS D 112 11.00 -18.44 -6.55
C LYS D 112 10.23 -18.31 -7.86
N PRO D 113 9.00 -18.80 -7.94
CA PRO D 113 8.21 -18.63 -9.16
C PRO D 113 7.76 -17.19 -9.33
N GLN D 114 7.50 -16.83 -10.59
CA GLN D 114 7.13 -15.46 -10.94
C GLN D 114 5.61 -15.29 -11.04
N LYS D 115 4.96 -16.08 -11.89
CA LYS D 115 3.52 -15.98 -12.08
C LYS D 115 3.03 -17.30 -12.66
N SER D 116 1.70 -17.42 -12.76
CA SER D 116 1.06 -18.60 -13.31
C SER D 116 0.11 -18.19 -14.42
N LYS D 117 0.14 -18.93 -15.53
CA LYS D 117 -0.71 -18.68 -16.69
C LYS D 117 -1.42 -19.97 -17.08
N PRO D 118 -2.45 -20.37 -16.32
CA PRO D 118 -3.16 -21.60 -16.66
C PRO D 118 -4.28 -21.38 -17.66
N GLY D 119 -5.02 -22.44 -17.98
CA GLY D 119 -6.12 -22.36 -18.92
C GLY D 119 -7.47 -22.31 -18.25
N VAL D 120 -8.14 -23.46 -18.18
CA VAL D 120 -9.43 -23.56 -17.50
C VAL D 120 -9.27 -23.26 -16.01
N PHE D 121 -8.12 -23.64 -15.43
CA PHE D 121 -7.86 -23.35 -14.03
C PHE D 121 -7.78 -21.85 -13.77
N SER D 122 -7.33 -21.06 -14.75
CA SER D 122 -7.36 -19.61 -14.61
C SER D 122 -8.80 -19.10 -14.55
N PHE D 123 -9.68 -19.68 -15.36
CA PHE D 123 -11.09 -19.32 -15.32
C PHE D 123 -11.71 -19.69 -13.97
N LEU D 124 -11.38 -20.87 -13.46
CA LEU D 124 -11.99 -21.38 -12.23
C LEU D 124 -11.29 -20.89 -10.96
N ASP D 125 -10.20 -20.13 -11.11
CA ASP D 125 -9.46 -19.67 -9.93
C ASP D 125 -10.25 -18.76 -9.01
N PRO D 126 -10.96 -17.69 -9.48
CA PRO D 126 -11.68 -16.85 -8.52
C PRO D 126 -12.95 -17.49 -8.00
N LEU D 127 -13.66 -16.76 -7.14
CA LEU D 127 -14.88 -17.21 -6.46
C LEU D 127 -14.57 -18.48 -5.66
N ALA D 128 -14.99 -19.64 -6.17
CA ALA D 128 -14.69 -20.94 -5.57
C ALA D 128 -14.93 -22.01 -6.63
N TYR D 129 -15.06 -23.26 -6.20
CA TYR D 129 -15.40 -24.37 -7.09
C TYR D 129 -16.84 -24.82 -6.96
N GLU D 130 -17.30 -25.09 -5.72
CA GLU D 130 -18.66 -25.60 -5.52
C GLU D 130 -19.74 -24.56 -5.80
N ILE D 131 -19.38 -23.27 -5.81
CA ILE D 131 -20.37 -22.25 -6.12
C ILE D 131 -20.87 -22.40 -7.56
N TRP D 132 -20.00 -22.80 -8.49
CA TRP D 132 -20.40 -22.84 -9.90
C TRP D 132 -21.51 -23.84 -10.15
N MET D 133 -21.35 -25.08 -9.72
CA MET D 133 -22.51 -25.95 -9.92
C MET D 133 -23.59 -25.69 -8.88
N CYS D 134 -23.33 -24.92 -7.83
CA CYS D 134 -24.44 -24.46 -7.00
C CYS D 134 -25.36 -23.52 -7.78
N ILE D 135 -24.80 -22.57 -8.55
CA ILE D 135 -25.62 -21.76 -9.47
C ILE D 135 -26.27 -22.64 -10.53
N VAL D 136 -25.57 -23.63 -11.08
CA VAL D 136 -26.25 -24.37 -12.15
C VAL D 136 -27.42 -25.20 -11.58
N PHE D 137 -27.27 -25.72 -10.35
CA PHE D 137 -28.39 -26.39 -9.69
C PHE D 137 -29.53 -25.43 -9.42
N ALA D 138 -29.21 -24.22 -8.95
CA ALA D 138 -30.25 -23.22 -8.71
C ALA D 138 -30.95 -22.84 -10.00
N TYR D 139 -30.20 -22.71 -11.10
CA TYR D 139 -30.81 -22.38 -12.39
C TYR D 139 -31.73 -23.47 -12.88
N ILE D 140 -31.32 -24.74 -12.71
CA ILE D 140 -32.21 -25.86 -13.04
C ILE D 140 -33.46 -25.81 -12.19
N GLY D 141 -33.32 -25.50 -10.90
CA GLY D 141 -34.48 -25.40 -10.03
C GLY D 141 -35.46 -24.30 -10.44
N VAL D 142 -34.93 -23.11 -10.76
CA VAL D 142 -35.78 -22.02 -11.23
C VAL D 142 -36.45 -22.39 -12.55
N SER D 143 -35.72 -23.02 -13.46
CA SER D 143 -36.30 -23.40 -14.75
C SER D 143 -37.45 -24.39 -14.56
N VAL D 144 -37.24 -25.43 -13.73
CA VAL D 144 -38.28 -26.44 -13.57
C VAL D 144 -39.47 -25.87 -12.80
N VAL D 145 -39.23 -25.02 -11.80
CA VAL D 145 -40.35 -24.47 -11.06
C VAL D 145 -41.14 -23.49 -11.95
N LEU D 146 -40.46 -22.76 -12.83
CA LEU D 146 -41.17 -21.88 -13.76
C LEU D 146 -42.01 -22.68 -14.75
N PHE D 147 -41.46 -23.79 -15.26
CA PHE D 147 -42.23 -24.61 -16.20
C PHE D 147 -43.43 -25.27 -15.53
N LEU D 148 -43.27 -25.76 -14.30
CA LEU D 148 -44.42 -26.34 -13.59
C LEU D 148 -45.44 -25.29 -13.20
N VAL D 149 -44.99 -24.07 -12.87
CA VAL D 149 -45.94 -22.99 -12.59
C VAL D 149 -46.73 -22.63 -13.85
N SER D 150 -46.05 -22.55 -15.00
CA SER D 150 -46.74 -22.25 -16.25
C SER D 150 -47.71 -23.37 -16.65
N ARG D 151 -47.31 -24.63 -16.43
CA ARG D 151 -48.17 -25.75 -16.81
C ARG D 151 -49.37 -25.87 -15.87
N PHE D 152 -49.19 -25.57 -14.58
CA PHE D 152 -50.26 -25.73 -13.61
C PHE D 152 -51.36 -24.69 -13.83
N SER D 153 -50.97 -23.42 -14.00
CA SER D 153 -51.94 -22.34 -14.19
C SER D 153 -51.26 -21.21 -14.97
N PRO D 154 -51.37 -21.21 -16.30
CA PRO D 154 -50.77 -20.16 -17.14
C PRO D 154 -51.49 -18.82 -17.01
N ARG D 200 -47.64 -15.40 -16.21
CA ARG D 200 -47.03 -14.32 -15.47
C ARG D 200 -47.60 -14.22 -14.06
N SER D 201 -48.56 -13.31 -13.88
CA SER D 201 -49.26 -13.06 -12.62
C SER D 201 -48.25 -12.66 -11.56
N LEU D 202 -48.55 -12.93 -10.28
CA LEU D 202 -47.64 -12.54 -9.21
C LEU D 202 -46.42 -13.44 -9.15
N SER D 203 -46.62 -14.76 -9.31
CA SER D 203 -45.54 -15.72 -9.14
C SER D 203 -44.43 -15.51 -10.16
N GLY D 204 -44.79 -15.22 -11.41
CA GLY D 204 -43.78 -14.91 -12.41
C GLY D 204 -42.98 -13.67 -12.07
N ARG D 205 -43.64 -12.63 -11.56
CA ARG D 205 -42.95 -11.42 -11.15
C ARG D 205 -41.98 -11.70 -10.01
N ILE D 206 -42.41 -12.47 -9.01
CA ILE D 206 -41.53 -12.78 -7.89
C ILE D 206 -40.33 -13.62 -8.33
N VAL D 207 -40.56 -14.63 -9.17
CA VAL D 207 -39.45 -15.49 -9.57
C VAL D 207 -38.48 -14.73 -10.47
N GLY D 208 -38.99 -13.85 -11.34
CA GLY D 208 -38.10 -13.04 -12.15
C GLY D 208 -37.29 -12.06 -11.32
N GLY D 209 -37.93 -11.44 -10.33
CA GLY D 209 -37.21 -10.51 -9.46
C GLY D 209 -36.13 -11.19 -8.64
N VAL D 210 -36.43 -12.39 -8.10
CA VAL D 210 -35.44 -13.05 -7.27
C VAL D 210 -34.30 -13.61 -8.15
N TRP D 211 -34.60 -14.04 -9.38
CA TRP D 211 -33.53 -14.44 -10.28
C TRP D 211 -32.65 -13.25 -10.68
N TRP D 212 -33.27 -12.09 -10.89
CA TRP D 212 -32.50 -10.88 -11.18
C TRP D 212 -31.61 -10.49 -9.99
N PHE D 213 -32.15 -10.62 -8.77
CA PHE D 213 -31.35 -10.38 -7.57
C PHE D 213 -30.17 -11.34 -7.49
N PHE D 214 -30.43 -12.62 -7.81
CA PHE D 214 -29.36 -13.61 -7.82
C PHE D 214 -28.26 -13.27 -8.83
N THR D 215 -28.64 -12.91 -10.05
CA THR D 215 -27.61 -12.66 -11.05
C THR D 215 -26.82 -11.39 -10.72
N LEU D 216 -27.50 -10.35 -10.21
CA LEU D 216 -26.75 -9.15 -9.83
C LEU D 216 -25.81 -9.43 -8.67
N ILE D 217 -26.24 -10.20 -7.68
CA ILE D 217 -25.38 -10.41 -6.52
C ILE D 217 -24.19 -11.32 -6.89
N ILE D 218 -24.41 -12.32 -7.75
CA ILE D 218 -23.31 -13.21 -8.10
C ILE D 218 -22.30 -12.48 -8.97
N ILE D 219 -22.75 -11.63 -9.90
CA ILE D 219 -21.80 -10.88 -10.70
C ILE D 219 -21.08 -9.81 -9.88
N SER D 220 -21.76 -9.20 -8.91
CA SER D 220 -21.09 -8.26 -8.02
C SER D 220 -20.01 -8.94 -7.19
N SER D 221 -20.31 -10.11 -6.64
CA SER D 221 -19.31 -10.84 -5.87
C SER D 221 -18.14 -11.27 -6.73
N TYR D 222 -18.42 -11.77 -7.94
CA TYR D 222 -17.34 -12.18 -8.83
C TYR D 222 -16.46 -11.00 -9.24
N THR D 223 -17.08 -9.86 -9.58
CA THR D 223 -16.31 -8.69 -9.98
C THR D 223 -15.47 -8.18 -8.82
N ALA D 224 -16.02 -8.17 -7.61
CA ALA D 224 -15.26 -7.75 -6.44
C ALA D 224 -14.06 -8.67 -6.20
N ASN D 225 -14.28 -9.99 -6.29
CA ASN D 225 -13.18 -10.93 -6.07
C ASN D 225 -12.10 -10.79 -7.13
N LEU D 226 -12.50 -10.66 -8.39
CA LEU D 226 -11.52 -10.57 -9.47
C LEU D 226 -10.76 -9.26 -9.41
N ALA D 227 -11.44 -8.16 -9.04
CA ALA D 227 -10.76 -6.89 -8.86
C ALA D 227 -9.76 -6.95 -7.71
N ALA D 228 -10.15 -7.57 -6.59
CA ALA D 228 -9.23 -7.71 -5.47
C ALA D 228 -8.04 -8.58 -5.84
N PHE D 229 -8.24 -9.55 -6.73
CA PHE D 229 -7.12 -10.37 -7.20
C PHE D 229 -6.17 -9.53 -8.06
N LEU D 230 -6.71 -8.73 -8.99
CA LEU D 230 -5.85 -8.01 -9.93
C LEU D 230 -5.17 -6.78 -9.33
N THR D 231 -5.79 -6.09 -8.37
CA THR D 231 -5.15 -4.88 -7.82
C THR D 231 -3.84 -5.21 -7.11
N VAL D 232 -3.87 -6.14 -6.17
CA VAL D 232 -2.67 -6.60 -5.49
C VAL D 232 -2.70 -8.12 -5.41
N GLU D 233 -1.53 -8.72 -5.29
CA GLU D 233 -1.39 -10.17 -5.24
C GLU D 233 -0.55 -10.56 -4.03
N ARG D 234 -0.78 -11.78 -3.55
CA ARG D 234 -0.05 -12.33 -2.41
C ARG D 234 0.56 -13.67 -2.82
N MET D 235 1.84 -13.86 -2.49
CA MET D 235 2.58 -15.04 -2.88
C MET D 235 2.83 -15.88 -1.63
N VAL D 236 2.54 -17.18 -1.73
CA VAL D 236 2.72 -18.09 -0.60
C VAL D 236 3.60 -19.29 -0.94
N SER D 237 3.71 -19.68 -2.23
CA SER D 237 4.47 -20.80 -2.80
C SER D 237 3.90 -22.14 -2.35
N PRO D 238 3.97 -23.16 -3.22
CA PRO D 238 3.43 -24.48 -2.83
C PRO D 238 4.22 -25.18 -1.74
N ILE D 239 5.44 -24.74 -1.45
CA ILE D 239 6.28 -25.34 -0.42
C ILE D 239 6.18 -24.50 0.85
N GLU D 240 6.06 -25.16 1.99
CA GLU D 240 5.90 -24.45 3.25
C GLU D 240 6.83 -24.94 4.35
N SER D 241 7.10 -26.25 4.43
CA SER D 241 7.89 -26.79 5.51
C SER D 241 8.50 -28.11 5.07
N ALA D 242 9.46 -28.60 5.86
CA ALA D 242 10.13 -29.86 5.56
C ALA D 242 9.16 -31.03 5.63
N GLU D 243 8.26 -31.02 6.62
CA GLU D 243 7.23 -32.06 6.70
C GLU D 243 6.31 -32.01 5.49
N ASP D 244 5.89 -30.81 5.09
CA ASP D 244 5.12 -30.67 3.86
C ASP D 244 5.96 -31.03 2.64
N LEU D 245 7.27 -30.79 2.69
CA LEU D 245 8.15 -31.18 1.60
C LEU D 245 8.18 -32.70 1.43
N ALA D 246 8.21 -33.44 2.54
CA ALA D 246 8.14 -34.89 2.46
C ALA D 246 6.75 -35.37 2.08
N LYS D 247 5.71 -34.61 2.46
CA LYS D 247 4.33 -35.03 2.20
C LYS D 247 3.91 -34.82 0.74
N GLN D 248 4.43 -33.77 0.08
CA GLN D 248 3.90 -33.40 -1.24
C GLN D 248 4.29 -34.43 -2.30
N THR D 249 5.53 -34.90 -2.29
CA THR D 249 6.04 -35.93 -3.21
C THR D 249 5.81 -35.55 -4.68
N GLU D 250 6.11 -34.29 -5.01
CA GLU D 250 5.95 -33.82 -6.39
C GLU D 250 7.16 -33.06 -6.92
N ILE D 251 8.15 -32.75 -6.08
CA ILE D 251 9.35 -32.04 -6.49
C ILE D 251 10.55 -32.92 -6.16
N ALA D 252 11.47 -33.05 -7.12
CA ALA D 252 12.67 -33.85 -6.90
C ALA D 252 13.59 -33.18 -5.90
N TYR D 253 14.21 -33.99 -5.04
CA TYR D 253 15.13 -33.51 -4.02
C TYR D 253 16.49 -34.20 -4.19
N GLY D 254 17.56 -33.44 -4.02
CA GLY D 254 18.90 -33.98 -4.05
C GLY D 254 19.85 -33.18 -3.19
N THR D 255 20.55 -33.85 -2.28
CA THR D 255 21.40 -33.14 -1.33
C THR D 255 22.77 -32.84 -1.95
N LEU D 256 23.55 -33.88 -2.24
CA LEU D 256 24.91 -33.78 -2.72
C LEU D 256 25.39 -35.20 -3.03
N ASP D 257 26.45 -35.29 -3.83
CA ASP D 257 27.06 -36.59 -4.10
C ASP D 257 27.75 -37.14 -2.86
N SER D 258 28.47 -36.29 -2.14
CA SER D 258 29.17 -36.69 -0.91
C SER D 258 29.47 -35.44 -0.10
N GLY D 259 29.17 -35.49 1.20
CA GLY D 259 29.41 -34.35 2.06
C GLY D 259 28.74 -34.55 3.41
N SER D 260 28.71 -33.45 4.17
CA SER D 260 28.08 -33.48 5.48
C SER D 260 26.57 -33.73 5.36
N THR D 261 25.94 -33.11 4.37
CA THR D 261 24.50 -33.31 4.16
C THR D 261 24.19 -34.75 3.78
N LYS D 262 25.00 -35.33 2.88
CA LYS D 262 24.80 -36.72 2.49
C LYS D 262 25.06 -37.67 3.65
N GLU D 263 26.09 -37.39 4.46
CA GLU D 263 26.38 -38.22 5.62
C GLU D 263 25.25 -38.15 6.65
N PHE D 264 24.70 -36.95 6.86
CA PHE D 264 23.59 -36.82 7.80
C PHE D 264 22.33 -37.50 7.28
N PHE D 265 22.08 -37.42 5.98
CA PHE D 265 20.91 -38.06 5.39
C PHE D 265 21.01 -39.58 5.50
N ARG D 266 22.19 -40.15 5.27
CA ARG D 266 22.35 -41.60 5.33
C ARG D 266 22.34 -42.11 6.76
N ARG D 267 22.80 -41.30 7.72
CA ARG D 267 22.87 -41.69 9.11
C ARG D 267 21.77 -41.08 9.97
N SER D 268 20.67 -40.66 9.35
CA SER D 268 19.57 -40.06 10.07
C SER D 268 18.80 -41.13 10.86
N LYS D 269 17.96 -40.67 11.78
CA LYS D 269 17.16 -41.57 12.61
C LYS D 269 15.69 -41.19 12.71
N ILE D 270 15.31 -39.93 12.48
CA ILE D 270 13.92 -39.53 12.60
C ILE D 270 13.14 -40.05 11.40
N ALA D 271 11.88 -40.45 11.64
CA ALA D 271 11.10 -41.17 10.63
C ALA D 271 10.84 -40.34 9.38
N VAL D 272 10.68 -39.01 9.53
CA VAL D 272 10.50 -38.17 8.36
C VAL D 272 11.77 -38.14 7.51
N TYR D 273 12.93 -38.14 8.16
CA TYR D 273 14.19 -38.22 7.42
C TYR D 273 14.39 -39.60 6.82
N GLU D 274 13.84 -40.64 7.45
CA GLU D 274 13.83 -41.96 6.82
C GLU D 274 12.97 -41.97 5.56
N LYS D 275 11.83 -41.28 5.59
CA LYS D 275 11.00 -41.15 4.40
C LYS D 275 11.73 -40.38 3.31
N MET D 276 12.45 -39.32 3.70
CA MET D 276 13.23 -38.55 2.73
C MET D 276 14.34 -39.41 2.12
N TRP D 277 14.98 -40.26 2.94
CA TRP D 277 16.03 -41.13 2.44
C TRP D 277 15.48 -42.20 1.51
N THR D 278 14.30 -42.74 1.83
CA THR D 278 13.68 -43.72 0.93
C THR D 278 13.26 -43.06 -0.38
N TYR D 279 12.85 -41.80 -0.34
CA TYR D 279 12.64 -41.04 -1.58
C TYR D 279 13.96 -40.87 -2.32
N MET D 280 15.06 -40.66 -1.59
CA MET D 280 16.36 -40.49 -2.22
C MET D 280 16.84 -41.77 -2.87
N ARG D 281 16.44 -42.93 -2.34
CA ARG D 281 16.84 -44.21 -2.93
C ARG D 281 16.28 -44.37 -4.34
N SER D 282 15.03 -43.96 -4.56
CA SER D 282 14.42 -44.03 -5.88
C SER D 282 14.64 -42.70 -6.61
N ALA D 283 15.89 -42.49 -7.01
CA ALA D 283 16.32 -41.26 -7.66
C ALA D 283 16.69 -41.59 -9.10
N GLU D 284 15.73 -41.42 -10.01
CA GLU D 284 15.96 -41.74 -11.41
C GLU D 284 16.72 -40.66 -12.18
N PRO D 285 16.32 -39.35 -12.14
CA PRO D 285 17.01 -38.39 -13.01
C PRO D 285 18.31 -37.84 -12.43
N SER D 286 19.13 -38.70 -11.83
CA SER D 286 20.49 -38.38 -11.39
C SER D 286 20.55 -37.09 -10.57
N VAL D 287 19.90 -37.12 -9.40
CA VAL D 287 19.83 -35.94 -8.56
C VAL D 287 21.04 -35.87 -7.64
N PHE D 288 22.00 -36.77 -7.84
CA PHE D 288 23.26 -36.71 -7.12
C PHE D 288 24.13 -35.59 -7.67
N THR D 289 23.99 -34.39 -7.10
CA THR D 289 24.73 -33.25 -7.60
C THR D 289 26.22 -33.37 -7.24
N ARG D 290 27.08 -33.22 -8.24
CA ARG D 290 28.51 -33.34 -8.01
C ARG D 290 29.05 -32.12 -7.26
N THR D 291 28.64 -30.93 -7.66
CA THR D 291 29.12 -29.69 -7.07
C THR D 291 27.94 -28.80 -6.70
N THR D 292 28.18 -27.89 -5.75
CA THR D 292 27.14 -26.97 -5.31
C THR D 292 26.80 -25.96 -6.40
N ALA D 293 27.78 -25.56 -7.20
CA ALA D 293 27.51 -24.64 -8.30
C ALA D 293 26.61 -25.28 -9.35
N GLU D 294 26.80 -26.57 -9.63
CA GLU D 294 25.93 -27.26 -10.57
C GLU D 294 24.51 -27.33 -10.06
N GLY D 295 24.34 -27.56 -8.76
CA GLY D 295 23.00 -27.64 -8.20
C GLY D 295 22.23 -26.33 -8.29
N VAL D 296 22.88 -25.22 -7.93
CA VAL D 296 22.21 -23.94 -8.00
C VAL D 296 22.00 -23.51 -9.45
N ALA D 297 22.93 -23.88 -10.35
CA ALA D 297 22.73 -23.58 -11.76
C ALA D 297 21.56 -24.37 -12.34
N ARG D 298 21.37 -25.61 -11.88
CA ARG D 298 20.25 -26.41 -12.37
C ARG D 298 18.93 -25.93 -11.79
N VAL D 299 18.90 -25.57 -10.51
CA VAL D 299 17.65 -25.10 -9.91
C VAL D 299 17.30 -23.70 -10.35
N ARG D 300 18.28 -22.91 -10.82
CA ARG D 300 17.97 -21.60 -11.35
C ARG D 300 17.25 -21.69 -12.69
N LYS D 301 17.64 -22.64 -13.53
CA LYS D 301 17.02 -22.78 -14.85
C LYS D 301 15.61 -23.33 -14.75
N SER D 302 15.43 -24.39 -13.94
CA SER D 302 14.14 -25.07 -13.81
C SER D 302 13.66 -24.96 -12.38
N LYS D 303 12.41 -24.52 -12.20
CA LYS D 303 11.82 -24.35 -10.88
C LYS D 303 10.78 -25.42 -10.54
N GLY D 304 10.33 -26.20 -11.52
CA GLY D 304 9.31 -27.20 -11.26
C GLY D 304 9.80 -28.40 -10.49
N LYS D 305 11.11 -28.67 -10.51
CA LYS D 305 11.67 -29.82 -9.84
C LYS D 305 13.14 -29.53 -9.53
N PHE D 306 13.86 -30.58 -9.13
CA PHE D 306 15.29 -30.51 -8.81
C PHE D 306 15.58 -29.49 -7.72
N ALA D 307 14.98 -29.72 -6.55
CA ALA D 307 15.24 -28.89 -5.39
C ALA D 307 16.60 -29.23 -4.79
N PHE D 308 17.22 -28.25 -4.13
CA PHE D 308 18.56 -28.39 -3.60
C PHE D 308 18.53 -28.36 -2.07
N LEU D 309 19.42 -29.14 -1.46
CA LEU D 309 19.58 -29.17 -0.01
C LEU D 309 20.97 -28.63 0.33
N LEU D 310 21.01 -27.62 1.19
CA LEU D 310 22.27 -26.97 1.53
C LEU D 310 22.12 -26.26 2.87
N GLU D 311 23.25 -25.83 3.41
CA GLU D 311 23.27 -25.13 4.68
C GLU D 311 22.69 -23.74 4.55
N SER D 312 22.40 -23.12 5.70
CA SER D 312 21.76 -21.80 5.70
C SER D 312 22.71 -20.70 5.22
N THR D 313 24.01 -20.85 5.46
CA THR D 313 24.97 -19.82 5.08
C THR D 313 25.06 -19.69 3.57
N MET D 314 25.24 -20.82 2.87
CA MET D 314 25.35 -20.77 1.41
C MET D 314 24.02 -20.39 0.77
N ASN D 315 22.91 -20.81 1.37
CA ASN D 315 21.59 -20.42 0.86
C ASN D 315 21.38 -18.92 0.98
N GLU D 316 21.73 -18.34 2.13
CA GLU D 316 21.59 -16.90 2.30
C GLU D 316 22.59 -16.12 1.44
N TYR D 317 23.74 -16.73 1.15
CA TYR D 317 24.68 -16.09 0.22
C TYR D 317 24.13 -16.08 -1.19
N THR D 318 23.56 -17.19 -1.64
CA THR D 318 22.91 -17.23 -2.96
C THR D 318 21.62 -16.43 -3.00
N GLU D 319 21.07 -16.06 -1.84
CA GLU D 319 19.90 -15.18 -1.83
C GLU D 319 20.24 -13.81 -2.39
N GLN D 320 21.49 -13.38 -2.30
CA GLN D 320 21.92 -12.04 -2.68
C GLN D 320 22.92 -12.09 -3.83
N ARG D 321 22.67 -12.92 -4.82
CA ARG D 321 23.55 -13.04 -5.98
C ARG D 321 22.84 -12.59 -7.25
N LYS D 322 23.64 -12.38 -8.29
CA LYS D 322 23.20 -11.68 -9.50
C LYS D 322 21.92 -12.20 -10.15
N PRO D 323 21.66 -13.51 -10.28
CA PRO D 323 20.35 -13.93 -10.83
C PRO D 323 19.16 -13.48 -10.00
N CYS D 324 19.34 -13.30 -8.68
CA CYS D 324 18.35 -12.68 -7.78
C CYS D 324 17.05 -13.47 -7.71
N ASP D 325 17.07 -14.77 -7.99
CA ASP D 325 15.86 -15.60 -7.99
C ASP D 325 16.07 -16.80 -7.08
N THR D 326 15.80 -16.60 -5.79
CA THR D 326 15.91 -17.66 -4.80
C THR D 326 14.76 -17.53 -3.80
N MET D 327 14.49 -18.62 -3.09
CA MET D 327 13.44 -18.60 -2.08
C MET D 327 13.73 -19.69 -1.05
N LYS D 328 13.54 -19.35 0.22
CA LYS D 328 13.67 -20.31 1.31
C LYS D 328 12.46 -20.19 2.24
N VAL D 329 12.10 -21.31 2.87
CA VAL D 329 10.91 -21.35 3.73
C VAL D 329 11.26 -21.16 5.20
N GLY D 330 12.53 -21.21 5.57
CA GLY D 330 12.92 -21.08 6.96
C GLY D 330 12.93 -22.41 7.69
N GLY D 331 13.53 -22.38 8.88
CA GLY D 331 13.64 -23.57 9.69
C GLY D 331 14.87 -24.40 9.35
N ASN D 332 15.66 -24.70 10.37
CA ASN D 332 16.89 -25.48 10.19
C ASN D 332 16.67 -26.91 10.66
N LEU D 333 17.05 -27.87 9.82
CA LEU D 333 16.90 -29.28 10.16
C LEU D 333 17.84 -29.70 11.27
N ASP D 334 19.02 -29.08 11.34
CA ASP D 334 20.03 -29.43 12.34
C ASP D 334 20.56 -28.19 13.04
N SER D 335 21.61 -28.34 13.85
CA SER D 335 22.16 -27.21 14.59
C SER D 335 23.68 -27.46 14.76
N LYS D 336 24.46 -26.80 13.92
CA LYS D 336 25.92 -26.79 14.03
C LYS D 336 26.40 -25.34 14.13
N GLY D 337 27.71 -25.15 14.04
CA GLY D 337 28.27 -23.81 14.08
C GLY D 337 29.68 -23.82 13.50
N TYR D 338 30.23 -22.61 13.37
CA TYR D 338 31.58 -22.40 12.87
C TYR D 338 32.43 -21.81 13.99
N GLY D 339 33.54 -22.48 14.30
CA GLY D 339 34.41 -22.02 15.38
C GLY D 339 35.86 -22.16 15.00
N VAL D 340 36.70 -21.45 15.77
CA VAL D 340 38.13 -21.48 15.56
C VAL D 340 38.74 -22.63 16.37
N ALA D 341 39.96 -23.01 16.00
CA ALA D 341 40.65 -24.11 16.65
C ALA D 341 42.13 -23.76 16.82
N THR D 342 42.73 -24.36 17.84
CA THR D 342 44.13 -24.20 18.16
C THR D 342 44.77 -25.59 18.28
N PRO D 343 46.07 -25.70 18.06
CA PRO D 343 46.73 -27.01 18.25
C PRO D 343 46.82 -27.38 19.73
N LYS D 344 45.98 -28.32 20.14
CA LYS D 344 45.87 -28.82 21.53
C LYS D 344 45.54 -27.62 22.42
N GLY D 345 46.06 -27.58 23.65
CA GLY D 345 45.79 -26.49 24.58
C GLY D 345 47.05 -25.67 24.83
N SER D 346 46.87 -24.35 24.90
CA SER D 346 47.97 -23.43 25.15
C SER D 346 47.38 -22.13 25.71
N SER D 347 48.23 -21.12 25.88
CA SER D 347 47.76 -19.82 26.34
C SER D 347 46.91 -19.12 25.29
N LEU D 348 47.12 -19.40 24.01
CA LEU D 348 46.33 -18.76 22.97
C LEU D 348 44.91 -19.29 22.93
N ARG D 349 44.69 -20.51 23.41
CA ARG D 349 43.36 -21.11 23.41
C ARG D 349 42.39 -20.30 24.26
N THR D 350 42.76 -20.04 25.52
CA THR D 350 41.91 -19.29 26.43
C THR D 350 41.70 -17.86 25.94
N PRO D 351 42.77 -17.23 25.43
CA PRO D 351 42.68 -15.86 24.94
C PRO D 351 41.73 -15.76 23.75
N VAL D 352 41.86 -16.67 22.78
CA VAL D 352 40.99 -16.60 21.60
C VAL D 352 39.56 -16.98 21.97
N ASN D 353 39.38 -17.89 22.93
CA ASN D 353 38.02 -18.26 23.33
C ASN D 353 37.30 -17.08 24.00
N LEU D 354 37.97 -16.42 24.95
CA LEU D 354 37.37 -15.25 25.58
C LEU D 354 37.19 -14.11 24.58
N ALA D 355 38.13 -13.96 23.63
CA ALA D 355 37.99 -12.90 22.64
C ALA D 355 36.78 -13.11 21.75
N VAL D 356 36.61 -14.33 21.22
CA VAL D 356 35.48 -14.59 20.33
C VAL D 356 34.17 -14.58 21.11
N LEU D 357 34.17 -15.00 22.39
CA LEU D 357 32.95 -14.92 23.16
C LEU D 357 32.56 -13.46 23.43
N LYS D 358 33.50 -12.67 23.96
CA LYS D 358 33.24 -11.26 24.24
C LYS D 358 32.86 -10.50 22.98
N LEU D 359 33.32 -10.96 21.82
CA LEU D 359 32.81 -10.43 20.57
C LEU D 359 31.41 -10.97 20.27
N SER D 360 31.06 -12.14 20.80
CA SER D 360 29.72 -12.68 20.53
C SER D 360 28.64 -11.95 21.32
N GLU D 361 28.86 -11.65 22.61
CA GLU D 361 27.84 -10.86 23.31
C GLU D 361 27.82 -9.42 22.83
N ALA D 362 28.98 -8.86 22.50
CA ALA D 362 29.02 -7.51 21.94
C ALA D 362 28.42 -7.51 20.55
N GLY D 363 27.72 -6.44 20.21
CA GLY D 363 27.14 -6.33 18.88
C GLY D 363 28.17 -5.91 17.84
N VAL D 364 29.05 -6.83 17.45
CA VAL D 364 29.99 -6.55 16.36
C VAL D 364 30.01 -7.68 15.34
N LEU D 365 29.81 -8.92 15.80
CA LEU D 365 29.78 -10.04 14.86
C LEU D 365 28.51 -10.01 14.01
N ASP D 366 27.37 -9.69 14.63
CA ASP D 366 26.16 -9.46 13.87
C ASP D 366 26.28 -8.23 12.99
N LYS D 367 27.02 -7.22 13.45
CA LYS D 367 27.32 -6.06 12.61
C LYS D 367 28.00 -6.49 11.32
N LEU D 368 29.08 -7.28 11.45
CA LEU D 368 29.84 -7.71 10.29
C LEU D 368 29.00 -8.57 9.36
N LYS D 369 28.29 -9.55 9.94
CA LYS D 369 27.42 -10.44 9.16
C LYS D 369 26.38 -9.64 8.37
N ASN D 370 25.66 -8.75 9.06
CA ASN D 370 24.62 -7.95 8.43
C ASN D 370 25.20 -7.07 7.32
N LYS D 371 26.24 -6.29 7.65
CA LYS D 371 26.74 -5.30 6.68
C LYS D 371 27.30 -6.00 5.44
N TRP D 372 28.11 -7.04 5.63
CA TRP D 372 28.65 -7.75 4.47
C TRP D 372 27.53 -8.37 3.64
N TRP D 373 26.76 -9.29 4.24
CA TRP D 373 25.85 -10.11 3.46
C TRP D 373 24.71 -9.29 2.85
N TYR D 374 24.29 -8.22 3.53
CA TYR D 374 23.18 -7.43 3.04
C TYR D 374 23.61 -6.12 2.38
N ASP D 375 24.92 -5.88 2.21
CA ASP D 375 25.35 -4.75 1.39
C ASP D 375 26.11 -5.14 0.13
N LYS D 376 26.75 -6.32 0.07
CA LYS D 376 27.26 -6.69 -1.25
C LYS D 376 26.21 -7.34 -2.13
N GLY D 377 25.01 -7.57 -1.61
CA GLY D 377 23.92 -8.12 -2.41
C GLY D 377 22.86 -7.09 -2.75
N GLU D 378 22.74 -6.74 -4.03
CA GLU D 378 21.84 -5.69 -4.45
C GLU D 378 20.40 -6.14 -4.62
N CYS D 379 20.14 -7.46 -4.64
CA CYS D 379 18.78 -7.94 -4.87
C CYS D 379 17.87 -7.59 -3.69
N GLY D 380 18.38 -7.75 -2.47
CA GLY D 380 17.59 -7.55 -1.27
C GLY D 380 17.36 -6.12 -0.84
N PRO D 381 17.95 -5.15 -1.54
CA PRO D 381 17.69 -3.75 -1.23
C PRO D 381 16.23 -3.40 -1.50
N LYS D 382 15.68 -3.90 -2.61
CA LYS D 382 14.26 -3.71 -2.92
C LYS D 382 13.46 -4.75 -2.16
N ASP D 383 13.19 -4.44 -0.90
CA ASP D 383 12.46 -5.35 -0.03
C ASP D 383 10.98 -5.42 -0.41
N SER D 384 10.31 -6.46 0.09
CA SER D 384 8.90 -6.74 -0.16
C SER D 384 8.70 -6.90 -1.66
N GLY D 385 7.86 -6.10 -2.32
CA GLY D 385 7.64 -6.22 -3.74
C GLY D 385 7.44 -4.85 -4.38
N SER D 386 7.31 -4.85 -5.69
CA SER D 386 7.11 -3.64 -6.48
C SER D 386 5.67 -3.60 -6.98
N LYS D 387 5.00 -2.48 -6.72
CA LYS D 387 3.61 -2.31 -7.15
C LYS D 387 3.49 -1.77 -8.56
N ASP D 388 4.61 -1.48 -9.23
CA ASP D 388 4.59 -0.96 -10.60
C ASP D 388 4.61 -2.09 -11.62
N LYS D 389 3.67 -3.03 -11.48
CA LYS D 389 3.51 -4.15 -12.40
C LYS D 389 2.01 -4.25 -12.72
N THR D 390 1.59 -3.54 -13.77
CA THR D 390 0.17 -3.50 -14.14
C THR D 390 -0.16 -4.58 -15.15
N SER D 391 0.51 -4.57 -16.30
CA SER D 391 0.31 -5.49 -17.42
C SER D 391 -1.17 -5.39 -17.87
N ALA D 392 -1.71 -6.47 -18.42
CA ALA D 392 -3.09 -6.51 -18.85
C ALA D 392 -3.57 -7.95 -18.89
N LEU D 393 -4.88 -8.12 -18.92
CA LEU D 393 -5.48 -9.44 -19.07
C LEU D 393 -5.18 -9.98 -20.45
N SER D 394 -4.28 -10.95 -20.55
CA SER D 394 -3.93 -11.56 -21.82
C SER D 394 -5.01 -12.57 -22.20
N LEU D 395 -4.77 -13.32 -23.27
CA LEU D 395 -5.75 -14.30 -23.72
C LEU D 395 -5.74 -15.56 -22.85
N SER D 396 -4.57 -15.95 -22.35
CA SER D 396 -4.40 -17.27 -21.74
C SER D 396 -5.28 -17.46 -20.51
N ASN D 397 -5.59 -16.38 -19.79
CA ASN D 397 -6.44 -16.47 -18.61
C ASN D 397 -7.87 -16.01 -18.87
N VAL D 398 -8.26 -15.83 -20.12
CA VAL D 398 -9.63 -15.43 -20.45
C VAL D 398 -10.17 -16.34 -21.55
N ALA D 399 -9.29 -17.12 -22.18
CA ALA D 399 -9.69 -17.93 -23.32
C ALA D 399 -10.57 -19.11 -22.93
N GLY D 400 -10.60 -19.50 -21.65
CA GLY D 400 -11.40 -20.63 -21.25
C GLY D 400 -12.88 -20.45 -21.54
N VAL D 401 -13.40 -19.26 -21.25
CA VAL D 401 -14.79 -19.00 -21.58
C VAL D 401 -14.99 -18.86 -23.08
N PHE D 402 -13.94 -18.48 -23.83
CA PHE D 402 -14.06 -18.49 -25.29
C PHE D 402 -14.26 -19.91 -25.80
N TYR D 403 -13.46 -20.85 -25.28
CA TYR D 403 -13.65 -22.27 -25.63
C TYR D 403 -15.02 -22.76 -25.21
N ILE D 404 -15.49 -22.36 -24.02
CA ILE D 404 -16.80 -22.78 -23.55
C ILE D 404 -17.90 -22.27 -24.47
N LEU D 405 -17.81 -20.99 -24.87
CA LEU D 405 -18.81 -20.41 -25.77
C LEU D 405 -18.82 -21.10 -27.13
N VAL D 406 -17.64 -21.32 -27.71
CA VAL D 406 -17.60 -21.87 -29.06
C VAL D 406 -18.04 -23.33 -29.05
N GLY D 407 -17.65 -24.09 -28.01
CA GLY D 407 -18.13 -25.45 -27.89
C GLY D 407 -19.63 -25.51 -27.63
N GLY D 408 -20.15 -24.56 -26.84
CA GLY D 408 -21.58 -24.53 -26.59
C GLY D 408 -22.38 -24.28 -27.84
N LEU D 409 -21.97 -23.31 -28.66
CA LEU D 409 -22.69 -23.05 -29.90
C LEU D 409 -22.53 -24.21 -30.88
N GLY D 410 -21.36 -24.84 -30.92
CA GLY D 410 -21.17 -25.99 -31.79
C GLY D 410 -22.08 -27.15 -31.43
N LEU D 411 -22.01 -27.61 -30.17
CA LEU D 411 -22.87 -28.71 -29.73
C LEU D 411 -24.34 -28.32 -29.81
N ALA D 412 -24.65 -27.04 -29.65
CA ALA D 412 -26.04 -26.60 -29.82
C ALA D 412 -26.52 -26.80 -31.25
N MET D 413 -25.70 -26.44 -32.25
CA MET D 413 -26.22 -26.61 -33.60
C MET D 413 -26.19 -28.08 -34.03
N LEU D 414 -25.24 -28.88 -33.52
CA LEU D 414 -25.33 -30.32 -33.73
C LEU D 414 -26.61 -30.91 -33.15
N VAL D 415 -26.92 -30.59 -31.88
CA VAL D 415 -28.11 -31.19 -31.29
C VAL D 415 -29.38 -30.67 -31.95
N ALA D 416 -29.35 -29.41 -32.44
CA ALA D 416 -30.51 -28.86 -33.14
C ALA D 416 -30.76 -29.60 -34.45
N LEU D 417 -29.71 -29.80 -35.26
CA LEU D 417 -29.89 -30.52 -36.51
C LEU D 417 -30.28 -31.97 -36.26
N ILE D 418 -29.71 -32.59 -35.23
CA ILE D 418 -30.04 -33.98 -34.91
C ILE D 418 -31.50 -34.12 -34.51
N GLU D 419 -31.98 -33.23 -33.64
CA GLU D 419 -33.36 -33.33 -33.19
C GLU D 419 -34.34 -32.96 -34.29
N PHE D 420 -33.98 -32.03 -35.18
CA PHE D 420 -34.88 -31.71 -36.28
C PHE D 420 -34.92 -32.82 -37.32
N CYS D 421 -33.80 -33.52 -37.53
CA CYS D 421 -33.79 -34.63 -38.48
C CYS D 421 -34.46 -35.87 -37.92
N TYR D 422 -34.41 -36.08 -36.60
CA TYR D 422 -34.94 -37.32 -36.03
C TYR D 422 -36.36 -37.20 -35.53
N LYS D 423 -36.76 -36.03 -35.01
CA LYS D 423 -38.11 -35.89 -34.48
C LYS D 423 -39.15 -35.85 -35.60
N SER D 424 -38.81 -35.22 -36.72
CA SER D 424 -39.74 -35.13 -37.84
C SER D 424 -39.81 -36.45 -38.62
N ARG E 1 33.44 -42.93 43.64
CA ARG E 1 32.75 -41.91 44.41
C ARG E 1 31.49 -41.46 43.70
N THR E 2 30.67 -40.67 44.40
CA THR E 2 29.41 -40.16 43.86
C THR E 2 29.60 -38.74 43.33
N TYR E 3 28.64 -38.31 42.51
CA TYR E 3 28.64 -36.98 41.94
C TYR E 3 27.27 -36.35 42.13
N ILE E 4 27.24 -35.03 42.25
CA ILE E 4 26.01 -34.29 42.51
C ILE E 4 25.74 -33.37 41.32
N VAL E 5 24.48 -33.32 40.90
CA VAL E 5 24.03 -32.39 39.87
C VAL E 5 22.94 -31.51 40.47
N THR E 6 22.75 -30.34 39.85
CA THR E 6 21.76 -29.38 40.32
C THR E 6 20.86 -28.96 39.17
N THR E 7 19.59 -28.73 39.49
CA THR E 7 18.60 -28.34 38.51
C THR E 7 17.57 -27.43 39.17
N ILE E 8 17.08 -26.45 38.41
CA ILE E 8 16.08 -25.51 38.89
C ILE E 8 14.71 -25.96 38.39
N LEU E 9 13.71 -25.91 39.28
CA LEU E 9 12.34 -26.25 38.93
C LEU E 9 11.81 -25.30 37.86
N GLU E 10 11.71 -25.79 36.63
CA GLU E 10 11.25 -24.99 35.50
C GLU E 10 10.27 -25.80 34.68
N ASP E 11 9.27 -25.12 34.13
CA ASP E 11 8.19 -25.81 33.40
C ASP E 11 8.69 -26.56 32.16
N PRO E 12 9.45 -25.97 31.23
CA PRO E 12 9.83 -26.75 30.03
C PRO E 12 10.84 -27.84 30.28
N TYR E 13 11.52 -27.86 31.43
CA TYR E 13 12.59 -28.82 31.64
C TYR E 13 12.29 -29.83 32.75
N VAL E 14 11.59 -29.45 33.81
CA VAL E 14 11.38 -30.30 34.96
C VAL E 14 9.87 -30.49 35.16
N MET E 15 9.44 -31.74 35.33
CA MET E 15 8.07 -32.06 35.68
C MET E 15 7.95 -32.21 37.19
N LEU E 16 6.99 -31.52 37.78
CA LEU E 16 6.59 -31.77 39.17
C LEU E 16 5.66 -32.98 39.15
N LYS E 17 6.17 -34.14 39.56
CA LYS E 17 5.43 -35.38 39.45
C LYS E 17 4.22 -35.39 40.37
N LYS E 18 3.08 -35.84 39.84
CA LYS E 18 1.85 -35.85 40.62
C LYS E 18 1.88 -36.95 41.67
N ASN E 19 2.41 -38.13 41.32
CA ASN E 19 2.53 -39.22 42.29
C ASN E 19 3.50 -38.86 43.41
N ALA E 20 4.62 -38.22 43.05
CA ALA E 20 5.54 -37.58 43.99
C ALA E 20 6.11 -38.53 45.04
N ASN E 21 5.49 -38.55 46.22
CA ASN E 21 6.10 -39.19 47.40
C ASN E 21 6.20 -40.70 47.24
N GLN E 22 5.33 -41.32 46.44
CA GLN E 22 5.37 -42.77 46.32
C GLN E 22 6.57 -43.25 45.51
N PHE E 23 7.18 -42.38 44.72
CA PHE E 23 8.37 -42.71 43.93
C PHE E 23 9.41 -41.62 44.20
N GLU E 24 10.23 -41.82 45.22
CA GLU E 24 11.26 -40.88 45.61
C GLU E 24 12.63 -41.38 45.19
N GLY E 25 13.61 -40.49 45.27
CA GLY E 25 14.98 -40.82 44.90
C GLY E 25 15.40 -40.21 43.58
N ASN E 26 16.04 -41.01 42.73
CA ASN E 26 16.50 -40.50 41.44
C ASN E 26 15.33 -40.29 40.48
N ASP E 27 14.26 -41.07 40.61
CA ASP E 27 13.10 -40.94 39.73
C ASP E 27 12.07 -39.97 40.30
N ARG E 28 12.52 -38.77 40.64
CA ARG E 28 11.64 -37.73 41.16
C ARG E 28 11.24 -36.70 40.11
N TYR E 29 12.06 -36.50 39.09
CA TYR E 29 11.77 -35.55 38.03
C TYR E 29 12.01 -36.19 36.67
N GLU E 30 11.18 -35.80 35.70
CA GLU E 30 11.33 -36.23 34.32
C GLU E 30 11.31 -35.00 33.43
N GLY E 31 12.04 -35.07 32.32
CA GLY E 31 12.06 -33.98 31.38
C GLY E 31 13.38 -33.92 30.62
N TYR E 32 13.53 -32.81 29.89
CA TYR E 32 14.65 -32.65 28.96
C TYR E 32 16.00 -32.65 29.69
N CYS E 33 16.11 -31.84 30.75
CA CYS E 33 17.40 -31.68 31.43
C CYS E 33 17.81 -32.96 32.14
N VAL E 34 16.89 -33.58 32.88
CA VAL E 34 17.24 -34.79 33.62
C VAL E 34 17.47 -35.97 32.67
N GLU E 35 16.76 -36.01 31.54
CA GLU E 35 17.03 -37.06 30.57
C GLU E 35 18.38 -36.86 29.90
N LEU E 36 18.75 -35.60 29.66
CA LEU E 36 20.09 -35.28 29.17
C LEU E 36 21.16 -35.72 30.18
N ALA E 37 20.90 -35.45 31.47
CA ALA E 37 21.84 -35.86 32.52
C ALA E 37 21.97 -37.38 32.58
N ALA E 38 20.86 -38.10 32.47
CA ALA E 38 20.91 -39.55 32.48
C ALA E 38 21.66 -40.09 31.27
N GLU E 39 21.42 -39.52 30.09
CA GLU E 39 22.12 -39.96 28.89
C GLU E 39 23.62 -39.70 28.99
N ILE E 40 24.02 -38.51 29.48
CA ILE E 40 25.44 -38.22 29.54
C ILE E 40 26.11 -39.01 30.67
N ALA E 41 25.36 -39.37 31.71
CA ALA E 41 25.90 -40.24 32.75
C ALA E 41 26.08 -41.65 32.23
N LYS E 42 25.16 -42.13 31.39
CA LYS E 42 25.35 -43.42 30.75
C LYS E 42 26.50 -43.38 29.75
N HIS E 43 26.76 -42.23 29.13
CA HIS E 43 27.85 -42.11 28.18
C HIS E 43 29.20 -42.11 28.89
N VAL E 44 29.43 -41.13 29.76
CA VAL E 44 30.73 -41.01 30.44
C VAL E 44 30.90 -42.15 31.44
N GLY E 45 29.91 -42.36 32.29
CA GLY E 45 29.96 -43.41 33.29
C GLY E 45 30.30 -42.90 34.68
N TYR E 46 29.27 -42.69 35.50
CA TYR E 46 29.40 -42.25 36.88
C TYR E 46 28.02 -42.34 37.52
N SER E 47 27.94 -41.96 38.80
CA SER E 47 26.69 -41.93 39.54
C SER E 47 26.34 -40.47 39.83
N TYR E 48 25.09 -40.09 39.54
CA TYR E 48 24.65 -38.71 39.64
C TYR E 48 23.52 -38.61 40.65
N ARG E 49 23.59 -37.58 41.50
CA ARG E 49 22.54 -37.28 42.47
C ARG E 49 21.97 -35.90 42.17
N LEU E 50 20.64 -35.84 42.07
CA LEU E 50 19.97 -34.57 41.79
C LEU E 50 19.93 -33.70 43.04
N GLU E 51 19.98 -32.39 42.82
CA GLU E 51 19.90 -31.41 43.90
C GLU E 51 19.15 -30.18 43.41
N ILE E 52 18.59 -29.44 44.36
CA ILE E 52 17.83 -28.22 44.09
C ILE E 52 18.56 -27.06 44.74
N VAL E 53 18.78 -25.99 43.97
CA VAL E 53 19.48 -24.82 44.47
C VAL E 53 18.62 -24.12 45.52
N SER E 54 19.27 -23.47 46.49
CA SER E 54 18.56 -22.92 47.63
C SER E 54 17.70 -21.71 47.24
N ASP E 55 18.26 -20.78 46.48
CA ASP E 55 17.52 -19.55 46.18
C ASP E 55 16.42 -19.75 45.16
N GLY E 56 16.52 -20.78 44.32
CA GLY E 56 15.52 -20.98 43.27
C GLY E 56 15.59 -19.98 42.14
N LYS E 57 16.75 -19.36 41.93
CA LYS E 57 16.92 -18.36 40.89
C LYS E 57 18.10 -18.73 40.01
N TYR E 58 18.08 -18.22 38.77
CA TYR E 58 19.15 -18.51 37.83
C TYR E 58 20.48 -17.93 38.29
N GLY E 59 20.46 -16.74 38.86
CA GLY E 59 21.67 -16.11 39.35
C GLY E 59 22.45 -15.40 38.26
N ALA E 60 23.46 -14.66 38.68
CA ALA E 60 24.30 -13.91 37.76
C ALA E 60 25.66 -13.67 38.41
N ARG E 61 26.64 -13.34 37.56
CA ARG E 61 27.99 -13.01 38.01
C ARG E 61 28.22 -11.49 38.05
N ASP E 62 27.20 -10.72 38.39
CA ASP E 62 27.35 -9.28 38.49
C ASP E 62 28.27 -8.93 39.64
N PRO E 63 29.28 -8.08 39.45
CA PRO E 63 30.18 -7.73 40.55
C PRO E 63 29.53 -6.85 41.59
N ASP E 64 28.62 -7.42 42.38
CA ASP E 64 27.96 -6.70 43.46
C ASP E 64 28.78 -6.86 44.74
N THR E 65 28.20 -6.49 45.88
CA THR E 65 28.86 -6.62 47.18
C THR E 65 28.80 -8.08 47.63
N LYS E 66 29.61 -8.90 46.96
CA LYS E 66 29.74 -10.33 47.21
C LYS E 66 28.39 -11.06 47.12
N ALA E 67 28.30 -12.22 47.77
CA ALA E 67 27.09 -13.04 47.84
C ALA E 67 26.58 -13.41 46.44
N TRP E 68 27.42 -14.13 45.71
CA TRP E 68 27.04 -14.60 44.38
C TRP E 68 26.00 -15.72 44.50
N ASN E 69 25.04 -15.70 43.60
CA ASN E 69 23.95 -16.66 43.60
C ASN E 69 23.94 -17.45 42.29
N GLY E 70 23.06 -18.45 42.23
CA GLY E 70 22.91 -19.26 41.05
C GLY E 70 23.87 -20.43 41.00
N MET E 71 23.80 -21.16 39.88
CA MET E 71 24.65 -22.33 39.69
C MET E 71 26.11 -21.95 39.59
N VAL E 72 26.40 -20.81 38.97
CA VAL E 72 27.80 -20.38 38.84
C VAL E 72 28.41 -20.08 40.21
N GLY E 73 27.66 -19.41 41.09
CA GLY E 73 28.14 -19.19 42.44
C GLY E 73 28.24 -20.48 43.24
N GLU E 74 27.25 -21.35 43.09
CA GLU E 74 27.23 -22.61 43.81
C GLU E 74 28.38 -23.52 43.38
N LEU E 75 28.84 -23.38 42.13
CA LEU E 75 29.96 -24.19 41.64
C LEU E 75 31.31 -23.53 41.93
N VAL E 76 31.39 -22.20 41.91
CA VAL E 76 32.65 -21.54 42.23
C VAL E 76 32.90 -21.57 43.74
N TYR E 77 31.86 -21.79 44.55
CA TYR E 77 32.06 -21.95 45.98
C TYR E 77 32.69 -23.30 46.33
N GLY E 78 32.70 -24.26 45.40
CA GLY E 78 33.41 -25.51 45.56
C GLY E 78 32.54 -26.69 45.92
N ARG E 79 31.30 -26.46 46.36
CA ARG E 79 30.43 -27.56 46.79
C ARG E 79 29.56 -28.07 45.63
N ALA E 80 30.20 -28.39 44.51
CA ALA E 80 29.48 -28.91 43.34
C ALA E 80 30.47 -29.65 42.45
N ASP E 81 29.92 -30.53 41.61
CA ASP E 81 30.72 -31.28 40.65
C ASP E 81 30.38 -30.89 39.22
N VAL E 82 29.12 -31.03 38.80
CA VAL E 82 28.65 -30.59 37.50
C VAL E 82 27.28 -29.94 37.69
N ALA E 83 26.92 -29.09 36.73
CA ALA E 83 25.66 -28.35 36.79
C ALA E 83 25.03 -28.34 35.40
N VAL E 84 24.17 -29.31 35.13
CA VAL E 84 23.38 -29.33 33.90
C VAL E 84 22.06 -28.62 34.17
N ALA E 85 21.79 -27.58 33.38
CA ALA E 85 20.65 -26.69 33.59
C ALA E 85 20.56 -25.75 32.39
N PRO E 86 19.37 -25.18 32.14
CA PRO E 86 19.28 -24.12 31.13
C PRO E 86 20.04 -22.87 31.57
N LEU E 87 21.14 -22.57 30.90
CA LEU E 87 21.99 -21.45 31.25
C LEU E 87 22.39 -20.68 30.00
N THR E 88 22.40 -19.36 30.11
CA THR E 88 22.77 -18.48 29.00
C THR E 88 24.27 -18.21 29.04
N ILE E 89 24.92 -18.36 27.89
CA ILE E 89 26.36 -18.13 27.82
C ILE E 89 26.62 -16.63 27.88
N THR E 90 27.48 -16.22 28.82
CA THR E 90 27.87 -14.82 28.94
C THR E 90 29.31 -14.77 29.45
N LEU E 91 29.94 -13.61 29.23
CA LEU E 91 31.37 -13.48 29.52
C LEU E 91 31.64 -13.50 31.02
N VAL E 92 30.73 -12.96 31.83
CA VAL E 92 30.95 -12.91 33.27
C VAL E 92 30.88 -14.32 33.87
N ARG E 93 30.03 -15.19 33.30
CA ARG E 93 30.04 -16.59 33.71
C ARG E 93 31.24 -17.33 33.16
N GLU E 94 31.71 -16.95 31.97
CA GLU E 94 32.86 -17.61 31.36
C GLU E 94 34.15 -17.27 32.08
N GLU E 95 34.20 -16.12 32.77
CA GLU E 95 35.43 -15.62 33.36
C GLU E 95 36.02 -16.54 34.42
N VAL E 96 35.22 -17.38 35.05
CA VAL E 96 35.75 -18.25 36.11
C VAL E 96 35.55 -19.72 35.77
N ILE E 97 34.53 -20.03 34.97
CA ILE E 97 34.21 -21.42 34.62
C ILE E 97 33.85 -21.50 33.15
N ASP E 98 34.22 -22.60 32.52
CA ASP E 98 33.97 -22.83 31.11
C ASP E 98 32.71 -23.68 30.91
N PHE E 99 32.24 -23.70 29.67
CA PHE E 99 31.09 -24.50 29.28
C PHE E 99 31.49 -25.48 28.18
N SER E 100 30.71 -26.55 28.03
CA SER E 100 31.12 -27.64 27.14
C SER E 100 30.86 -27.32 25.68
N LYS E 101 29.59 -27.18 25.29
CA LYS E 101 29.15 -26.95 23.92
C LYS E 101 27.78 -26.28 23.98
N PRO E 102 27.41 -25.50 22.97
CA PRO E 102 26.02 -25.06 22.84
C PRO E 102 25.17 -26.13 22.17
N PHE E 103 24.28 -26.75 22.94
CA PHE E 103 23.43 -27.81 22.45
C PHE E 103 22.06 -27.31 22.00
N MET E 104 21.80 -26.01 22.08
CA MET E 104 20.52 -25.45 21.68
C MET E 104 20.72 -24.00 21.28
N SER E 105 20.05 -23.59 20.21
CA SER E 105 20.13 -22.22 19.71
C SER E 105 18.91 -21.43 20.21
N LEU E 106 19.18 -20.25 20.77
CA LEU E 106 18.13 -19.41 21.32
C LEU E 106 18.03 -18.12 20.50
N GLY E 107 16.80 -17.64 20.32
CA GLY E 107 16.56 -16.38 19.66
C GLY E 107 15.47 -15.61 20.39
N ILE E 108 15.17 -14.42 19.86
CA ILE E 108 14.14 -13.56 20.41
C ILE E 108 12.93 -13.61 19.50
N SER E 109 11.79 -14.04 20.06
CA SER E 109 10.55 -14.15 19.30
C SER E 109 9.63 -12.98 19.64
N ILE E 110 8.56 -12.85 18.86
CA ILE E 110 7.59 -11.77 19.00
C ILE E 110 6.22 -12.41 19.18
N MET E 111 5.47 -11.95 20.18
CA MET E 111 4.17 -12.51 20.50
C MET E 111 3.08 -11.85 19.64
N ILE E 112 2.34 -12.68 18.90
CA ILE E 112 1.18 -12.22 18.13
C ILE E 112 0.02 -13.15 18.46
N LYS E 113 -1.12 -12.56 18.82
CA LYS E 113 -2.32 -13.34 19.07
C LYS E 113 -2.83 -13.97 17.78
N LYS E 114 -3.52 -15.08 17.91
CA LYS E 114 -4.01 -15.82 16.74
C LYS E 114 -5.15 -15.05 16.07
N PRO E 115 -5.02 -14.71 14.79
CA PRO E 115 -6.12 -14.04 14.09
C PRO E 115 -7.15 -15.05 13.61
N GLN E 116 -8.32 -15.06 14.25
CA GLN E 116 -9.40 -15.97 13.91
C GLN E 116 -10.67 -15.16 13.71
N LYS E 117 -11.24 -15.22 12.51
CA LYS E 117 -12.45 -14.48 12.16
C LYS E 117 -13.45 -15.47 11.56
N SER E 118 -14.43 -15.87 12.35
CA SER E 118 -15.46 -16.79 11.87
C SER E 118 -16.38 -16.06 10.88
N LYS E 119 -16.57 -16.66 9.72
CA LYS E 119 -17.40 -16.04 8.69
C LYS E 119 -18.87 -16.19 9.04
N PRO E 120 -19.64 -15.11 9.04
CA PRO E 120 -21.07 -15.19 9.37
C PRO E 120 -21.88 -15.62 8.15
N GLY E 121 -23.18 -15.75 8.36
CA GLY E 121 -24.09 -16.19 7.31
C GLY E 121 -24.82 -15.04 6.63
N VAL E 122 -26.09 -14.85 7.00
CA VAL E 122 -26.88 -13.79 6.39
C VAL E 122 -26.40 -12.40 6.81
N PHE E 123 -25.67 -12.31 7.93
CA PHE E 123 -25.11 -11.03 8.34
C PHE E 123 -24.04 -10.54 7.37
N SER E 124 -23.22 -11.46 6.85
CA SER E 124 -22.19 -11.09 5.89
C SER E 124 -22.78 -10.69 4.54
N PHE E 125 -23.99 -11.15 4.22
CA PHE E 125 -24.66 -10.69 3.00
C PHE E 125 -24.98 -9.21 3.06
N LEU E 126 -25.48 -8.73 4.21
CA LEU E 126 -25.79 -7.33 4.40
C LEU E 126 -24.61 -6.52 4.90
N ASP E 127 -23.43 -7.15 5.02
CA ASP E 127 -22.23 -6.45 5.48
C ASP E 127 -21.84 -5.29 4.57
N PRO E 128 -21.67 -5.45 3.23
CA PRO E 128 -21.14 -4.32 2.45
C PRO E 128 -22.21 -3.32 2.04
N LEU E 129 -23.10 -2.98 2.96
CA LEU E 129 -24.13 -1.98 2.79
C LEU E 129 -24.66 -1.62 4.18
N ALA E 130 -25.79 -0.91 4.22
CA ALA E 130 -26.44 -0.56 5.47
C ALA E 130 -27.84 -1.13 5.50
N TYR E 131 -28.36 -1.32 6.72
CA TYR E 131 -29.70 -1.88 6.88
C TYR E 131 -30.77 -0.96 6.32
N GLU E 132 -30.64 0.35 6.56
CA GLU E 132 -31.57 1.31 5.97
C GLU E 132 -31.43 1.38 4.46
N ILE E 133 -30.27 1.03 3.91
CA ILE E 133 -30.15 0.93 2.46
C ILE E 133 -31.02 -0.20 1.92
N TRP E 134 -31.04 -1.34 2.61
CA TRP E 134 -31.90 -2.45 2.16
C TRP E 134 -33.37 -2.12 2.37
N MET E 135 -33.69 -1.40 3.45
CA MET E 135 -35.05 -0.92 3.63
C MET E 135 -35.46 0.00 2.49
N CYS E 136 -34.56 0.90 2.09
CA CYS E 136 -34.86 1.81 1.00
C CYS E 136 -34.94 1.09 -0.34
N ILE E 137 -34.12 0.05 -0.56
CA ILE E 137 -34.18 -0.64 -1.84
C ILE E 137 -35.49 -1.43 -1.96
N VAL E 138 -35.96 -2.02 -0.86
CA VAL E 138 -37.25 -2.72 -0.95
C VAL E 138 -38.39 -1.70 -1.04
N PHE E 139 -38.27 -0.54 -0.40
CA PHE E 139 -39.28 0.50 -0.53
C PHE E 139 -39.35 1.03 -1.97
N ALA E 140 -38.18 1.23 -2.60
CA ALA E 140 -38.15 1.68 -3.98
C ALA E 140 -38.68 0.62 -4.93
N TYR E 141 -38.44 -0.67 -4.63
CA TYR E 141 -39.02 -1.73 -5.43
C TYR E 141 -40.54 -1.70 -5.36
N ILE E 142 -41.09 -1.54 -4.15
CA ILE E 142 -42.54 -1.45 -4.00
C ILE E 142 -43.07 -0.21 -4.73
N GLY E 143 -42.36 0.91 -4.62
CA GLY E 143 -42.80 2.12 -5.29
C GLY E 143 -42.82 2.01 -6.81
N VAL E 144 -41.74 1.47 -7.39
CA VAL E 144 -41.71 1.32 -8.82
C VAL E 144 -42.73 0.29 -9.29
N SER E 145 -42.97 -0.75 -8.48
CA SER E 145 -43.98 -1.74 -8.83
C SER E 145 -45.38 -1.12 -8.84
N VAL E 146 -45.70 -0.30 -7.84
CA VAL E 146 -47.04 0.26 -7.78
C VAL E 146 -47.22 1.34 -8.86
N VAL E 147 -46.15 2.09 -9.20
CA VAL E 147 -46.25 3.04 -10.29
C VAL E 147 -46.46 2.31 -11.62
N LEU E 148 -45.74 1.20 -11.83
CA LEU E 148 -45.93 0.41 -13.04
C LEU E 148 -47.34 -0.16 -13.12
N PHE E 149 -47.86 -0.65 -11.99
CA PHE E 149 -49.22 -1.18 -11.97
C PHE E 149 -50.26 -0.11 -12.27
N LEU E 150 -50.10 1.10 -11.69
CA LEU E 150 -51.09 2.14 -11.93
C LEU E 150 -51.00 2.67 -13.35
N VAL E 151 -49.80 2.73 -13.92
CA VAL E 151 -49.70 3.22 -15.30
C VAL E 151 -50.15 2.15 -16.29
N SER E 152 -50.06 0.86 -15.90
CA SER E 152 -50.60 -0.18 -16.77
C SER E 152 -52.12 -0.23 -16.72
N ARG E 153 -52.69 -0.08 -15.52
CA ARG E 153 -54.15 -0.14 -15.39
C ARG E 153 -54.82 1.15 -15.87
N PHE E 154 -54.13 2.29 -15.77
CA PHE E 154 -54.71 3.56 -16.20
C PHE E 154 -54.89 3.61 -17.70
N SER E 155 -53.92 3.09 -18.45
CA SER E 155 -53.99 3.10 -19.91
C SER E 155 -55.00 2.08 -20.42
N LEU E 204 -45.07 8.57 -22.77
CA LEU E 204 -44.74 7.20 -22.37
C LEU E 204 -44.28 7.16 -20.92
N SER E 205 -45.26 7.28 -20.02
CA SER E 205 -44.96 7.26 -18.59
C SER E 205 -44.38 5.92 -18.14
N GLY E 206 -44.93 4.83 -18.67
CA GLY E 206 -44.37 3.52 -18.35
C GLY E 206 -42.94 3.35 -18.82
N ARG E 207 -42.65 3.85 -20.02
CA ARG E 207 -41.29 3.77 -20.54
C ARG E 207 -40.32 4.63 -19.73
N ILE E 208 -40.76 5.82 -19.32
CA ILE E 208 -39.85 6.66 -18.54
C ILE E 208 -39.66 6.10 -17.12
N VAL E 209 -40.68 5.42 -16.58
CA VAL E 209 -40.53 4.76 -15.29
C VAL E 209 -39.56 3.58 -15.42
N GLY E 210 -39.67 2.81 -16.50
CA GLY E 210 -38.70 1.75 -16.73
C GLY E 210 -37.28 2.27 -16.90
N GLY E 211 -37.14 3.40 -17.59
CA GLY E 211 -35.82 3.98 -17.77
C GLY E 211 -35.21 4.49 -16.47
N VAL E 212 -36.01 5.17 -15.64
CA VAL E 212 -35.46 5.67 -14.39
C VAL E 212 -35.20 4.53 -13.42
N TRP E 213 -36.00 3.46 -13.47
CA TRP E 213 -35.69 2.28 -12.66
C TRP E 213 -34.42 1.60 -13.11
N TRP E 214 -34.20 1.53 -14.43
CA TRP E 214 -32.95 0.96 -14.94
C TRP E 214 -31.75 1.80 -14.52
N PHE E 215 -31.86 3.12 -14.58
CA PHE E 215 -30.81 4.02 -14.11
C PHE E 215 -30.56 3.84 -12.61
N PHE E 216 -31.63 3.68 -11.83
CA PHE E 216 -31.53 3.50 -10.39
C PHE E 216 -30.82 2.20 -10.03
N THR E 217 -31.26 1.07 -10.61
CA THR E 217 -30.60 -0.19 -10.31
C THR E 217 -29.19 -0.24 -10.89
N LEU E 218 -28.95 0.48 -11.99
CA LEU E 218 -27.62 0.66 -12.53
C LEU E 218 -26.68 1.24 -11.48
N ILE E 219 -27.09 2.35 -10.87
CA ILE E 219 -26.25 2.99 -9.86
C ILE E 219 -26.10 2.11 -8.63
N ILE E 220 -27.19 1.44 -8.22
CA ILE E 220 -27.14 0.58 -7.03
C ILE E 220 -26.15 -0.56 -7.23
N ILE E 221 -26.20 -1.23 -8.39
CA ILE E 221 -25.30 -2.36 -8.65
C ILE E 221 -23.86 -1.87 -8.73
N SER E 222 -23.62 -0.74 -9.41
CA SER E 222 -22.26 -0.23 -9.51
C SER E 222 -21.70 0.13 -8.14
N SER E 223 -22.51 0.77 -7.30
CA SER E 223 -22.05 1.16 -5.97
C SER E 223 -21.75 -0.07 -5.10
N TYR E 224 -22.63 -1.08 -5.15
CA TYR E 224 -22.41 -2.27 -4.33
C TYR E 224 -21.16 -3.00 -4.78
N THR E 225 -20.96 -3.11 -6.11
CA THR E 225 -19.77 -3.77 -6.63
C THR E 225 -18.50 -3.04 -6.20
N ALA E 226 -18.52 -1.70 -6.29
CA ALA E 226 -17.35 -0.92 -5.88
C ALA E 226 -17.06 -1.08 -4.39
N ASN E 227 -18.11 -1.06 -3.55
CA ASN E 227 -17.92 -1.19 -2.11
C ASN E 227 -17.37 -2.56 -1.74
N LEU E 228 -17.93 -3.63 -2.34
CA LEU E 228 -17.46 -4.97 -2.03
C LEU E 228 -16.02 -5.18 -2.52
N ALA E 229 -15.68 -4.66 -3.70
CA ALA E 229 -14.32 -4.74 -4.18
C ALA E 229 -13.36 -4.01 -3.26
N ALA E 230 -13.78 -2.83 -2.77
CA ALA E 230 -12.94 -2.06 -1.85
C ALA E 230 -12.71 -2.83 -0.56
N PHE E 231 -13.77 -3.42 0.00
CA PHE E 231 -13.62 -4.18 1.24
C PHE E 231 -12.70 -5.38 1.06
N LEU E 232 -12.88 -6.12 -0.04
CA LEU E 232 -12.11 -7.34 -0.21
C LEU E 232 -10.64 -7.04 -0.50
N THR E 233 -10.36 -5.99 -1.29
CA THR E 233 -8.96 -5.67 -1.54
C THR E 233 -8.30 -4.93 -0.36
N VAL E 234 -9.09 -4.33 0.54
CA VAL E 234 -8.52 -3.86 1.79
C VAL E 234 -8.15 -5.04 2.68
N GLU E 235 -9.03 -6.04 2.75
CA GLU E 235 -8.72 -7.25 3.52
C GLU E 235 -7.56 -8.03 2.92
N ARG E 236 -7.36 -7.95 1.61
CA ARG E 236 -6.29 -8.69 0.96
C ARG E 236 -4.92 -8.08 1.24
N MET E 237 -4.83 -6.76 1.24
CA MET E 237 -3.54 -6.07 1.34
C MET E 237 -3.01 -5.99 2.78
N VAL E 238 -3.55 -6.78 3.71
CA VAL E 238 -3.03 -6.77 5.07
C VAL E 238 -1.62 -7.35 5.10
N SER E 239 -0.84 -6.89 6.05
CA SER E 239 0.57 -7.29 6.16
C SER E 239 0.81 -7.98 7.50
N PRO E 240 1.01 -9.30 7.53
CA PRO E 240 1.37 -9.97 8.77
C PRO E 240 2.75 -9.54 9.26
N ILE E 241 2.93 -9.58 10.56
CA ILE E 241 4.16 -9.09 11.19
C ILE E 241 5.24 -10.15 11.06
N GLU E 242 6.37 -9.78 10.46
CA GLU E 242 7.54 -10.65 10.36
C GLU E 242 8.78 -9.86 10.75
N SER E 243 9.68 -10.50 11.51
CA SER E 243 10.95 -9.93 11.94
C SER E 243 10.76 -8.64 12.73
N ALA E 244 11.78 -7.77 12.72
CA ALA E 244 11.78 -6.57 13.54
C ALA E 244 11.52 -5.28 12.77
N GLU E 245 11.95 -5.21 11.51
CA GLU E 245 11.76 -3.98 10.75
C GLU E 245 10.30 -3.70 10.45
N ASP E 246 9.49 -4.76 10.29
CA ASP E 246 8.06 -4.57 10.13
C ASP E 246 7.45 -3.98 11.39
N LEU E 247 7.90 -4.45 12.57
CA LEU E 247 7.45 -3.89 13.83
C LEU E 247 7.86 -2.44 13.97
N ALA E 248 9.09 -2.10 13.58
CA ALA E 248 9.54 -0.72 13.65
C ALA E 248 8.83 0.18 12.65
N LYS E 249 8.33 -0.40 11.56
CA LYS E 249 7.63 0.39 10.54
C LYS E 249 6.16 0.58 10.83
N GLN E 250 5.50 -0.39 11.46
CA GLN E 250 4.05 -0.28 11.67
C GLN E 250 3.71 0.76 12.71
N THR E 251 4.42 0.76 13.85
CA THR E 251 4.22 1.70 14.96
C THR E 251 2.77 1.73 15.42
N GLU E 252 2.15 0.55 15.49
CA GLU E 252 0.76 0.44 15.90
C GLU E 252 0.51 -0.59 16.99
N ILE E 253 1.36 -1.60 17.15
CA ILE E 253 1.22 -2.62 18.18
C ILE E 253 2.32 -2.42 19.21
N ALA E 254 1.92 -2.27 20.47
CA ALA E 254 2.89 -2.06 21.54
C ALA E 254 3.69 -3.34 21.79
N TYR E 255 5.01 -3.18 21.93
CA TYR E 255 5.92 -4.28 22.18
C TYR E 255 6.82 -3.94 23.36
N GLY E 256 7.06 -4.94 24.22
CA GLY E 256 7.89 -4.73 25.38
C GLY E 256 8.48 -6.04 25.85
N THR E 257 9.40 -5.93 26.81
CA THR E 257 10.08 -7.09 27.38
C THR E 257 10.14 -6.91 28.88
N LEU E 258 10.92 -7.79 29.53
CA LEU E 258 11.10 -7.70 30.97
C LEU E 258 11.93 -6.47 31.34
N GLU E 259 11.74 -5.99 32.57
CA GLU E 259 12.44 -4.79 33.03
C GLU E 259 13.95 -5.00 33.07
N ALA E 260 14.39 -6.18 33.52
CA ALA E 260 15.80 -6.53 33.56
C ALA E 260 16.01 -7.86 32.86
N GLY E 261 17.26 -8.22 32.68
CA GLY E 261 17.63 -9.49 32.07
C GLY E 261 18.45 -9.31 30.82
N SER E 262 18.63 -10.42 30.10
CA SER E 262 19.42 -10.42 28.88
C SER E 262 18.76 -9.59 27.79
N THR E 263 17.43 -9.66 27.67
CA THR E 263 16.73 -8.85 26.68
C THR E 263 16.85 -7.37 26.97
N LYS E 264 16.74 -6.99 28.25
CA LYS E 264 16.90 -5.59 28.62
C LYS E 264 18.33 -5.12 28.40
N GLU E 265 19.32 -5.97 28.67
CA GLU E 265 20.71 -5.62 28.42
C GLU E 265 20.96 -5.45 26.92
N PHE E 266 20.37 -6.32 26.10
CA PHE E 266 20.49 -6.20 24.65
C PHE E 266 19.83 -4.93 24.13
N PHE E 267 18.67 -4.56 24.70
CA PHE E 267 17.99 -3.34 24.27
C PHE E 267 18.75 -2.10 24.73
N ARG E 268 19.30 -2.12 25.94
CA ARG E 268 20.03 -0.97 26.45
C ARG E 268 21.36 -0.79 25.71
N ARG E 269 22.02 -1.89 25.35
CA ARG E 269 23.26 -1.85 24.59
C ARG E 269 23.05 -2.13 23.11
N SER E 270 21.89 -1.75 22.58
CA SER E 270 21.57 -2.00 21.18
C SER E 270 22.34 -1.05 20.27
N LYS E 271 22.79 -1.58 19.13
CA LYS E 271 23.47 -0.78 18.12
C LYS E 271 22.99 -1.02 16.70
N ILE E 272 22.21 -2.07 16.44
CA ILE E 272 21.56 -2.24 15.16
C ILE E 272 20.60 -1.08 14.94
N ALA E 273 20.62 -0.50 13.73
CA ALA E 273 19.88 0.74 13.47
C ALA E 273 18.38 0.55 13.67
N VAL E 274 17.81 -0.55 13.16
CA VAL E 274 16.39 -0.81 13.39
C VAL E 274 16.13 -1.17 14.85
N PHE E 275 17.05 -1.92 15.48
CA PHE E 275 16.91 -2.19 16.90
C PHE E 275 17.13 -0.95 17.75
N GLU E 276 18.03 -0.06 17.34
CA GLU E 276 18.19 1.21 18.05
C GLU E 276 16.93 2.06 17.93
N LYS E 277 16.31 2.06 16.74
CA LYS E 277 15.04 2.78 16.56
C LYS E 277 13.95 2.18 17.43
N MET E 278 13.89 0.85 17.51
CA MET E 278 12.91 0.19 18.37
C MET E 278 13.15 0.51 19.85
N TRP E 279 14.42 0.55 20.26
CA TRP E 279 14.76 0.87 21.63
C TRP E 279 14.39 2.31 21.97
N THR E 280 14.61 3.24 21.04
CA THR E 280 14.21 4.63 21.26
C THR E 280 12.69 4.77 21.28
N TYR E 281 11.99 3.98 20.45
CA TYR E 281 10.52 3.99 20.48
C TYR E 281 10.00 3.47 21.82
N MET E 282 10.61 2.40 22.33
CA MET E 282 10.21 1.86 23.63
C MET E 282 10.68 2.71 24.80
N LYS E 283 11.65 3.59 24.57
CA LYS E 283 12.14 4.45 25.64
C LYS E 283 11.15 5.53 26.03
N SER E 284 10.23 5.88 25.14
CA SER E 284 9.17 6.83 25.48
C SER E 284 8.27 6.26 26.58
N ALA E 285 7.93 4.97 26.47
CA ALA E 285 7.18 4.23 27.49
C ALA E 285 5.85 4.89 27.81
N GLU E 286 5.14 5.34 26.77
CA GLU E 286 3.78 5.85 26.98
C GLU E 286 2.82 4.80 27.54
N PRO E 287 2.80 3.55 27.07
CA PRO E 287 2.14 2.49 27.85
C PRO E 287 3.08 1.67 28.72
N SER E 288 4.39 1.96 28.69
CA SER E 288 5.43 1.26 29.43
C SER E 288 5.50 -0.23 29.08
N VAL E 289 6.33 -0.98 29.80
CA VAL E 289 6.40 -2.41 29.58
C VAL E 289 5.12 -3.10 30.06
N PHE E 290 4.53 -2.58 31.15
CA PHE E 290 3.27 -3.08 31.72
C PHE E 290 3.34 -4.56 32.06
N VAL E 291 4.53 -5.05 32.43
CA VAL E 291 4.73 -6.46 32.75
C VAL E 291 5.48 -6.57 34.07
N ARG E 292 5.27 -7.70 34.75
CA ARG E 292 6.01 -8.03 35.96
C ARG E 292 6.80 -9.32 35.82
N THR E 293 6.18 -10.36 35.27
CA THR E 293 6.85 -11.64 35.05
C THR E 293 6.39 -12.19 33.70
N THR E 294 6.78 -13.44 33.41
CA THR E 294 6.47 -14.02 32.10
C THR E 294 4.98 -14.32 31.96
N GLU E 295 4.39 -14.94 32.99
CA GLU E 295 2.98 -15.31 32.90
C GLU E 295 2.07 -14.07 32.94
N GLU E 296 2.47 -13.05 33.68
CA GLU E 296 1.70 -11.81 33.69
C GLU E 296 1.71 -11.14 32.32
N GLY E 297 2.87 -11.11 31.66
CA GLY E 297 2.94 -10.58 30.31
C GLY E 297 2.16 -11.41 29.32
N MET E 298 2.18 -12.74 29.49
CA MET E 298 1.40 -13.62 28.63
C MET E 298 -0.10 -13.34 28.78
N ILE E 299 -0.55 -13.16 30.03
CA ILE E 299 -1.96 -12.85 30.29
C ILE E 299 -2.33 -11.50 29.68
N ARG E 300 -1.44 -10.50 29.83
CA ARG E 300 -1.70 -9.18 29.26
C ARG E 300 -1.79 -9.23 27.74
N VAL E 301 -0.88 -9.97 27.10
CA VAL E 301 -0.90 -10.10 25.65
C VAL E 301 -2.17 -10.81 25.19
N ARG E 302 -2.56 -11.88 25.89
CA ARG E 302 -3.77 -12.61 25.51
C ARG E 302 -5.02 -11.74 25.69
N LYS E 303 -5.07 -10.94 26.76
CA LYS E 303 -6.22 -10.08 27.00
C LYS E 303 -6.17 -8.79 26.18
N SER E 304 -5.07 -8.50 25.51
CA SER E 304 -4.96 -7.31 24.69
C SER E 304 -5.58 -7.47 23.30
N LYS E 305 -6.05 -8.68 22.97
CA LYS E 305 -6.70 -8.98 21.68
C LYS E 305 -5.79 -8.66 20.50
N GLY E 306 -4.50 -8.99 20.64
CA GLY E 306 -3.55 -8.78 19.56
C GLY E 306 -3.00 -7.39 19.43
N LYS E 307 -3.34 -6.48 20.36
CA LYS E 307 -2.83 -5.12 20.31
C LYS E 307 -1.51 -4.95 21.05
N TYR E 308 -1.01 -6.00 21.68
CA TYR E 308 0.25 -5.95 22.42
C TYR E 308 1.14 -7.11 22.03
N ALA E 309 2.44 -6.90 22.14
CA ALA E 309 3.44 -7.90 21.80
C ALA E 309 4.48 -7.99 22.90
N TYR E 310 5.11 -9.16 23.03
CA TYR E 310 6.16 -9.39 24.00
C TYR E 310 7.34 -10.04 23.31
N LEU E 311 8.55 -9.65 23.72
CA LEU E 311 9.79 -10.17 23.14
C LEU E 311 10.45 -11.07 24.17
N LEU E 312 10.23 -12.38 24.03
CA LEU E 312 10.78 -13.38 24.92
C LEU E 312 11.56 -14.42 24.11
N GLU E 313 12.26 -15.30 24.83
CA GLU E 313 13.20 -16.22 24.21
C GLU E 313 12.47 -17.24 23.34
N SER E 314 13.15 -17.68 22.27
CA SER E 314 12.55 -18.62 21.33
C SER E 314 12.28 -19.98 21.98
N THR E 315 13.08 -20.35 22.99
CA THR E 315 12.82 -21.59 23.72
C THR E 315 11.49 -21.52 24.46
N MET E 316 11.24 -20.42 25.16
CA MET E 316 9.99 -20.25 25.89
C MET E 316 8.80 -20.18 24.94
N ASN E 317 8.96 -19.48 23.82
CA ASN E 317 7.90 -19.38 22.84
C ASN E 317 7.57 -20.73 22.22
N GLU E 318 8.59 -21.52 21.91
CA GLU E 318 8.35 -22.85 21.34
C GLU E 318 7.72 -23.79 22.36
N TYR E 319 8.08 -23.65 23.64
CA TYR E 319 7.43 -24.47 24.66
C TYR E 319 5.98 -24.07 24.87
N ILE E 320 5.70 -22.75 24.91
CA ILE E 320 4.33 -22.27 25.11
C ILE E 320 3.49 -22.39 23.85
N GLU E 321 4.10 -22.72 22.71
CA GLU E 321 3.35 -22.87 21.47
C GLU E 321 2.35 -24.01 21.54
N GLN E 322 2.73 -25.13 22.15
CA GLN E 322 1.87 -26.30 22.21
C GLN E 322 1.30 -26.59 23.60
N ARG E 323 2.00 -26.21 24.66
CA ARG E 323 1.47 -26.47 26.00
C ARG E 323 0.29 -25.57 26.32
N LYS E 324 0.39 -24.28 25.99
CA LYS E 324 -0.72 -23.37 26.17
C LYS E 324 -1.79 -23.63 25.11
N PRO E 325 -3.01 -23.16 25.34
CA PRO E 325 -4.02 -23.21 24.27
C PRO E 325 -3.56 -22.42 23.06
N CYS E 326 -3.97 -22.89 21.88
CA CYS E 326 -3.43 -22.39 20.63
C CYS E 326 -3.94 -21.00 20.31
N ASP E 327 -3.22 -19.97 20.77
CA ASP E 327 -3.57 -18.59 20.46
C ASP E 327 -2.38 -17.74 20.06
N THR E 328 -1.16 -18.27 20.11
CA THR E 328 0.04 -17.54 19.72
C THR E 328 0.90 -18.42 18.84
N MET E 329 1.60 -17.79 17.90
CA MET E 329 2.47 -18.50 16.97
C MET E 329 3.82 -17.79 16.87
N LYS E 330 4.82 -18.56 16.45
CA LYS E 330 6.16 -18.03 16.23
C LYS E 330 6.30 -17.60 14.77
N VAL E 331 6.82 -16.39 14.56
CA VAL E 331 6.98 -15.85 13.23
C VAL E 331 8.38 -15.23 13.12
N GLY E 332 8.91 -15.19 11.90
CA GLY E 332 10.22 -14.61 11.69
C GLY E 332 11.34 -15.54 12.15
N GLY E 333 12.53 -14.95 12.25
CA GLY E 333 13.70 -15.71 12.67
C GLY E 333 14.25 -15.25 14.00
N ASN E 334 15.41 -15.78 14.38
CA ASN E 334 16.05 -15.40 15.64
C ASN E 334 16.67 -14.02 15.51
N LEU E 335 16.35 -13.14 16.47
CA LEU E 335 16.91 -11.79 16.45
C LEU E 335 18.36 -11.77 16.90
N ASP E 336 18.82 -12.80 17.60
CA ASP E 336 20.21 -12.89 18.04
C ASP E 336 20.65 -14.35 18.08
N SER E 337 21.96 -14.54 18.07
CA SER E 337 22.56 -15.88 18.07
C SER E 337 23.22 -16.11 19.42
N LYS E 338 22.67 -17.05 20.20
CA LYS E 338 23.25 -17.41 21.49
C LYS E 338 22.92 -18.88 21.76
N GLY E 339 23.71 -19.47 22.65
CA GLY E 339 23.56 -20.88 22.93
C GLY E 339 23.44 -21.22 24.41
N TYR E 340 23.55 -22.51 24.72
CA TYR E 340 23.46 -23.03 26.08
C TYR E 340 24.78 -23.71 26.44
N GLY E 341 24.80 -24.39 27.56
CA GLY E 341 26.00 -25.12 27.96
C GLY E 341 25.79 -25.81 29.29
N ILE E 342 26.79 -26.61 29.65
CA ILE E 342 26.82 -27.34 30.92
C ILE E 342 28.00 -26.83 31.72
N ALA E 343 27.75 -26.42 32.96
CA ALA E 343 28.80 -25.84 33.79
C ALA E 343 29.75 -26.93 34.27
N THR E 344 31.06 -26.66 34.13
CA THR E 344 32.11 -27.55 34.59
C THR E 344 33.17 -26.73 35.30
N PRO E 345 33.84 -27.29 36.30
CA PRO E 345 34.93 -26.57 36.96
C PRO E 345 36.11 -26.38 36.02
N LYS E 346 36.85 -25.28 36.26
CA LYS E 346 37.96 -24.93 35.38
C LYS E 346 39.16 -25.86 35.61
N GLY E 347 39.29 -26.42 36.80
CA GLY E 347 40.46 -27.25 37.10
C GLY E 347 40.13 -28.63 37.60
N SER E 348 39.07 -29.24 37.08
CA SER E 348 38.65 -30.58 37.46
C SER E 348 38.90 -31.55 36.32
N ALA E 349 38.88 -32.84 36.66
CA ALA E 349 39.07 -33.89 35.68
C ALA E 349 37.80 -34.21 34.90
N LEU E 350 36.67 -33.61 35.26
CA LEU E 350 35.40 -33.84 34.58
C LEU E 350 35.08 -32.72 33.61
N ARG E 351 36.09 -32.15 32.96
CA ARG E 351 35.94 -31.06 32.02
C ARG E 351 35.89 -31.51 30.57
N ASN E 352 36.79 -32.42 30.18
CA ASN E 352 36.82 -32.95 28.82
C ASN E 352 35.79 -34.04 28.54
N PRO E 353 35.58 -35.04 29.43
CA PRO E 353 34.56 -36.07 29.09
C PRO E 353 33.15 -35.52 28.94
N VAL E 354 32.77 -34.51 29.72
CA VAL E 354 31.44 -33.93 29.58
C VAL E 354 31.29 -33.24 28.23
N ASN E 355 32.33 -32.54 27.78
CA ASN E 355 32.31 -31.90 26.47
C ASN E 355 32.23 -32.92 25.36
N LEU E 356 33.05 -33.98 25.46
CA LEU E 356 33.05 -35.02 24.43
C LEU E 356 31.69 -35.71 24.34
N ALA E 357 31.10 -36.03 25.50
CA ALA E 357 29.82 -36.75 25.49
C ALA E 357 28.69 -35.86 24.99
N VAL E 358 28.65 -34.59 25.40
CA VAL E 358 27.56 -33.73 24.94
C VAL E 358 27.70 -33.43 23.45
N LEU E 359 28.94 -33.31 22.94
CA LEU E 359 29.11 -33.06 21.51
C LEU E 359 28.80 -34.31 20.70
N LYS E 360 29.14 -35.49 21.23
CA LYS E 360 28.77 -36.74 20.58
C LYS E 360 27.27 -36.90 20.51
N LEU E 361 26.57 -36.56 21.60
CA LEU E 361 25.11 -36.67 21.59
C LEU E 361 24.48 -35.65 20.65
N ASN E 362 25.06 -34.45 20.56
CA ASN E 362 24.56 -33.45 19.63
C ASN E 362 24.75 -33.90 18.19
N GLU E 363 25.91 -34.51 17.88
CA GLU E 363 26.17 -34.97 16.52
C GLU E 363 25.33 -36.20 16.17
N GLN E 364 25.03 -37.05 17.16
CA GLN E 364 24.29 -38.26 16.88
C GLN E 364 22.84 -37.98 16.50
N GLY E 365 22.24 -36.94 17.08
CA GLY E 365 20.87 -36.58 16.80
C GLY E 365 19.85 -37.11 17.78
N LEU E 366 20.27 -37.88 18.79
CA LEU E 366 19.34 -38.36 19.79
C LEU E 366 18.84 -37.21 20.67
N LEU E 367 19.66 -36.17 20.85
CA LEU E 367 19.20 -34.98 21.55
C LEU E 367 18.06 -34.31 20.80
N ASP E 368 18.18 -34.21 19.48
CA ASP E 368 17.11 -33.64 18.67
C ASP E 368 15.85 -34.49 18.73
N LYS E 369 16.02 -35.82 18.70
CA LYS E 369 14.87 -36.72 18.81
C LYS E 369 14.17 -36.56 20.16
N LEU E 370 14.94 -36.48 21.24
CA LEU E 370 14.35 -36.34 22.57
C LEU E 370 13.64 -35.00 22.70
N LYS E 371 14.25 -33.92 22.20
CA LYS E 371 13.61 -32.62 22.24
C LYS E 371 12.33 -32.61 21.43
N ASN E 372 12.35 -33.19 20.23
CA ASN E 372 11.17 -33.23 19.38
C ASN E 372 10.04 -34.01 20.03
N LYS E 373 10.35 -35.19 20.58
CA LYS E 373 9.30 -36.00 21.20
C LYS E 373 8.74 -35.32 22.45
N TRP E 374 9.61 -34.69 23.26
CA TRP E 374 9.14 -34.06 24.48
C TRP E 374 8.36 -32.79 24.19
N TRP E 375 8.65 -32.11 23.09
CA TRP E 375 8.01 -30.83 22.78
C TRP E 375 6.85 -30.96 21.81
N TYR E 376 6.65 -32.12 21.20
CA TYR E 376 5.53 -32.32 20.30
C TYR E 376 4.55 -33.40 20.75
N ASP E 377 5.02 -34.48 21.38
CA ASP E 377 4.12 -35.55 21.79
C ASP E 377 3.18 -35.10 22.90
N LYS E 378 3.72 -34.49 23.94
CA LYS E 378 2.93 -34.02 25.07
C LYS E 378 2.58 -32.54 24.91
N GLY E 379 1.85 -32.24 23.84
CA GLY E 379 1.43 -30.88 23.57
C GLY E 379 -0.08 -30.77 23.40
N GLU E 380 -0.68 -29.78 24.06
CA GLU E 380 -2.13 -29.58 23.98
C GLU E 380 -2.44 -28.56 22.90
N CYS E 381 -2.12 -28.94 21.67
CA CYS E 381 -2.36 -28.09 20.51
C CYS E 381 -2.35 -28.97 19.26
N GLY E 382 -2.87 -28.41 18.17
CA GLY E 382 -2.92 -29.11 16.90
C GLY E 382 -2.35 -28.31 15.76
N SER E 383 -1.62 -27.23 16.08
CA SER E 383 -1.04 -26.39 15.05
C SER E 383 0.07 -27.11 14.31
N GLY E 384 0.91 -27.86 15.02
CA GLY E 384 2.01 -28.59 14.41
C GLY E 384 1.78 -30.10 14.35
N GLY E 385 0.89 -30.64 15.17
CA GLY E 385 0.60 -32.06 15.16
C GLY E 385 -0.48 -32.44 14.15
N GLY E 386 -1.09 -31.46 13.48
CA GLY E 386 -2.12 -31.71 12.49
C GLY E 386 -1.90 -30.77 11.31
N ASP E 387 -2.74 -30.93 10.29
CA ASP E 387 -2.64 -30.07 9.12
C ASP E 387 -3.04 -28.64 9.44
N SER E 388 -2.33 -27.70 8.84
CA SER E 388 -2.59 -26.28 9.06
C SER E 388 -3.62 -25.79 8.04
N LYS E 389 -3.82 -24.47 7.97
CA LYS E 389 -4.76 -23.88 7.04
C LYS E 389 -3.99 -23.36 5.83
N ASP E 390 -4.38 -23.83 4.64
CA ASP E 390 -3.72 -23.44 3.40
C ASP E 390 -4.34 -22.15 2.88
N LYS E 391 -3.51 -21.17 2.56
CA LYS E 391 -3.96 -19.88 2.05
C LYS E 391 -4.17 -20.00 0.55
N THR E 392 -5.42 -20.15 0.13
CA THR E 392 -5.77 -20.26 -1.28
C THR E 392 -6.58 -19.06 -1.77
N SER E 393 -6.76 -18.05 -0.92
CA SER E 393 -7.54 -16.84 -1.21
C SER E 393 -8.96 -17.24 -1.57
N ALA E 394 -9.60 -16.49 -2.47
CA ALA E 394 -10.93 -16.78 -3.01
C ALA E 394 -11.98 -16.89 -1.91
N LEU E 395 -13.08 -17.57 -2.19
CA LEU E 395 -14.15 -17.78 -1.22
C LEU E 395 -14.35 -19.28 -1.01
N SER E 396 -15.09 -19.61 0.05
CA SER E 396 -15.38 -21.01 0.38
C SER E 396 -16.81 -21.17 0.84
N LEU E 397 -17.75 -20.52 0.15
CA LEU E 397 -19.18 -20.52 0.49
C LEU E 397 -19.37 -20.04 1.93
N SER E 398 -18.97 -18.79 2.16
CA SER E 398 -19.03 -18.18 3.49
C SER E 398 -19.95 -16.98 3.54
N ASN E 399 -19.77 -16.01 2.64
CA ASN E 399 -20.58 -14.80 2.64
C ASN E 399 -21.75 -14.88 1.68
N VAL E 400 -21.63 -15.69 0.62
CA VAL E 400 -22.67 -15.80 -0.39
C VAL E 400 -23.68 -16.87 -0.01
N ALA E 401 -23.50 -17.47 1.18
CA ALA E 401 -24.45 -18.46 1.65
C ALA E 401 -25.79 -17.83 2.01
N GLY E 402 -25.77 -16.64 2.62
CA GLY E 402 -27.02 -16.00 3.01
C GLY E 402 -27.87 -15.58 1.83
N VAL E 403 -27.23 -15.12 0.75
CA VAL E 403 -28.00 -14.72 -0.42
C VAL E 403 -28.55 -15.95 -1.14
N PHE E 404 -27.82 -17.07 -1.08
CA PHE E 404 -28.38 -18.34 -1.55
C PHE E 404 -29.58 -18.75 -0.71
N TYR E 405 -29.53 -18.54 0.60
CA TYR E 405 -30.66 -18.86 1.47
C TYR E 405 -31.87 -18.01 1.15
N ILE E 406 -31.67 -16.71 0.92
CA ILE E 406 -32.81 -15.85 0.59
C ILE E 406 -33.29 -16.14 -0.84
N LEU E 407 -32.40 -16.63 -1.71
CA LEU E 407 -32.82 -17.11 -3.02
C LEU E 407 -33.80 -18.28 -2.89
N ILE E 408 -33.42 -19.30 -2.12
CA ILE E 408 -34.30 -20.45 -1.94
C ILE E 408 -35.58 -20.04 -1.22
N GLY E 409 -35.49 -19.08 -0.29
CA GLY E 409 -36.69 -18.58 0.37
C GLY E 409 -37.63 -17.88 -0.58
N GLY E 410 -37.08 -17.07 -1.50
CA GLY E 410 -37.90 -16.42 -2.51
C GLY E 410 -38.53 -17.37 -3.50
N LEU E 411 -37.80 -18.39 -3.93
CA LEU E 411 -38.40 -19.44 -4.76
C LEU E 411 -39.50 -20.18 -4.02
N GLY E 412 -39.28 -20.44 -2.72
CA GLY E 412 -40.32 -21.08 -1.93
C GLY E 412 -41.58 -20.23 -1.81
N LEU E 413 -41.41 -18.94 -1.54
CA LEU E 413 -42.56 -18.04 -1.46
C LEU E 413 -43.28 -17.95 -2.80
N ALA E 414 -42.52 -17.92 -3.91
CA ALA E 414 -43.11 -17.88 -5.23
C ALA E 414 -43.91 -19.14 -5.54
N MET E 415 -43.36 -20.31 -5.19
CA MET E 415 -44.09 -21.54 -5.48
C MET E 415 -45.29 -21.72 -4.56
N LEU E 416 -45.22 -21.22 -3.32
CA LEU E 416 -46.41 -21.28 -2.48
C LEU E 416 -47.50 -20.30 -2.92
N VAL E 417 -47.14 -19.11 -3.41
CA VAL E 417 -48.19 -18.21 -3.89
C VAL E 417 -48.73 -18.73 -5.22
N ALA E 418 -47.92 -19.44 -6.00
CA ALA E 418 -48.44 -20.13 -7.18
C ALA E 418 -49.37 -21.28 -6.80
N LEU E 419 -49.08 -21.96 -5.69
CA LEU E 419 -50.00 -22.98 -5.18
C LEU E 419 -51.31 -22.36 -4.73
N ILE E 420 -51.23 -21.18 -4.10
CA ILE E 420 -52.44 -20.44 -3.74
C ILE E 420 -53.23 -20.07 -4.99
N GLU E 421 -52.54 -19.65 -6.06
CA GLU E 421 -53.21 -19.32 -7.31
C GLU E 421 -53.88 -20.54 -7.93
N PHE E 422 -53.22 -21.69 -7.88
CA PHE E 422 -53.81 -22.92 -8.41
C PHE E 422 -55.00 -23.39 -7.58
N CYS E 423 -54.95 -23.23 -6.26
CA CYS E 423 -56.08 -23.55 -5.41
C CYS E 423 -57.23 -22.57 -5.58
N TYR E 424 -56.93 -21.31 -5.93
CA TYR E 424 -57.94 -20.34 -6.32
C TYR E 424 -58.56 -20.69 -7.67
N LYS E 425 -57.76 -21.28 -8.56
CA LYS E 425 -58.30 -21.82 -9.80
C LYS E 425 -59.22 -23.00 -9.52
N SER E 426 -58.87 -23.82 -8.52
CA SER E 426 -59.74 -24.95 -8.16
C SER E 426 -61.11 -24.47 -7.70
N ARG E 427 -61.13 -23.49 -6.80
CA ARG E 427 -62.35 -22.77 -6.38
C ARG E 427 -63.52 -23.67 -5.98
N VAL F 1 28.01 32.18 36.19
CA VAL F 1 27.36 33.16 35.33
C VAL F 1 25.84 32.97 35.42
N VAL F 2 25.09 34.04 35.17
CA VAL F 2 23.64 34.05 35.31
C VAL F 2 23.02 34.30 33.94
N VAL F 3 21.92 33.61 33.65
CA VAL F 3 21.20 33.74 32.39
C VAL F 3 19.70 33.79 32.67
N THR F 4 19.00 34.66 31.94
CA THR F 4 17.56 34.78 32.02
C THR F 4 16.89 33.89 30.98
N THR F 5 15.66 33.48 31.28
CA THR F 5 14.88 32.63 30.39
C THR F 5 13.40 32.87 30.65
N ILE F 6 12.63 33.08 29.58
CA ILE F 6 11.20 33.33 29.69
C ILE F 6 10.46 32.00 29.60
N MET F 7 9.32 31.92 30.28
CA MET F 7 8.51 30.70 30.30
C MET F 7 7.72 30.57 29.00
N GLU F 8 8.04 29.55 28.21
CA GLU F 8 7.36 29.30 26.95
C GLU F 8 7.23 27.80 26.74
N SER F 9 6.24 27.42 25.92
CA SER F 9 5.90 26.01 25.72
C SER F 9 6.83 25.21 24.81
N PRO F 10 7.43 25.77 23.74
CA PRO F 10 8.40 24.95 22.98
C PRO F 10 9.74 24.75 23.68
N TYR F 11 10.06 25.53 24.71
CA TYR F 11 11.44 25.63 25.18
C TYR F 11 11.67 25.07 26.58
N VAL F 12 10.99 25.59 27.61
CA VAL F 12 11.29 25.19 28.97
C VAL F 12 10.02 24.76 29.70
N MET F 13 10.09 23.60 30.34
CA MET F 13 9.03 23.00 31.14
C MET F 13 9.41 23.00 32.61
N TYR F 14 8.41 23.13 33.47
CA TYR F 14 8.57 22.78 34.87
C TYR F 14 8.59 21.26 34.99
N LYS F 15 9.56 20.74 35.74
CA LYS F 15 9.68 19.30 35.89
C LYS F 15 8.51 18.74 36.71
N LYS F 16 8.15 17.49 36.44
CA LYS F 16 7.07 16.83 37.17
C LYS F 16 7.43 16.69 38.64
N ASN F 17 8.67 16.34 38.95
CA ASN F 17 9.18 16.31 40.32
C ASN F 17 9.70 17.71 40.64
N HIS F 18 8.79 18.57 41.11
CA HIS F 18 9.17 19.94 41.42
C HIS F 18 10.10 20.01 42.63
N GLU F 19 10.02 19.02 43.52
CA GLU F 19 10.83 18.99 44.73
C GLU F 19 12.12 18.22 44.57
N MET F 20 12.49 17.85 43.34
CA MET F 20 13.74 17.14 43.11
C MET F 20 14.94 18.01 43.46
N PHE F 21 15.00 19.22 42.91
CA PHE F 21 16.04 20.18 43.22
C PHE F 21 15.61 21.55 42.71
N GLU F 22 15.85 22.58 43.52
CA GLU F 22 15.60 23.96 43.12
C GLU F 22 16.93 24.57 42.68
N GLY F 23 16.99 24.98 41.42
CA GLY F 23 18.23 25.51 40.88
C GLY F 23 18.50 25.12 39.44
N ASN F 24 19.64 24.45 39.20
CA ASN F 24 20.10 24.18 37.85
C ASN F 24 19.21 23.17 37.13
N ASP F 25 19.14 21.95 37.65
CA ASP F 25 18.39 20.88 36.99
C ASP F 25 16.95 20.83 37.50
N LYS F 26 16.25 21.95 37.29
CA LYS F 26 14.83 22.06 37.65
C LYS F 26 13.94 22.23 36.43
N TYR F 27 14.51 22.36 35.23
CA TYR F 27 13.74 22.52 34.01
C TYR F 27 14.33 21.64 32.91
N GLU F 28 13.49 21.25 31.97
CA GLU F 28 13.90 20.44 30.84
C GLU F 28 13.30 20.99 29.56
N GLY F 29 13.96 20.71 28.44
CA GLY F 29 13.46 21.11 27.15
C GLY F 29 14.59 21.53 26.23
N TYR F 30 14.21 22.28 25.20
CA TYR F 30 15.17 22.71 24.17
C TYR F 30 16.15 23.74 24.72
N CYS F 31 15.63 24.76 25.41
CA CYS F 31 16.44 25.93 25.73
C CYS F 31 17.50 25.62 26.79
N VAL F 32 17.11 24.91 27.86
CA VAL F 32 18.06 24.58 28.92
C VAL F 32 19.10 23.59 28.42
N ASP F 33 18.72 22.66 27.54
CA ASP F 33 19.69 21.73 26.98
C ASP F 33 20.66 22.44 26.05
N LEU F 34 20.18 23.42 25.28
CA LEU F 34 21.08 24.23 24.46
C LEU F 34 22.05 25.03 25.33
N ALA F 35 21.55 25.58 26.45
CA ALA F 35 22.42 26.28 27.38
C ALA F 35 23.48 25.36 27.96
N SER F 36 23.09 24.14 28.34
CA SER F 36 24.05 23.18 28.86
C SER F 36 25.08 22.80 27.79
N GLU F 37 24.63 22.64 26.55
CA GLU F 37 25.55 22.29 25.47
C GLU F 37 26.57 23.40 25.21
N ILE F 38 26.11 24.66 25.16
CA ILE F 38 27.07 25.73 24.91
C ILE F 38 27.96 25.96 26.13
N ALA F 39 27.47 25.70 27.34
CA ALA F 39 28.31 25.78 28.53
C ALA F 39 29.39 24.71 28.51
N LYS F 40 29.04 23.49 28.07
CA LYS F 40 30.04 22.44 27.94
C LYS F 40 31.03 22.74 26.82
N HIS F 41 30.56 23.39 25.75
CA HIS F 41 31.44 23.74 24.64
C HIS F 41 32.45 24.81 25.05
N ILE F 42 32.00 25.82 25.78
CA ILE F 42 32.89 26.93 26.18
C ILE F 42 33.59 26.63 27.48
N GLY F 43 32.83 26.30 28.53
CA GLY F 43 33.38 26.03 29.84
C GLY F 43 33.17 27.19 30.79
N ILE F 44 32.13 27.10 31.61
CA ILE F 44 31.78 28.15 32.56
C ILE F 44 30.82 27.56 33.57
N LYS F 45 30.72 28.20 34.74
CA LYS F 45 29.73 27.84 35.74
C LYS F 45 28.48 28.68 35.51
N TYR F 46 27.38 28.02 35.15
CA TYR F 46 26.15 28.70 34.80
C TYR F 46 25.01 28.25 35.70
N LYS F 47 24.08 29.17 35.94
CA LYS F 47 22.88 28.93 36.73
C LYS F 47 21.66 29.16 35.85
N ILE F 48 20.48 29.05 36.45
CA ILE F 48 19.21 29.27 35.77
C ILE F 48 18.44 30.36 36.52
N ALA F 49 17.99 31.37 35.81
CA ALA F 49 17.21 32.46 36.38
C ALA F 49 16.01 32.76 35.49
N ILE F 50 14.97 33.31 36.10
CA ILE F 50 13.73 33.64 35.42
C ILE F 50 13.50 35.15 35.54
N VAL F 51 13.24 35.79 34.41
CA VAL F 51 12.93 37.23 34.42
C VAL F 51 11.60 37.47 35.13
N PRO F 52 11.50 38.45 36.02
CA PRO F 52 10.22 38.73 36.69
C PRO F 52 9.34 39.74 35.98
N ASP F 53 9.60 40.06 34.71
CA ASP F 53 8.78 40.99 33.97
C ASP F 53 7.66 40.31 33.20
N GLY F 54 7.94 39.15 32.61
CA GLY F 54 6.97 38.44 31.81
C GLY F 54 6.87 38.88 30.37
N LYS F 55 7.65 39.87 29.96
CA LYS F 55 7.64 40.38 28.60
C LYS F 55 8.94 40.01 27.89
N TYR F 56 8.91 40.09 26.56
CA TYR F 56 10.05 39.73 25.73
C TYR F 56 10.95 40.91 25.42
N GLY F 57 10.50 42.14 25.67
CA GLY F 57 11.33 43.30 25.46
C GLY F 57 10.92 44.14 24.27
N ALA F 58 10.23 45.25 24.52
CA ALA F 58 9.82 46.17 23.48
C ALA F 58 9.96 47.60 23.99
N ARG F 59 10.46 48.48 23.14
CA ARG F 59 10.64 49.88 23.52
C ARG F 59 9.28 50.57 23.53
N ASP F 60 8.92 51.15 24.68
CA ASP F 60 7.64 51.83 24.80
C ASP F 60 7.64 53.19 24.12
N ALA F 61 8.82 53.75 23.86
CA ALA F 61 9.04 54.97 23.07
C ALA F 61 8.42 56.22 23.69
N ASP F 62 7.97 56.17 24.94
CA ASP F 62 7.48 57.35 25.63
C ASP F 62 8.28 57.65 26.90
N THR F 63 8.49 56.63 27.74
CA THR F 63 9.32 56.79 28.94
C THR F 63 10.76 56.37 28.73
N LYS F 64 11.09 55.81 27.56
CA LYS F 64 12.46 55.47 27.17
C LYS F 64 13.11 54.49 28.14
N ILE F 65 12.40 53.41 28.44
CA ILE F 65 12.90 52.33 29.29
C ILE F 65 12.69 51.01 28.57
N TRP F 66 13.69 50.13 28.62
CA TRP F 66 13.63 48.82 28.02
C TRP F 66 13.30 47.78 29.07
N ASN F 67 12.41 46.86 28.74
CA ASN F 67 11.94 45.82 29.65
C ASN F 67 12.33 44.45 29.10
N GLY F 68 11.89 43.41 29.80
CA GLY F 68 12.16 42.05 29.35
C GLY F 68 13.61 41.64 29.53
N MET F 69 13.99 40.61 28.78
CA MET F 69 15.37 40.13 28.83
C MET F 69 16.34 41.17 28.29
N VAL F 70 15.94 41.90 27.24
CA VAL F 70 16.81 42.96 26.72
C VAL F 70 16.96 44.09 27.73
N GLY F 71 15.90 44.41 28.46
CA GLY F 71 16.00 45.42 29.50
C GLY F 71 16.89 44.97 30.65
N GLU F 72 16.79 43.69 31.03
CA GLU F 72 17.65 43.15 32.08
C GLU F 72 19.11 43.15 31.64
N LEU F 73 19.37 42.84 30.37
CA LEU F 73 20.74 42.90 29.84
C LEU F 73 21.27 44.32 29.83
N VAL F 74 20.44 45.28 29.42
CA VAL F 74 20.89 46.66 29.30
C VAL F 74 21.14 47.28 30.67
N TYR F 75 20.25 47.01 31.63
CA TYR F 75 20.32 47.66 32.93
C TYR F 75 21.28 46.99 33.90
N GLY F 76 22.24 46.22 33.40
CA GLY F 76 23.28 45.65 34.24
C GLY F 76 22.81 44.61 35.24
N LYS F 77 21.91 43.71 34.83
CA LYS F 77 21.46 42.63 35.68
C LYS F 77 21.63 41.26 35.06
N ALA F 78 22.05 41.17 33.80
CA ALA F 78 22.28 39.89 33.15
C ALA F 78 23.32 40.08 32.04
N GLU F 79 23.92 38.97 31.63
CA GLU F 79 24.92 38.98 30.58
C GLU F 79 24.71 37.92 29.50
N ILE F 80 23.89 36.90 29.75
CA ILE F 80 23.60 35.85 28.77
C ILE F 80 22.09 35.82 28.56
N ALA F 81 21.66 35.67 27.30
CA ALA F 81 20.24 35.56 26.96
C ALA F 81 20.06 34.29 26.13
N ILE F 82 19.89 33.15 26.80
CA ILE F 82 19.68 31.89 26.09
C ILE F 82 18.23 31.77 25.62
N ALA F 83 17.33 32.59 26.13
CA ALA F 83 15.94 32.57 25.67
C ALA F 83 15.87 33.05 24.23
N PRO F 84 15.17 32.33 23.35
CA PRO F 84 15.09 32.75 21.95
C PRO F 84 14.35 34.07 21.79
N LEU F 85 14.82 34.86 20.82
CA LEU F 85 14.26 36.18 20.59
C LEU F 85 14.47 36.54 19.12
N THR F 86 13.42 37.03 18.45
CA THR F 86 13.61 37.43 17.06
C THR F 86 14.42 38.71 16.95
N ILE F 87 15.26 38.76 15.93
CA ILE F 87 16.14 39.91 15.70
C ILE F 87 15.33 41.02 15.03
N THR F 88 15.37 42.21 15.61
CA THR F 88 14.63 43.36 15.10
C THR F 88 15.56 44.56 15.07
N LEU F 89 15.29 45.48 14.13
CA LEU F 89 16.17 46.63 13.92
C LEU F 89 16.25 47.52 15.16
N VAL F 90 15.12 47.72 15.84
CA VAL F 90 15.11 48.59 17.02
C VAL F 90 15.96 47.99 18.15
N ARG F 91 15.95 46.67 18.28
CA ARG F 91 16.71 45.98 19.31
C ARG F 91 18.09 45.53 18.81
N GLU F 92 18.78 46.44 18.15
CA GLU F 92 20.14 46.21 17.68
C GLU F 92 21.11 47.28 18.13
N GLU F 93 20.68 48.55 18.18
CA GLU F 93 21.52 49.61 18.72
C GLU F 93 21.55 49.62 20.23
N VAL F 94 20.71 48.83 20.89
CA VAL F 94 20.65 48.76 22.35
C VAL F 94 21.14 47.42 22.88
N ILE F 95 21.21 46.39 22.04
CA ILE F 95 21.74 45.09 22.43
C ILE F 95 22.36 44.45 21.19
N ASP F 96 23.44 43.70 21.38
CA ASP F 96 24.12 43.06 20.29
C ASP F 96 23.68 41.59 20.24
N PHE F 97 23.45 41.08 19.03
CA PHE F 97 22.88 39.76 18.82
C PHE F 97 23.91 38.84 18.18
N SER F 98 23.75 37.54 18.41
CA SER F 98 24.57 36.54 17.76
C SER F 98 23.92 36.11 16.44
N LYS F 99 24.56 35.18 15.75
CA LYS F 99 24.02 34.66 14.51
C LYS F 99 22.85 33.73 14.79
N PRO F 100 21.79 33.78 13.99
CA PRO F 100 20.60 32.98 14.28
C PRO F 100 20.86 31.49 14.09
N PHE F 101 20.35 30.69 15.02
CA PHE F 101 20.47 29.24 14.96
C PHE F 101 19.19 28.54 14.52
N MET F 102 18.09 29.26 14.42
CA MET F 102 16.80 28.68 14.03
C MET F 102 16.16 29.57 12.98
N SER F 103 15.64 28.95 11.92
CA SER F 103 14.98 29.66 10.84
C SER F 103 13.47 29.47 10.97
N LEU F 104 12.74 30.59 11.00
CA LEU F 104 11.29 30.55 11.13
C LEU F 104 10.68 31.66 10.31
N GLY F 105 9.41 31.49 9.97
CA GLY F 105 8.70 32.48 9.17
C GLY F 105 7.20 32.31 9.30
N ILE F 106 6.48 33.25 8.70
CA ILE F 106 5.02 33.26 8.77
C ILE F 106 4.47 32.08 7.99
N SER F 107 3.60 31.30 8.62
CA SER F 107 3.10 30.06 8.04
C SER F 107 1.58 29.98 8.17
N ILE F 108 1.02 28.94 7.56
CA ILE F 108 -0.42 28.69 7.54
C ILE F 108 -0.69 27.36 8.23
N MET F 109 -1.68 27.35 9.13
CA MET F 109 -2.21 26.12 9.67
C MET F 109 -3.72 26.14 9.57
N ILE F 110 -4.30 24.99 9.25
CA ILE F 110 -5.73 24.86 8.98
C ILE F 110 -6.26 23.71 9.84
N LYS F 111 -7.58 23.68 10.00
CA LYS F 111 -8.23 22.65 10.79
C LYS F 111 -8.12 21.28 10.10
N LYS F 112 -8.58 20.26 10.80
CA LYS F 112 -8.46 18.90 10.29
C LYS F 112 -9.36 18.71 9.07
N PRO F 113 -8.81 18.31 7.92
CA PRO F 113 -9.64 18.03 6.74
C PRO F 113 -10.25 16.64 6.84
N GLN F 114 -11.56 16.60 7.08
CA GLN F 114 -12.28 15.35 7.23
C GLN F 114 -12.86 14.92 5.88
N LYS F 115 -13.51 13.76 5.88
CA LYS F 115 -14.18 13.29 4.69
C LYS F 115 -15.41 14.15 4.39
N SER F 116 -15.68 14.34 3.10
CA SER F 116 -16.84 15.12 2.69
C SER F 116 -18.11 14.33 2.91
N LYS F 117 -19.15 15.00 3.39
CA LYS F 117 -20.46 14.38 3.63
C LYS F 117 -21.54 15.24 2.97
N PRO F 118 -21.66 15.17 1.64
CA PRO F 118 -22.70 15.93 0.95
C PRO F 118 -23.97 15.11 0.75
N GLY F 119 -25.00 15.79 0.26
CA GLY F 119 -26.28 15.15 0.00
C GLY F 119 -26.47 14.78 -1.46
N VAL F 120 -26.02 15.66 -2.35
CA VAL F 120 -26.13 15.44 -3.79
C VAL F 120 -24.77 15.26 -4.44
N PHE F 121 -23.76 16.01 -3.98
CA PHE F 121 -22.43 15.96 -4.59
C PHE F 121 -21.74 14.62 -4.40
N SER F 122 -22.17 13.82 -3.42
CA SER F 122 -21.57 12.50 -3.21
C SER F 122 -21.80 11.59 -4.41
N PHE F 123 -23.01 11.64 -4.97
CA PHE F 123 -23.25 10.92 -6.22
C PHE F 123 -22.50 11.55 -7.39
N LEU F 124 -22.26 12.86 -7.32
CA LEU F 124 -21.57 13.56 -8.39
C LEU F 124 -20.05 13.40 -8.33
N ASP F 125 -19.53 12.77 -7.28
CA ASP F 125 -18.07 12.62 -7.15
C ASP F 125 -17.43 11.79 -8.25
N PRO F 126 -17.92 10.60 -8.63
CA PRO F 126 -17.33 9.91 -9.77
C PRO F 126 -17.73 10.57 -11.08
N LEU F 127 -16.88 10.35 -12.09
CA LEU F 127 -16.96 11.01 -13.40
C LEU F 127 -17.00 12.53 -13.25
N ALA F 128 -17.74 13.21 -14.12
CA ALA F 128 -17.84 14.65 -14.07
C ALA F 128 -19.10 15.09 -14.80
N TYR F 129 -19.38 16.39 -14.73
CA TYR F 129 -20.59 16.95 -15.35
C TYR F 129 -20.53 16.84 -16.86
N GLU F 130 -19.36 17.08 -17.46
CA GLU F 130 -19.22 17.09 -18.91
C GLU F 130 -19.60 15.73 -19.50
N ILE F 131 -19.06 14.66 -18.93
CA ILE F 131 -19.38 13.32 -19.40
C ILE F 131 -20.88 13.05 -19.24
N TRP F 132 -21.49 13.57 -18.17
CA TRP F 132 -22.88 13.25 -17.90
C TRP F 132 -23.84 13.94 -18.87
N MET F 133 -23.63 15.23 -19.18
CA MET F 133 -24.58 15.71 -20.17
C MET F 133 -24.18 15.32 -21.59
N CYS F 134 -22.96 14.83 -21.81
CA CYS F 134 -22.70 14.12 -23.05
C CYS F 134 -23.44 12.77 -23.09
N ILE F 135 -23.63 12.12 -21.94
CA ILE F 135 -24.51 10.94 -21.89
C ILE F 135 -25.93 11.34 -22.26
N VAL F 136 -26.38 12.48 -21.75
CA VAL F 136 -27.72 12.98 -22.08
C VAL F 136 -27.84 13.24 -23.59
N PHE F 137 -26.80 13.84 -24.18
CA PHE F 137 -26.78 14.07 -25.63
C PHE F 137 -26.82 12.76 -26.40
N ALA F 138 -26.05 11.77 -25.95
CA ALA F 138 -26.06 10.47 -26.61
C ALA F 138 -27.43 9.80 -26.50
N TYR F 139 -28.09 9.94 -25.35
CA TYR F 139 -29.40 9.35 -25.16
C TYR F 139 -30.44 9.99 -26.07
N ILE F 140 -30.43 11.33 -26.17
CA ILE F 140 -31.41 11.98 -27.04
C ILE F 140 -31.10 11.71 -28.51
N GLY F 141 -29.81 11.56 -28.86
CA GLY F 141 -29.48 11.15 -30.21
C GLY F 141 -29.96 9.75 -30.54
N VAL F 142 -29.83 8.82 -29.58
CA VAL F 142 -30.34 7.47 -29.76
C VAL F 142 -31.85 7.49 -29.91
N SER F 143 -32.54 8.31 -29.12
CA SER F 143 -34.00 8.41 -29.21
C SER F 143 -34.42 8.95 -30.58
N VAL F 144 -33.75 9.99 -31.07
CA VAL F 144 -34.18 10.58 -32.33
C VAL F 144 -33.84 9.66 -33.51
N VAL F 145 -32.71 8.94 -33.45
CA VAL F 145 -32.41 8.04 -34.56
C VAL F 145 -33.33 6.82 -34.52
N LEU F 146 -33.76 6.38 -33.32
CA LEU F 146 -34.74 5.31 -33.22
C LEU F 146 -36.08 5.75 -33.79
N PHE F 147 -36.50 6.98 -33.51
CA PHE F 147 -37.72 7.50 -34.11
C PHE F 147 -37.60 7.66 -35.61
N LEU F 148 -36.39 7.97 -36.10
CA LEU F 148 -36.18 8.09 -37.54
C LEU F 148 -36.27 6.74 -38.23
N VAL F 149 -35.61 5.71 -37.67
CA VAL F 149 -35.63 4.39 -38.30
C VAL F 149 -36.94 3.66 -38.05
N SER F 150 -37.74 4.11 -37.09
CA SER F 150 -39.05 3.48 -36.89
C SER F 150 -39.99 3.77 -38.05
N ARG F 151 -39.94 4.98 -38.59
CA ARG F 151 -40.78 5.35 -39.72
C ARG F 151 -40.19 4.86 -41.04
N ARG F 200 -36.03 -6.23 -35.54
CA ARG F 200 -36.22 -7.20 -36.62
C ARG F 200 -35.31 -6.90 -37.81
N SER F 201 -35.07 -5.61 -38.05
CA SER F 201 -34.22 -5.19 -39.15
C SER F 201 -32.76 -5.12 -38.70
N LEU F 202 -31.87 -4.96 -39.69
CA LEU F 202 -30.45 -4.88 -39.39
C LEU F 202 -30.10 -3.60 -38.64
N SER F 203 -30.73 -2.48 -39.02
CA SER F 203 -30.43 -1.20 -38.39
C SER F 203 -30.81 -1.20 -36.91
N GLY F 204 -31.97 -1.80 -36.58
CA GLY F 204 -32.38 -1.87 -35.19
C GLY F 204 -31.45 -2.72 -34.35
N ARG F 205 -31.02 -3.86 -34.89
CA ARG F 205 -30.06 -4.70 -34.18
C ARG F 205 -28.73 -3.97 -33.97
N ILE F 206 -28.27 -3.27 -35.00
CA ILE F 206 -27.01 -2.54 -34.90
C ILE F 206 -27.09 -1.44 -33.84
N VAL F 207 -28.17 -0.67 -33.86
CA VAL F 207 -28.30 0.44 -32.91
C VAL F 207 -28.49 -0.09 -31.49
N GLY F 208 -29.21 -1.19 -31.32
CA GLY F 208 -29.34 -1.79 -30.01
C GLY F 208 -28.02 -2.31 -29.48
N GLY F 209 -27.23 -2.97 -30.34
CA GLY F 209 -25.93 -3.46 -29.92
C GLY F 209 -24.97 -2.35 -29.54
N VAL F 210 -24.93 -1.27 -30.35
CA VAL F 210 -23.99 -0.20 -30.03
C VAL F 210 -24.44 0.57 -28.78
N TRP F 211 -25.75 0.73 -28.58
CA TRP F 211 -26.23 1.37 -27.35
C TRP F 211 -25.89 0.52 -26.13
N TRP F 212 -26.08 -0.80 -26.23
CA TRP F 212 -25.73 -1.69 -25.13
C TRP F 212 -24.24 -1.64 -24.82
N PHE F 213 -23.40 -1.68 -25.85
CA PHE F 213 -21.96 -1.60 -25.66
C PHE F 213 -21.55 -0.27 -25.06
N PHE F 214 -22.21 0.81 -25.46
CA PHE F 214 -21.89 2.14 -24.95
C PHE F 214 -22.22 2.25 -23.47
N THR F 215 -23.45 1.88 -23.07
CA THR F 215 -23.79 1.94 -21.65
C THR F 215 -22.99 0.93 -20.84
N LEU F 216 -22.54 -0.14 -21.48
CA LEU F 216 -21.62 -1.10 -20.86
C LEU F 216 -20.29 -0.45 -20.51
N ILE F 217 -19.72 0.29 -21.46
CA ILE F 217 -18.45 0.97 -21.17
C ILE F 217 -18.65 2.04 -20.11
N ILE F 218 -19.81 2.70 -20.13
CA ILE F 218 -20.07 3.74 -19.13
C ILE F 218 -20.18 3.15 -17.72
N ILE F 219 -20.95 2.06 -17.57
CA ILE F 219 -21.03 1.41 -16.25
C ILE F 219 -19.67 0.89 -15.81
N SER F 220 -18.87 0.36 -16.73
CA SER F 220 -17.59 -0.18 -16.31
C SER F 220 -16.62 0.92 -15.86
N SER F 221 -16.55 2.02 -16.59
CA SER F 221 -15.70 3.13 -16.19
C SER F 221 -16.17 3.75 -14.88
N TYR F 222 -17.49 3.89 -14.72
CA TYR F 222 -18.05 4.43 -13.49
C TYR F 222 -17.71 3.54 -12.30
N THR F 223 -17.88 2.23 -12.45
CA THR F 223 -17.61 1.30 -11.36
C THR F 223 -16.13 1.28 -11.02
N ALA F 224 -15.26 1.31 -12.03
CA ALA F 224 -13.83 1.33 -11.77
C ALA F 224 -13.42 2.58 -11.02
N ASN F 225 -13.93 3.75 -11.42
CA ASN F 225 -13.58 4.99 -10.74
C ASN F 225 -14.10 5.00 -9.30
N LEU F 226 -15.33 4.53 -9.09
CA LEU F 226 -15.90 4.54 -7.75
C LEU F 226 -15.17 3.54 -6.85
N ALA F 227 -14.79 2.39 -7.40
CA ALA F 227 -14.02 1.41 -6.65
C ALA F 227 -12.66 1.99 -6.25
N ALA F 228 -11.99 2.69 -7.18
CA ALA F 228 -10.72 3.32 -6.85
C ALA F 228 -10.89 4.35 -5.75
N PHE F 229 -11.95 5.16 -5.84
CA PHE F 229 -12.20 6.19 -4.84
C PHE F 229 -12.44 5.60 -3.46
N LEU F 230 -13.20 4.50 -3.38
CA LEU F 230 -13.41 3.86 -2.09
C LEU F 230 -12.16 3.12 -1.60
N THR F 231 -11.31 2.63 -2.51
CA THR F 231 -10.13 1.88 -2.05
C THR F 231 -9.08 2.81 -1.47
N VAL F 232 -8.84 3.95 -2.11
CA VAL F 232 -7.71 4.77 -1.70
C VAL F 232 -8.05 5.71 -0.55
N GLU F 233 -9.29 6.21 -0.50
CA GLU F 233 -9.77 7.24 0.45
C GLU F 233 -8.74 8.34 0.68
N ARG F 234 -8.06 8.72 -0.39
CA ARG F 234 -6.96 9.68 -0.30
C ARG F 234 -7.51 11.08 -0.06
N MET F 235 -7.07 11.71 1.01
CA MET F 235 -7.51 13.06 1.34
C MET F 235 -6.79 14.08 0.48
N VAL F 236 -7.48 15.17 0.17
CA VAL F 236 -6.95 16.26 -0.63
C VAL F 236 -6.85 17.50 0.26
N SER F 237 -5.70 18.16 0.20
CA SER F 237 -5.49 19.37 0.99
C SER F 237 -6.45 20.47 0.53
N PRO F 238 -6.89 21.33 1.46
CA PRO F 238 -7.85 22.38 1.09
C PRO F 238 -7.25 23.45 0.19
N ILE F 239 -8.06 24.46 -0.13
CA ILE F 239 -7.62 25.52 -1.04
C ILE F 239 -6.48 26.32 -0.42
N GLU F 240 -6.51 26.53 0.89
CA GLU F 240 -5.49 27.33 1.58
C GLU F 240 -4.21 26.50 1.68
N SER F 241 -3.44 26.54 0.59
CA SER F 241 -2.16 25.83 0.54
C SER F 241 -0.99 26.70 0.08
N ALA F 242 -1.24 27.88 -0.47
CA ALA F 242 -0.20 28.80 -0.90
C ALA F 242 -0.59 30.20 -0.44
N GLU F 243 0.29 31.18 -0.70
CA GLU F 243 0.00 32.55 -0.32
C GLU F 243 -1.16 33.11 -1.15
N ASP F 244 -1.07 32.97 -2.48
CA ASP F 244 -2.16 33.45 -3.33
C ASP F 244 -3.42 32.60 -3.18
N LEU F 245 -3.28 31.26 -3.14
CA LEU F 245 -4.44 30.40 -2.92
C LEU F 245 -5.12 30.70 -1.59
N ALA F 246 -4.37 31.21 -0.60
CA ALA F 246 -5.00 31.83 0.55
C ALA F 246 -5.58 33.21 0.23
N LYS F 247 -5.05 33.90 -0.79
CA LYS F 247 -5.50 35.26 -1.06
C LYS F 247 -6.89 35.31 -1.71
N GLN F 248 -7.13 34.55 -2.79
CA GLN F 248 -8.45 34.73 -3.41
C GLN F 248 -9.56 33.94 -2.74
N THR F 249 -9.24 33.06 -1.79
CA THR F 249 -10.29 32.25 -1.19
C THR F 249 -11.16 33.08 -0.26
N GLU F 250 -12.32 32.54 0.07
CA GLU F 250 -13.32 33.22 0.89
C GLU F 250 -13.20 32.90 2.37
N ILE F 251 -12.25 32.06 2.76
CA ILE F 251 -12.12 31.66 4.16
C ILE F 251 -11.60 32.83 4.98
N ALA F 252 -12.29 33.12 6.08
CA ALA F 252 -11.86 34.21 6.96
C ALA F 252 -10.59 33.83 7.69
N TYR F 253 -9.67 34.79 7.80
CA TYR F 253 -8.37 34.59 8.43
C TYR F 253 -8.25 35.49 9.65
N GLY F 254 -7.57 34.98 10.69
CA GLY F 254 -7.41 35.72 11.92
C GLY F 254 -5.96 35.71 12.37
N THR F 255 -5.66 36.63 13.29
CA THR F 255 -4.32 36.76 13.85
C THR F 255 -4.43 37.41 15.23
N LEU F 256 -3.27 37.64 15.84
CA LEU F 256 -3.23 38.24 17.16
C LEU F 256 -3.46 39.76 17.08
N ASP F 257 -3.57 40.38 18.25
CA ASP F 257 -3.77 41.83 18.29
C ASP F 257 -2.48 42.57 17.93
N SER F 258 -1.42 42.34 18.69
CA SER F 258 -0.14 43.00 18.47
C SER F 258 0.98 41.98 18.54
N GLY F 259 2.09 42.30 17.89
CA GLY F 259 3.25 41.45 17.87
C GLY F 259 4.03 41.65 16.58
N SER F 260 4.87 40.66 16.29
CA SER F 260 5.67 40.71 15.06
C SER F 260 4.78 40.67 13.83
N THR F 261 3.70 39.87 13.88
CA THR F 261 2.78 39.77 12.76
C THR F 261 2.09 41.11 12.48
N LYS F 262 1.58 41.77 13.52
CA LYS F 262 0.93 43.05 13.35
C LYS F 262 1.92 44.14 12.94
N GLU F 263 3.15 44.07 13.47
CA GLU F 263 4.17 45.05 13.11
C GLU F 263 4.56 44.90 11.63
N PHE F 264 4.69 43.67 11.15
CA PHE F 264 4.97 43.46 9.74
C PHE F 264 3.81 43.88 8.85
N PHE F 265 2.58 43.70 9.34
CA PHE F 265 1.40 44.04 8.55
C PHE F 265 1.03 45.51 8.63
N ARG F 266 1.70 46.31 9.48
CA ARG F 266 1.43 47.73 9.51
C ARG F 266 1.86 48.41 8.21
N ARG F 267 3.01 48.04 7.68
CA ARG F 267 3.56 48.63 6.47
C ARG F 267 3.83 47.52 5.45
N SER F 268 3.39 47.72 4.22
CA SER F 268 3.57 46.74 3.16
C SER F 268 3.59 47.45 1.82
N LYS F 269 4.36 46.89 0.88
CA LYS F 269 4.40 47.41 -0.49
C LYS F 269 4.50 46.27 -1.51
N ILE F 270 3.91 45.11 -1.19
CA ILE F 270 3.96 43.95 -2.06
C ILE F 270 2.73 43.85 -2.97
N ALA F 271 1.63 44.52 -2.61
CA ALA F 271 0.33 44.56 -3.30
C ALA F 271 -0.42 43.24 -3.24
N VAL F 272 0.07 42.27 -2.46
CA VAL F 272 -0.70 41.10 -2.08
C VAL F 272 -1.04 41.12 -0.59
N TYR F 273 -0.06 41.48 0.24
CA TYR F 273 -0.34 41.72 1.65
C TYR F 273 -1.27 42.92 1.84
N GLU F 274 -1.27 43.85 0.89
CA GLU F 274 -2.29 44.91 0.90
C GLU F 274 -3.69 44.33 0.74
N LYS F 275 -3.85 43.38 -0.20
CA LYS F 275 -5.15 42.74 -0.37
C LYS F 275 -5.54 41.95 0.88
N MET F 276 -4.56 41.29 1.50
CA MET F 276 -4.83 40.57 2.74
C MET F 276 -5.26 41.53 3.84
N TRP F 277 -4.59 42.68 3.95
CA TRP F 277 -4.93 43.66 4.97
C TRP F 277 -6.32 44.24 4.74
N THR F 278 -6.68 44.49 3.48
CA THR F 278 -8.02 45.00 3.18
C THR F 278 -9.09 43.94 3.47
N TYR F 279 -8.76 42.67 3.23
CA TYR F 279 -9.68 41.59 3.60
C TYR F 279 -9.85 41.50 5.11
N MET F 280 -8.76 41.67 5.86
CA MET F 280 -8.83 41.60 7.32
C MET F 280 -9.62 42.78 7.89
N ARG F 281 -9.42 43.98 7.34
CA ARG F 281 -10.09 45.16 7.87
C ARG F 281 -11.58 45.17 7.54
N SER F 282 -11.95 44.65 6.37
CA SER F 282 -13.35 44.66 5.95
C SER F 282 -14.14 43.48 6.48
N ALA F 283 -13.51 42.58 7.24
CA ALA F 283 -14.18 41.41 7.77
C ALA F 283 -14.83 41.75 9.12
N GLU F 284 -15.31 40.73 9.82
CA GLU F 284 -15.93 40.93 11.12
C GLU F 284 -14.88 41.33 12.16
N PRO F 285 -15.29 42.04 13.21
CA PRO F 285 -14.34 42.42 14.27
C PRO F 285 -13.86 41.25 15.13
N SER F 286 -14.32 40.03 14.89
CA SER F 286 -13.86 38.86 15.63
C SER F 286 -12.56 38.30 15.09
N VAL F 287 -11.98 38.92 14.05
CA VAL F 287 -10.71 38.46 13.50
C VAL F 287 -9.59 38.61 14.53
N PHE F 288 -9.55 39.76 15.19
CA PHE F 288 -8.49 40.01 16.18
C PHE F 288 -8.70 39.16 17.42
N THR F 289 -7.63 38.52 17.86
CA THR F 289 -7.65 37.65 19.05
C THR F 289 -6.75 38.25 20.12
N ARG F 290 -7.28 38.43 21.32
CA ARG F 290 -6.48 38.92 22.42
C ARG F 290 -5.45 37.89 22.86
N THR F 291 -5.83 36.62 22.89
CA THR F 291 -4.95 35.53 23.27
C THR F 291 -5.10 34.40 22.26
N THR F 292 -4.00 33.67 22.04
CA THR F 292 -4.03 32.57 21.07
C THR F 292 -4.93 31.42 21.51
N ALA F 293 -5.24 31.33 22.81
CA ALA F 293 -6.16 30.29 23.27
C ALA F 293 -7.57 30.51 22.74
N GLU F 294 -8.06 31.76 22.77
CA GLU F 294 -9.35 32.05 22.19
C GLU F 294 -9.35 31.81 20.69
N GLY F 295 -8.23 32.12 20.02
CA GLY F 295 -8.13 31.85 18.60
C GLY F 295 -8.19 30.38 18.26
N VAL F 296 -7.46 29.55 19.02
CA VAL F 296 -7.48 28.12 18.72
C VAL F 296 -8.83 27.53 19.08
N ALA F 297 -9.50 28.05 20.12
CA ALA F 297 -10.86 27.61 20.41
C ALA F 297 -11.81 27.99 19.29
N ARG F 298 -11.59 29.13 18.64
CA ARG F 298 -12.39 29.51 17.49
C ARG F 298 -12.11 28.61 16.29
N VAL F 299 -10.84 28.30 16.04
CA VAL F 299 -10.49 27.58 14.82
C VAL F 299 -10.82 26.09 14.93
N ARG F 300 -10.88 25.55 16.15
CA ARG F 300 -11.28 24.15 16.31
C ARG F 300 -12.78 23.96 16.18
N LYS F 301 -13.56 25.05 16.14
CA LYS F 301 -15.01 24.94 16.09
C LYS F 301 -15.51 24.68 14.68
N SER F 302 -15.11 25.51 13.72
CA SER F 302 -15.61 25.43 12.36
C SER F 302 -14.56 24.82 11.43
N LYS F 303 -15.05 24.22 10.34
CA LYS F 303 -14.14 23.65 9.35
C LYS F 303 -13.34 24.74 8.64
N GLY F 304 -14.01 25.81 8.21
CA GLY F 304 -13.30 26.95 7.66
C GLY F 304 -12.72 27.81 8.75
N LYS F 305 -13.59 28.38 9.58
CA LYS F 305 -13.22 29.13 10.78
C LYS F 305 -12.31 30.31 10.48
N PHE F 306 -11.62 30.82 11.50
CA PHE F 306 -10.65 31.89 11.35
C PHE F 306 -9.26 31.27 11.40
N ALA F 307 -8.67 31.07 10.23
CA ALA F 307 -7.34 30.46 10.15
C ALA F 307 -6.27 31.44 10.61
N PHE F 308 -5.28 30.92 11.32
CA PHE F 308 -4.16 31.72 11.79
C PHE F 308 -3.19 32.07 10.67
N LEU F 309 -2.46 33.16 10.90
CA LEU F 309 -1.35 33.60 10.05
C LEU F 309 -0.21 33.98 11.00
N LEU F 310 0.59 32.99 11.40
CA LEU F 310 1.60 33.20 12.44
C LEU F 310 2.89 32.50 12.04
N GLU F 311 3.90 32.62 12.91
CA GLU F 311 5.19 32.00 12.71
C GLU F 311 5.11 30.48 12.88
N SER F 312 6.14 29.78 12.41
CA SER F 312 6.14 28.33 12.31
C SER F 312 6.46 27.62 13.62
N THR F 313 6.94 28.33 14.64
CA THR F 313 7.33 27.67 15.89
C THR F 313 6.14 27.01 16.57
N MET F 314 5.06 27.77 16.79
CA MET F 314 3.87 27.18 17.39
C MET F 314 3.19 26.20 16.44
N ASN F 315 3.36 26.37 15.13
CA ASN F 315 2.82 25.41 14.17
C ASN F 315 3.46 24.04 14.38
N GLU F 316 4.79 24.00 14.40
CA GLU F 316 5.49 22.74 14.54
C GLU F 316 5.39 22.19 15.97
N TYR F 317 5.11 23.06 16.94
CA TYR F 317 4.87 22.59 18.29
C TYR F 317 3.49 21.95 18.43
N THR F 318 2.46 22.57 17.85
CA THR F 318 1.09 22.11 17.99
C THR F 318 0.72 21.01 16.99
N GLU F 319 1.55 20.76 15.97
CA GLU F 319 1.24 19.65 15.07
C GLU F 319 1.44 18.31 15.75
N GLN F 320 2.16 18.29 16.88
CA GLN F 320 2.42 17.06 17.62
C GLN F 320 2.15 17.28 19.11
N ARG F 321 1.03 17.91 19.42
CA ARG F 321 0.61 18.09 20.81
C ARG F 321 -0.36 16.97 21.20
N LYS F 322 -0.96 17.10 22.37
CA LYS F 322 -1.93 16.10 22.82
C LYS F 322 -3.17 16.01 21.93
N PRO F 323 -3.84 17.12 21.53
CA PRO F 323 -4.91 16.92 20.54
C PRO F 323 -4.41 16.88 19.10
N CYS F 324 -3.99 15.68 18.67
CA CYS F 324 -3.52 15.46 17.30
C CYS F 324 -4.72 15.48 16.36
N ASP F 325 -5.14 16.67 15.99
CA ASP F 325 -6.13 16.83 14.94
C ASP F 325 -5.67 17.72 13.81
N THR F 326 -4.96 18.81 14.11
CA THR F 326 -4.39 19.68 13.09
C THR F 326 -2.88 19.48 13.03
N MET F 327 -2.38 19.19 11.84
CA MET F 327 -0.94 19.01 11.61
C MET F 327 -0.56 19.58 10.26
N LYS F 328 -1.08 20.75 9.93
CA LYS F 328 -0.91 21.35 8.60
C LYS F 328 0.05 22.53 8.67
N VAL F 329 0.98 22.57 7.72
CA VAL F 329 1.94 23.67 7.65
C VAL F 329 1.84 24.47 6.37
N GLY F 330 1.34 23.88 5.27
CA GLY F 330 1.16 24.63 4.04
C GLY F 330 2.49 25.12 3.48
N GLY F 331 2.53 26.40 3.14
CA GLY F 331 3.75 27.03 2.66
C GLY F 331 4.43 27.86 3.74
N ASN F 332 5.46 28.58 3.33
CA ASN F 332 6.23 29.42 4.23
C ASN F 332 6.32 30.83 3.65
N LEU F 333 6.28 31.82 4.54
CA LEU F 333 6.36 33.22 4.16
C LEU F 333 7.35 33.93 5.07
N ASP F 334 7.91 35.03 4.54
CA ASP F 334 8.86 35.89 5.24
C ASP F 334 10.12 35.14 5.68
N SER F 335 10.91 35.76 6.55
CA SER F 335 12.13 35.15 7.04
C SER F 335 12.52 35.81 8.35
N LYS F 336 12.74 34.99 9.39
CA LYS F 336 13.16 35.49 10.69
C LYS F 336 14.29 34.63 11.25
N GLY F 337 14.65 34.86 12.51
CA GLY F 337 15.70 34.09 13.14
C GLY F 337 15.70 34.26 14.63
N TYR F 338 16.31 33.30 15.32
CA TYR F 338 16.41 33.31 16.77
C TYR F 338 17.86 33.17 17.16
N GLY F 339 18.34 34.07 18.03
CA GLY F 339 19.73 34.05 18.46
C GLY F 339 19.86 34.59 19.87
N VAL F 340 21.02 34.32 20.47
CA VAL F 340 21.31 34.77 21.83
C VAL F 340 21.84 36.19 21.79
N ALA F 341 21.86 36.86 22.94
CA ALA F 341 22.25 38.26 23.03
C ALA F 341 23.39 38.42 24.04
N THR F 342 24.14 39.51 23.86
CA THR F 342 25.28 39.82 24.71
C THR F 342 25.44 41.34 24.75
N PRO F 343 25.58 41.92 25.95
CA PRO F 343 25.81 43.37 26.04
C PRO F 343 27.19 43.75 25.51
N LYS F 344 27.36 45.04 25.26
CA LYS F 344 28.59 45.55 24.68
C LYS F 344 29.74 45.48 25.69
N GLY F 345 30.97 45.48 25.16
CA GLY F 345 32.14 45.47 26.01
C GLY F 345 32.41 44.17 26.71
N SER F 346 31.85 43.07 26.22
CA SER F 346 32.00 41.77 26.86
C SER F 346 32.76 40.83 25.93
N SER F 347 33.80 40.18 26.46
CA SER F 347 34.69 39.35 25.65
C SER F 347 34.09 37.98 25.32
N LEU F 348 33.02 37.57 26.00
CA LEU F 348 32.41 36.27 25.73
C LEU F 348 31.49 36.27 24.52
N ARG F 349 31.26 37.43 23.90
CA ARG F 349 30.42 37.50 22.71
C ARG F 349 31.00 36.66 21.57
N THR F 350 32.29 36.84 21.29
CA THR F 350 32.93 36.09 20.22
C THR F 350 32.96 34.60 20.52
N PRO F 351 33.22 34.25 21.78
CA PRO F 351 33.26 32.84 22.18
C PRO F 351 31.89 32.18 22.02
N VAL F 352 30.83 32.86 22.46
CA VAL F 352 29.50 32.26 22.33
C VAL F 352 29.05 32.24 20.88
N ASN F 353 29.49 33.21 20.06
CA ASN F 353 29.16 33.19 18.64
C ASN F 353 29.82 32.00 17.96
N LEU F 354 31.11 31.78 18.23
CA LEU F 354 31.80 30.62 17.66
C LEU F 354 31.21 29.32 18.17
N ALA F 355 30.80 29.28 19.44
CA ALA F 355 30.21 28.07 20.00
C ALA F 355 28.89 27.72 19.32
N VAL F 356 28.00 28.70 19.19
CA VAL F 356 26.71 28.41 18.57
C VAL F 356 26.87 28.12 17.08
N LEU F 357 27.82 28.78 16.41
CA LEU F 357 28.04 28.50 14.99
C LEU F 357 28.61 27.10 14.77
N LYS F 358 29.58 26.68 15.60
CA LYS F 358 30.11 25.34 15.49
C LYS F 358 29.04 24.29 15.82
N LEU F 359 28.23 24.55 16.86
CA LEU F 359 27.18 23.61 17.24
C LEU F 359 26.12 23.50 16.15
N SER F 360 25.86 24.59 15.43
CA SER F 360 24.92 24.52 14.32
C SER F 360 25.51 23.83 13.11
N GLU F 361 26.81 23.97 12.86
CA GLU F 361 27.39 23.39 11.66
C GLU F 361 27.67 21.90 11.81
N ALA F 362 28.29 21.47 12.90
CA ALA F 362 28.49 20.03 13.07
C ALA F 362 27.18 19.32 13.37
N GLY F 363 26.26 20.00 14.04
CA GLY F 363 24.91 19.51 14.25
C GLY F 363 24.66 18.95 15.64
N VAL F 364 24.09 19.79 16.50
CA VAL F 364 23.55 19.34 17.77
C VAL F 364 22.21 19.97 18.12
N LEU F 365 21.89 21.15 17.60
CA LEU F 365 20.58 21.76 17.81
C LEU F 365 19.51 21.12 16.94
N ASP F 366 19.90 20.65 15.74
CA ASP F 366 18.96 19.90 14.91
C ASP F 366 18.59 18.57 15.57
N LYS F 367 19.57 17.90 16.20
CA LYS F 367 19.29 16.69 16.95
C LYS F 367 18.32 16.96 18.10
N LEU F 368 18.55 18.05 18.83
CA LEU F 368 17.69 18.41 19.94
C LEU F 368 16.28 18.74 19.46
N LYS F 369 16.18 19.47 18.35
CA LYS F 369 14.87 19.81 17.79
C LYS F 369 14.13 18.57 17.33
N ASN F 370 14.82 17.63 16.68
CA ASN F 370 14.18 16.41 16.22
C ASN F 370 13.77 15.53 17.40
N LYS F 371 14.56 15.53 18.47
CA LYS F 371 14.25 14.68 19.62
C LYS F 371 13.11 15.26 20.47
N TRP F 372 13.06 16.58 20.62
CA TRP F 372 12.10 17.20 21.52
C TRP F 372 10.94 17.88 20.78
N TRP F 373 10.86 17.74 19.47
CA TRP F 373 9.79 18.33 18.69
C TRP F 373 9.04 17.32 17.85
N TYR F 374 9.73 16.31 17.32
CA TYR F 374 9.12 15.25 16.53
C TYR F 374 9.08 13.92 17.27
N ASP F 375 10.21 13.49 17.85
CA ASP F 375 10.23 12.27 18.65
C ASP F 375 9.38 12.43 19.91
N LYS F 376 9.46 13.59 20.56
CA LYS F 376 8.63 13.88 21.73
C LYS F 376 7.26 14.27 21.22
N GLY F 377 6.34 13.32 21.19
CA GLY F 377 4.99 13.58 20.71
C GLY F 377 4.01 12.60 21.28
N GLU F 378 2.77 13.05 21.45
CA GLU F 378 1.73 12.21 22.02
C GLU F 378 1.22 11.17 21.02
N CYS F 379 1.31 11.46 19.73
CA CYS F 379 0.83 10.57 18.68
C CYS F 379 1.92 10.34 17.64
N GLY F 380 1.89 9.15 17.04
CA GLY F 380 2.86 8.80 16.03
C GLY F 380 2.33 8.90 14.61
N PRO F 381 1.04 9.21 14.48
CA PRO F 381 0.43 9.28 13.16
C PRO F 381 0.83 10.53 12.38
N LYS F 382 1.35 11.56 13.06
CA LYS F 382 1.76 12.76 12.34
C LYS F 382 3.06 12.55 11.59
N ASP F 383 4.02 11.83 12.20
CA ASP F 383 5.29 11.60 11.54
C ASP F 383 5.14 10.65 10.35
N SER F 384 4.40 9.56 10.53
CA SER F 384 4.16 8.58 9.48
C SER F 384 2.66 8.37 9.34
N GLY F 385 2.16 8.48 8.11
CA GLY F 385 0.74 8.31 7.89
C GLY F 385 0.28 6.88 8.09
N SER F 386 -0.97 6.74 8.50
CA SER F 386 -1.59 5.44 8.76
C SER F 386 -2.84 5.30 7.91
N LYS F 387 -3.56 4.20 8.12
CA LYS F 387 -4.79 3.91 7.40
C LYS F 387 -5.99 4.11 8.34
N ASP F 388 -7.17 3.82 7.81
CA ASP F 388 -8.40 3.95 8.57
C ASP F 388 -9.40 2.91 8.09
N LYS F 389 -10.39 2.63 8.94
CA LYS F 389 -11.42 1.67 8.58
C LYS F 389 -12.31 2.24 7.47
N THR F 390 -12.53 1.43 6.43
CA THR F 390 -13.39 1.87 5.32
C THR F 390 -14.84 2.03 5.77
N SER F 391 -15.32 1.10 6.61
CA SER F 391 -16.66 1.11 7.20
C SER F 391 -17.77 1.09 6.16
N ALA F 392 -19.02 1.16 6.62
CA ALA F 392 -20.16 1.07 5.73
C ALA F 392 -20.30 2.35 4.91
N LEU F 393 -21.01 2.22 3.78
CA LEU F 393 -21.22 3.33 2.86
C LEU F 393 -22.27 4.31 3.36
N SER F 394 -23.11 3.91 4.33
CA SER F 394 -24.23 4.69 4.86
C SER F 394 -25.19 4.98 3.71
N LEU F 395 -25.88 6.12 3.75
CA LEU F 395 -26.78 6.49 2.66
C LEU F 395 -26.42 7.86 2.11
N SER F 396 -25.73 8.69 2.90
CA SER F 396 -25.38 10.04 2.47
C SER F 396 -24.47 10.04 1.25
N ASN F 397 -23.75 8.94 1.01
CA ASN F 397 -22.95 8.80 -0.19
C ASN F 397 -23.75 8.29 -1.38
N VAL F 398 -24.99 7.85 -1.17
CA VAL F 398 -25.78 7.26 -2.25
C VAL F 398 -27.19 7.88 -2.24
N ALA F 399 -27.37 8.94 -1.46
CA ALA F 399 -28.68 9.57 -1.33
C ALA F 399 -29.13 10.28 -2.60
N GLY F 400 -28.22 10.55 -3.53
CA GLY F 400 -28.58 11.30 -4.73
C GLY F 400 -29.54 10.54 -5.63
N VAL F 401 -29.30 9.24 -5.83
CA VAL F 401 -30.12 8.47 -6.76
C VAL F 401 -31.52 8.26 -6.23
N PHE F 402 -31.68 8.20 -4.90
CA PHE F 402 -32.99 7.98 -4.30
C PHE F 402 -33.94 9.13 -4.63
N TYR F 403 -33.47 10.36 -4.44
CA TYR F 403 -34.29 11.54 -4.73
C TYR F 403 -34.62 11.62 -6.22
N ILE F 404 -33.65 11.31 -7.07
CA ILE F 404 -33.88 11.34 -8.52
C ILE F 404 -34.96 10.34 -8.92
N LEU F 405 -34.87 9.11 -8.38
CA LEU F 405 -35.86 8.09 -8.72
C LEU F 405 -37.24 8.47 -8.23
N VAL F 406 -37.35 8.95 -6.99
CA VAL F 406 -38.67 9.23 -6.44
C VAL F 406 -39.27 10.46 -7.12
N GLY F 407 -38.45 11.46 -7.46
CA GLY F 407 -38.95 12.58 -8.23
C GLY F 407 -39.36 12.20 -9.64
N GLY F 408 -38.63 11.26 -10.25
CA GLY F 408 -39.04 10.77 -11.56
C GLY F 408 -40.38 10.06 -11.51
N LEU F 409 -40.60 9.25 -10.48
CA LEU F 409 -41.90 8.59 -10.31
C LEU F 409 -43.01 9.63 -10.10
N GLY F 410 -42.74 10.64 -9.27
CA GLY F 410 -43.74 11.67 -9.04
C GLY F 410 -44.09 12.44 -10.30
N LEU F 411 -43.07 12.86 -11.05
CA LEU F 411 -43.32 13.58 -12.30
C LEU F 411 -43.99 12.68 -13.33
N ALA F 412 -43.72 11.37 -13.28
CA ALA F 412 -44.44 10.44 -14.15
C ALA F 412 -45.93 10.40 -13.81
N MET F 413 -46.27 10.41 -12.52
CA MET F 413 -47.69 10.36 -12.21
C MET F 413 -48.37 11.71 -12.49
N LEU F 414 -47.66 12.84 -12.30
CA LEU F 414 -48.22 14.12 -12.74
C LEU F 414 -48.44 14.17 -14.26
N VAL F 415 -47.48 13.68 -15.04
CA VAL F 415 -47.66 13.77 -16.50
C VAL F 415 -48.73 12.79 -16.96
N ALA F 416 -48.90 11.66 -16.25
CA ALA F 416 -50.03 10.78 -16.53
C ALA F 416 -51.36 11.47 -16.24
N LEU F 417 -51.42 12.21 -15.12
CA LEU F 417 -52.64 12.98 -14.81
C LEU F 417 -52.91 14.05 -15.87
N ILE F 418 -51.86 14.73 -16.34
CA ILE F 418 -52.02 15.72 -17.39
C ILE F 418 -52.49 15.07 -18.69
N GLU F 419 -51.96 13.89 -19.01
CA GLU F 419 -52.40 13.15 -20.19
C GLU F 419 -53.87 12.77 -20.09
N PHE F 420 -54.32 12.38 -18.90
CA PHE F 420 -55.74 12.10 -18.70
C PHE F 420 -56.57 13.38 -18.85
N CYS F 421 -56.07 14.49 -18.33
CA CYS F 421 -56.83 15.75 -18.35
C CYS F 421 -57.00 16.28 -19.75
N TYR F 422 -55.93 16.27 -20.55
CA TYR F 422 -55.99 16.85 -21.89
C TYR F 422 -56.75 15.98 -22.88
N LYS F 423 -56.70 14.66 -22.71
CA LYS F 423 -57.40 13.75 -23.61
C LYS F 423 -58.90 13.78 -23.37
#